data_5A05
#
_entry.id   5A05
#
_cell.length_a   100.295
_cell.length_b   151.321
_cell.length_c   108.693
_cell.angle_alpha   90.00
_cell.angle_beta   108.66
_cell.angle_gamma   90.00
#
_symmetry.space_group_name_H-M   'P 1 21 1'
#
loop_
_entity.id
_entity.type
_entity.pdbx_description
1 polymer 'ALDOSE-ALDOSE OXIDOREDUCTASE'
2 branched alpha-D-glucopyranose-(1-4)-alpha-D-glucopyranose-(1-4)-beta-D-glucopyranose
3 non-polymer 'NADPH DIHYDRO-NICOTINAMIDE-ADENINE-DINUCLEOTIDE PHOSPHATE'
4 non-polymer 'MALONATE ION'
5 water water
#
_entity_poly.entity_id   1
_entity_poly.type   'polypeptide(L)'
_entity_poly.pdbx_seq_one_letter_code
;AQPGRKLGYAILGLGYYATRIIMPRFAECEHSRLAALVSGTPEKLKTYGEQYGIPETHRYSYETFDRIIDNPDVDIVYVI
TPNSLHRPFTERAARAGKHVMCEKPMANTVADCEAMIAACKKAGRKLMIGYRSRFQAHNIEAIKLVRDGALGPVRTVVTD
HGFTIGDPKQWRLNRALAGGGSLMDIGIYSLNAARYLTGEEPVAVNAVESTDRSDPRFGEVEDIINFQLLFPSGATANCV
SAYSVNCNRYRVSGPKGWVEIDPATSYQGQAMRAQLGGPPAPREPAPQPKNQFSAQLDHLSECILTGREPIVGGDDGLKD
LRVIEAIYRAAREGRTVKL
;
_entity_poly.pdbx_strand_id   A,B,C,D,E,F
#
# COMPACT_ATOMS: atom_id res chain seq x y z
N ARG A 5 20.52 -16.46 -28.75
CA ARG A 5 20.25 -15.68 -29.96
C ARG A 5 19.32 -14.50 -29.70
N LYS A 6 19.77 -13.31 -30.10
CA LYS A 6 18.95 -12.10 -30.01
C LYS A 6 18.73 -11.46 -31.38
N LEU A 7 17.48 -11.13 -31.68
CA LEU A 7 17.18 -10.38 -32.89
C LEU A 7 17.29 -8.89 -32.64
N GLY A 8 17.74 -8.16 -33.66
CA GLY A 8 17.98 -6.74 -33.52
C GLY A 8 16.77 -5.91 -33.89
N TYR A 9 16.40 -5.01 -32.99
CA TYR A 9 15.32 -4.05 -33.21
C TYR A 9 15.84 -2.71 -33.69
N ALA A 10 15.16 -2.14 -34.67
CA ALA A 10 15.30 -0.72 -34.96
C ALA A 10 14.07 -0.02 -34.42
N ILE A 11 14.28 0.99 -33.58
CA ILE A 11 13.16 1.74 -33.02
C ILE A 11 12.92 2.99 -33.87
N LEU A 12 11.69 3.14 -34.37
CA LEU A 12 11.39 4.22 -35.31
C LEU A 12 10.34 5.18 -34.71
N GLY A 13 10.74 6.44 -34.55
CA GLY A 13 9.91 7.46 -33.93
C GLY A 13 10.26 7.54 -32.45
N LEU A 14 11.20 8.42 -32.13
CA LEU A 14 11.77 8.46 -30.79
C LEU A 14 11.01 9.44 -29.91
N GLY A 15 9.75 9.11 -29.65
CA GLY A 15 8.89 9.95 -28.85
C GLY A 15 8.75 9.42 -27.43
N TYR A 16 7.64 9.74 -26.78
CA TYR A 16 7.48 9.35 -25.38
C TYR A 16 7.48 7.84 -25.19
N TYR A 17 6.67 7.12 -25.95
CA TYR A 17 6.56 5.69 -25.70
C TYR A 17 7.86 4.99 -26.04
N ALA A 18 8.50 5.39 -27.14
CA ALA A 18 9.77 4.76 -27.51
C ALA A 18 10.88 4.98 -26.47
N THR A 19 11.04 6.22 -26.03
CA THR A 19 12.23 6.55 -25.24
C THR A 19 12.01 6.34 -23.75
N ARG A 20 10.80 6.62 -23.27
CA ARG A 20 10.54 6.52 -21.83
C ARG A 20 10.09 5.13 -21.41
N ILE A 21 9.42 4.40 -22.31
CA ILE A 21 8.85 3.11 -21.92
C ILE A 21 9.56 1.93 -22.58
N ILE A 22 9.64 1.92 -23.91
CA ILE A 22 10.10 0.72 -24.61
C ILE A 22 11.63 0.50 -24.58
N MET A 23 12.39 1.52 -24.95
CA MET A 23 13.82 1.33 -25.08
C MET A 23 14.52 0.89 -23.78
N PRO A 24 14.13 1.46 -22.62
CA PRO A 24 14.73 0.95 -21.38
C PRO A 24 14.49 -0.55 -21.12
N ARG A 25 13.40 -1.10 -21.66
CA ARG A 25 13.01 -2.47 -21.32
C ARG A 25 13.70 -3.53 -22.15
N PHE A 26 14.62 -3.15 -23.02
CA PHE A 26 15.46 -4.16 -23.66
C PHE A 26 16.36 -4.84 -22.63
N ALA A 27 16.49 -4.21 -21.46
CA ALA A 27 17.31 -4.76 -20.38
C ALA A 27 16.88 -6.17 -19.99
N GLU A 28 15.57 -6.37 -19.80
CA GLU A 28 15.06 -7.66 -19.36
C GLU A 28 14.74 -8.60 -20.52
N CYS A 29 14.92 -8.15 -21.76
CA CYS A 29 14.75 -9.05 -22.90
C CYS A 29 15.85 -10.11 -22.94
N GLU A 30 15.49 -11.33 -23.31
CA GLU A 30 16.47 -12.39 -23.48
C GLU A 30 16.71 -12.74 -24.96
N HIS A 31 15.82 -12.27 -25.84
CA HIS A 31 15.94 -12.64 -27.26
C HIS A 31 15.84 -11.44 -28.18
N SER A 32 15.97 -10.25 -27.61
CA SER A 32 15.87 -9.03 -28.39
C SER A 32 16.94 -8.06 -27.93
N ARG A 33 17.48 -7.27 -28.86
CA ARG A 33 18.43 -6.23 -28.51
C ARG A 33 18.17 -4.99 -29.34
N LEU A 34 18.51 -3.83 -28.79
CA LEU A 34 18.41 -2.57 -29.50
C LEU A 34 19.56 -2.43 -30.49
N ALA A 35 19.24 -2.38 -31.79
CA ALA A 35 20.25 -2.42 -32.83
C ALA A 35 20.38 -1.11 -33.61
N ALA A 36 19.28 -0.38 -33.75
CA ALA A 36 19.31 0.84 -34.56
C ALA A 36 18.23 1.84 -34.16
N LEU A 37 18.41 3.07 -34.60
CA LEU A 37 17.48 4.13 -34.29
C LEU A 37 17.05 4.83 -35.59
N VAL A 38 15.76 5.17 -35.70
CA VAL A 38 15.26 5.89 -36.85
C VAL A 38 14.44 7.07 -36.35
N SER A 39 14.78 8.27 -36.81
CA SER A 39 14.20 9.48 -36.24
C SER A 39 14.21 10.65 -37.22
N GLY A 40 13.21 11.52 -37.11
CA GLY A 40 13.18 12.74 -37.86
C GLY A 40 13.84 13.90 -37.13
N THR A 41 14.44 13.61 -35.97
CA THR A 41 15.10 14.62 -35.17
C THR A 41 16.58 14.29 -34.98
N PRO A 42 17.46 14.96 -35.73
CA PRO A 42 18.89 14.62 -35.68
C PRO A 42 19.47 14.62 -34.26
N GLU A 43 18.99 15.53 -33.41
CA GLU A 43 19.47 15.62 -32.04
C GLU A 43 19.16 14.35 -31.24
N LYS A 44 18.00 13.75 -31.52
CA LYS A 44 17.60 12.53 -30.82
C LYS A 44 18.49 11.35 -31.20
N LEU A 45 18.83 11.26 -32.48
CA LEU A 45 19.75 10.21 -32.94
C LEU A 45 21.06 10.29 -32.17
N LYS A 46 21.50 11.51 -31.91
CA LYS A 46 22.76 11.72 -31.21
C LYS A 46 22.61 11.41 -29.72
N THR A 47 21.57 11.96 -29.10
CA THR A 47 21.32 11.73 -27.68
C THR A 47 21.12 10.25 -27.36
N TYR A 48 20.25 9.58 -28.08
CA TYR A 48 19.93 8.20 -27.75
C TYR A 48 20.96 7.27 -28.32
N GLY A 49 21.60 7.66 -29.42
CA GLY A 49 22.69 6.89 -30.00
C GLY A 49 23.82 6.76 -28.99
N GLU A 50 24.18 7.87 -28.36
CA GLU A 50 25.24 7.87 -27.37
C GLU A 50 24.82 7.09 -26.13
N GLN A 51 23.60 7.34 -25.64
CA GLN A 51 23.11 6.61 -24.47
C GLN A 51 23.14 5.09 -24.64
N TYR A 52 22.68 4.58 -25.78
CA TYR A 52 22.52 3.14 -25.96
C TYR A 52 23.65 2.47 -26.75
N GLY A 53 24.70 3.24 -27.04
CA GLY A 53 25.85 2.71 -27.74
C GLY A 53 25.54 2.25 -29.15
N ILE A 54 24.68 3.02 -29.83
CA ILE A 54 24.33 2.75 -31.22
C ILE A 54 25.23 3.57 -32.14
N PRO A 55 26.04 2.89 -32.98
CA PRO A 55 26.94 3.62 -33.89
C PRO A 55 26.19 4.42 -34.97
N GLU A 56 26.83 5.45 -35.50
CA GLU A 56 26.20 6.32 -36.48
C GLU A 56 25.75 5.56 -37.72
N THR A 57 26.42 4.44 -37.99
CA THR A 57 26.07 3.60 -39.11
C THR A 57 24.69 2.99 -38.93
N HIS A 58 24.22 3.00 -37.68
CA HIS A 58 22.94 2.39 -37.32
C HIS A 58 21.92 3.43 -36.88
N ARG A 59 22.16 4.68 -37.26
CA ARG A 59 21.24 5.76 -36.99
C ARG A 59 20.69 6.27 -38.31
N TYR A 60 19.37 6.26 -38.47
CA TYR A 60 18.75 6.65 -39.73
C TYR A 60 17.78 7.81 -39.54
N SER A 61 17.67 8.66 -40.55
CA SER A 61 16.61 9.65 -40.61
C SER A 61 15.43 9.03 -41.34
N TYR A 62 14.29 9.72 -41.39
CA TYR A 62 13.17 9.19 -42.17
C TYR A 62 13.52 9.23 -43.66
N GLU A 63 14.46 10.09 -44.05
CA GLU A 63 14.88 10.12 -45.45
C GLU A 63 15.84 8.98 -45.81
N THR A 64 16.68 8.56 -44.87
CA THR A 64 17.63 7.49 -45.18
C THR A 64 17.14 6.11 -44.74
N PHE A 65 15.93 6.04 -44.16
CA PHE A 65 15.42 4.81 -43.56
C PHE A 65 15.46 3.59 -44.51
N ASP A 66 15.19 3.79 -45.80
CA ASP A 66 15.11 2.63 -46.70
C ASP A 66 16.45 1.92 -46.85
N ARG A 67 17.53 2.60 -46.50
CA ARG A 67 18.85 1.99 -46.60
C ARG A 67 19.05 0.89 -45.56
N ILE A 68 18.16 0.83 -44.58
CA ILE A 68 18.25 -0.18 -43.52
C ILE A 68 18.19 -1.60 -44.09
N ILE A 69 17.70 -1.75 -45.33
CA ILE A 69 17.71 -3.05 -46.01
C ILE A 69 19.11 -3.70 -46.03
N ASP A 70 20.15 -2.87 -46.03
CA ASP A 70 21.52 -3.36 -46.12
C ASP A 70 22.19 -3.49 -44.75
N ASN A 71 21.40 -3.34 -43.69
CA ASN A 71 21.92 -3.50 -42.33
C ASN A 71 21.50 -4.84 -41.77
N PRO A 72 22.43 -5.81 -41.73
CA PRO A 72 22.07 -7.15 -41.27
C PRO A 72 21.89 -7.26 -39.74
N ASP A 73 22.22 -6.20 -39.00
CA ASP A 73 22.04 -6.23 -37.54
C ASP A 73 20.60 -5.93 -37.16
N VAL A 74 19.81 -5.48 -38.12
CA VAL A 74 18.40 -5.15 -37.91
C VAL A 74 17.49 -6.24 -38.45
N ASP A 75 16.71 -6.86 -37.56
CA ASP A 75 15.76 -7.89 -37.96
C ASP A 75 14.32 -7.37 -37.94
N ILE A 76 14.08 -6.42 -37.04
CA ILE A 76 12.72 -5.93 -36.77
C ILE A 76 12.72 -4.41 -36.70
N VAL A 77 11.72 -3.78 -37.29
CA VAL A 77 11.47 -2.36 -37.12
C VAL A 77 10.25 -2.20 -36.23
N TYR A 78 10.38 -1.44 -35.14
CA TYR A 78 9.25 -1.16 -34.25
C TYR A 78 8.79 0.27 -34.55
N VAL A 79 7.59 0.39 -35.14
CA VAL A 79 7.03 1.67 -35.55
C VAL A 79 6.25 2.31 -34.40
N ILE A 80 6.75 3.44 -33.90
CA ILE A 80 6.13 4.09 -32.75
C ILE A 80 5.88 5.58 -33.04
N THR A 81 5.19 5.82 -34.15
CA THR A 81 4.86 7.16 -34.65
C THR A 81 3.38 7.49 -34.39
N PRO A 82 2.96 8.74 -34.68
CA PRO A 82 1.51 8.99 -34.75
C PRO A 82 0.79 7.98 -35.64
N ASN A 83 -0.47 7.71 -35.33
CA ASN A 83 -1.25 6.64 -35.96
C ASN A 83 -1.27 6.68 -37.48
N SER A 84 -1.40 7.87 -38.06
CA SER A 84 -1.51 7.99 -39.51
C SER A 84 -0.23 7.63 -40.25
N LEU A 85 0.88 7.49 -39.51
CA LEU A 85 2.16 7.21 -40.13
C LEU A 85 2.54 5.74 -40.00
N HIS A 86 1.70 4.99 -39.29
CA HIS A 86 1.96 3.56 -39.12
C HIS A 86 2.01 2.83 -40.46
N ARG A 87 1.04 3.09 -41.33
CA ARG A 87 1.02 2.39 -42.60
C ARG A 87 2.29 2.65 -43.44
N PRO A 88 2.63 3.92 -43.72
CA PRO A 88 3.77 4.05 -44.64
C PRO A 88 5.10 3.54 -44.05
N PHE A 89 5.36 3.72 -42.76
CA PHE A 89 6.61 3.19 -42.22
C PHE A 89 6.63 1.65 -42.17
N THR A 90 5.48 1.04 -41.89
CA THR A 90 5.36 -0.43 -41.92
C THR A 90 5.62 -1.01 -43.31
N GLU A 91 5.03 -0.38 -44.33
CA GLU A 91 5.26 -0.81 -45.71
C GLU A 91 6.72 -0.62 -46.12
N ARG A 92 7.33 0.50 -45.74
CA ARG A 92 8.74 0.73 -46.04
C ARG A 92 9.64 -0.27 -45.32
N ALA A 93 9.32 -0.60 -44.07
CA ALA A 93 10.08 -1.57 -43.32
C ALA A 93 10.01 -2.94 -43.99
N ALA A 94 8.80 -3.30 -44.44
CA ALA A 94 8.58 -4.59 -45.09
C ALA A 94 9.38 -4.67 -46.39
N ARG A 95 9.32 -3.61 -47.19
CA ARG A 95 10.10 -3.57 -48.42
C ARG A 95 11.61 -3.58 -48.15
N ALA A 96 12.02 -3.15 -46.97
CA ALA A 96 13.42 -3.22 -46.59
C ALA A 96 13.75 -4.61 -46.04
N GLY A 97 12.81 -5.53 -46.16
CA GLY A 97 13.01 -6.90 -45.72
C GLY A 97 13.02 -7.11 -44.22
N LYS A 98 12.35 -6.23 -43.47
CA LYS A 98 12.32 -6.34 -42.01
C LYS A 98 10.95 -6.80 -41.51
N HIS A 99 10.95 -7.62 -40.46
CA HIS A 99 9.76 -7.92 -39.69
C HIS A 99 9.31 -6.64 -39.03
N VAL A 100 8.03 -6.56 -38.65
CA VAL A 100 7.52 -5.31 -38.10
C VAL A 100 6.72 -5.51 -36.82
N MET A 101 7.07 -4.72 -35.81
CA MET A 101 6.23 -4.48 -34.65
C MET A 101 5.60 -3.09 -34.87
N CYS A 102 4.27 -3.02 -34.88
CA CYS A 102 3.59 -1.73 -35.07
C CYS A 102 2.72 -1.40 -33.87
N GLU A 103 2.85 -0.19 -33.34
CA GLU A 103 2.02 0.21 -32.20
C GLU A 103 0.54 0.26 -32.54
N LYS A 104 -0.31 0.21 -31.50
CA LYS A 104 -1.74 0.41 -31.68
C LYS A 104 -2.08 1.92 -31.76
N PRO A 105 -3.23 2.29 -32.33
CA PRO A 105 -4.09 1.45 -33.18
C PRO A 105 -3.30 1.16 -34.45
N MET A 106 -3.59 0.05 -35.12
CA MET A 106 -2.79 -0.39 -36.26
C MET A 106 -2.66 0.69 -37.33
N ALA A 107 -3.80 1.24 -37.74
CA ALA A 107 -3.84 2.30 -38.72
C ALA A 107 -5.19 3.01 -38.64
N ASN A 108 -5.42 3.96 -39.55
CA ASN A 108 -6.65 4.75 -39.54
C ASN A 108 -7.90 3.96 -39.94
N THR A 109 -7.73 3.02 -40.86
CA THR A 109 -8.88 2.35 -41.48
C THR A 109 -8.62 0.88 -41.70
N VAL A 110 -9.69 0.12 -41.89
CA VAL A 110 -9.58 -1.27 -42.31
C VAL A 110 -8.71 -1.43 -43.56
N ALA A 111 -8.92 -0.57 -44.55
CA ALA A 111 -8.17 -0.71 -45.82
C ALA A 111 -6.66 -0.50 -45.60
N ASP A 112 -6.30 0.46 -44.75
CA ASP A 112 -4.91 0.68 -44.42
C ASP A 112 -4.30 -0.55 -43.74
N CYS A 113 -5.05 -1.18 -42.84
CA CYS A 113 -4.58 -2.42 -42.19
C CYS A 113 -4.37 -3.53 -43.22
N GLU A 114 -5.31 -3.68 -44.14
CA GLU A 114 -5.19 -4.67 -45.20
C GLU A 114 -3.94 -4.44 -46.04
N ALA A 115 -3.63 -3.17 -46.31
CA ALA A 115 -2.45 -2.83 -47.11
C ALA A 115 -1.18 -3.21 -46.38
N MET A 116 -1.14 -2.94 -45.07
CA MET A 116 0.01 -3.29 -44.25
C MET A 116 0.21 -4.80 -44.19
N ILE A 117 -0.88 -5.52 -44.00
CA ILE A 117 -0.84 -6.99 -43.95
C ILE A 117 -0.33 -7.56 -45.27
N ALA A 118 -0.79 -7.00 -46.38
CA ALA A 118 -0.35 -7.49 -47.70
C ALA A 118 1.12 -7.21 -47.94
N ALA A 119 1.61 -6.05 -47.48
CA ALA A 119 3.01 -5.70 -47.69
C ALA A 119 3.93 -6.66 -46.93
N CYS A 120 3.55 -7.01 -45.70
CA CYS A 120 4.42 -7.89 -44.93
C CYS A 120 4.33 -9.30 -45.49
N LYS A 121 3.14 -9.69 -45.91
CA LYS A 121 2.96 -11.01 -46.51
C LYS A 121 3.82 -11.12 -47.76
N LYS A 122 3.81 -10.08 -48.58
CA LYS A 122 4.57 -10.08 -49.83
C LYS A 122 6.06 -10.17 -49.56
N ALA A 123 6.50 -9.53 -48.48
CA ALA A 123 7.91 -9.54 -48.09
C ALA A 123 8.32 -10.83 -47.40
N GLY A 124 7.34 -11.66 -47.03
CA GLY A 124 7.64 -12.87 -46.29
C GLY A 124 8.13 -12.53 -44.89
N ARG A 125 7.59 -11.45 -44.33
CA ARG A 125 7.99 -11.02 -42.99
C ARG A 125 6.81 -10.97 -42.01
N LYS A 126 7.11 -11.15 -40.73
CA LYS A 126 6.05 -11.19 -39.74
C LYS A 126 5.64 -9.78 -39.32
N LEU A 127 4.40 -9.67 -38.88
CA LEU A 127 3.82 -8.39 -38.49
C LEU A 127 3.11 -8.56 -37.15
N MET A 128 3.48 -7.77 -36.16
CA MET A 128 2.82 -7.88 -34.86
C MET A 128 2.39 -6.52 -34.37
N ILE A 129 1.22 -6.45 -33.72
CA ILE A 129 0.73 -5.19 -33.18
C ILE A 129 1.02 -5.12 -31.68
N GLY A 130 1.35 -3.94 -31.19
CA GLY A 130 1.80 -3.81 -29.81
C GLY A 130 0.72 -3.86 -28.74
N TYR A 131 0.01 -4.98 -28.65
CA TYR A 131 -0.97 -5.17 -27.59
C TYR A 131 -0.31 -5.82 -26.37
N ARG A 132 0.47 -5.02 -25.65
CA ARG A 132 1.27 -5.52 -24.51
C ARG A 132 0.46 -6.20 -23.43
N SER A 133 -0.81 -5.83 -23.29
CA SER A 133 -1.64 -6.39 -22.22
C SER A 133 -1.78 -7.91 -22.32
N ARG A 134 -1.63 -8.46 -23.52
CA ARG A 134 -1.68 -9.92 -23.67
C ARG A 134 -0.47 -10.63 -23.00
N PHE A 135 0.51 -9.86 -22.52
CA PHE A 135 1.70 -10.43 -21.89
C PHE A 135 1.78 -10.06 -20.42
N GLN A 136 0.74 -9.39 -19.95
CA GLN A 136 0.72 -8.82 -18.62
C GLN A 136 0.03 -9.80 -17.66
N ALA A 137 0.62 -10.00 -16.47
CA ALA A 137 0.24 -11.09 -15.57
C ALA A 137 -1.23 -11.13 -15.19
N HIS A 138 -1.79 -9.98 -14.79
CA HIS A 138 -3.20 -9.92 -14.39
C HIS A 138 -4.13 -10.22 -15.55
N ASN A 139 -3.83 -9.67 -16.72
CA ASN A 139 -4.65 -9.92 -17.90
C ASN A 139 -4.66 -11.38 -18.30
N ILE A 140 -3.49 -11.99 -18.26
CA ILE A 140 -3.35 -13.41 -18.59
C ILE A 140 -4.17 -14.23 -17.59
N GLU A 141 -4.07 -13.85 -16.32
CA GLU A 141 -4.84 -14.53 -15.27
C GLU A 141 -6.35 -14.45 -15.51
N ALA A 142 -6.85 -13.27 -15.91
CA ALA A 142 -8.29 -13.12 -16.19
C ALA A 142 -8.70 -13.96 -17.41
N ILE A 143 -7.90 -13.91 -18.48
CA ILE A 143 -8.18 -14.71 -19.67
C ILE A 143 -8.22 -16.21 -19.34
N LYS A 144 -7.25 -16.68 -18.58
CA LYS A 144 -7.17 -18.09 -18.20
C LYS A 144 -8.35 -18.51 -17.32
N LEU A 145 -8.75 -17.64 -16.41
CA LEU A 145 -9.94 -17.91 -15.58
C LEU A 145 -11.16 -18.12 -16.47
N VAL A 146 -11.37 -17.22 -17.43
CA VAL A 146 -12.47 -17.37 -18.37
C VAL A 146 -12.34 -18.69 -19.12
N ARG A 147 -11.19 -18.92 -19.73
CA ARG A 147 -10.98 -20.12 -20.55
C ARG A 147 -11.11 -21.40 -19.73
N ASP A 148 -10.71 -21.36 -18.47
CA ASP A 148 -10.78 -22.55 -17.64
C ASP A 148 -12.21 -22.82 -17.19
N GLY A 149 -13.11 -21.87 -17.43
CA GLY A 149 -14.51 -22.05 -17.07
C GLY A 149 -14.87 -21.61 -15.67
N ALA A 150 -14.02 -20.84 -15.02
CA ALA A 150 -14.27 -20.43 -13.64
C ALA A 150 -15.52 -19.57 -13.49
N LEU A 151 -15.88 -18.88 -14.57
CA LEU A 151 -17.01 -17.94 -14.55
C LEU A 151 -18.26 -18.56 -15.12
N GLY A 152 -18.11 -19.70 -15.80
CA GLY A 152 -19.17 -20.20 -16.67
C GLY A 152 -19.08 -19.42 -17.97
N PRO A 153 -20.10 -19.56 -18.83
CA PRO A 153 -20.10 -18.78 -20.08
C PRO A 153 -20.04 -17.28 -19.80
N VAL A 154 -19.25 -16.54 -20.58
CA VAL A 154 -19.18 -15.10 -20.36
C VAL A 154 -20.51 -14.47 -20.73
N ARG A 155 -21.05 -13.65 -19.83
CA ARG A 155 -22.32 -12.98 -20.06
C ARG A 155 -22.13 -11.48 -20.27
N THR A 156 -21.30 -10.85 -19.45
CA THR A 156 -21.02 -9.42 -19.61
C THR A 156 -19.56 -9.10 -19.45
N VAL A 157 -19.13 -8.09 -20.20
CA VAL A 157 -17.84 -7.44 -20.00
C VAL A 157 -18.14 -5.96 -19.87
N VAL A 158 -17.70 -5.34 -18.78
CA VAL A 158 -17.88 -3.92 -18.59
C VAL A 158 -16.49 -3.33 -18.48
N THR A 159 -16.13 -2.46 -19.42
CA THR A 159 -14.75 -1.99 -19.43
C THR A 159 -14.68 -0.52 -19.81
N ASP A 160 -13.89 0.25 -19.06
CA ASP A 160 -13.77 1.68 -19.28
C ASP A 160 -12.32 2.09 -19.41
N HIS A 161 -11.99 2.80 -20.48
CA HIS A 161 -10.66 3.39 -20.64
C HIS A 161 -10.78 4.86 -21.05
N GLY A 162 -10.05 5.70 -20.36
CA GLY A 162 -10.02 7.11 -20.67
C GLY A 162 -8.94 7.81 -19.86
N PHE A 163 -8.52 8.97 -20.33
CA PHE A 163 -7.72 9.84 -19.48
C PHE A 163 -8.07 11.29 -19.83
N THR A 164 -7.81 12.19 -18.90
CA THR A 164 -8.09 13.60 -19.11
C THR A 164 -6.99 14.20 -19.99
N ILE A 165 -7.21 14.25 -21.29
CA ILE A 165 -6.15 14.67 -22.21
C ILE A 165 -5.89 16.18 -22.04
N GLY A 166 -4.65 16.61 -22.24
CA GLY A 166 -4.28 17.99 -21.95
C GLY A 166 -4.14 18.90 -23.15
N ASP A 167 -2.89 19.09 -23.58
CA ASP A 167 -2.52 20.07 -24.60
C ASP A 167 -3.28 19.91 -25.91
N PRO A 168 -4.11 20.91 -26.27
CA PRO A 168 -4.91 20.86 -27.49
C PRO A 168 -4.10 20.73 -28.77
N LYS A 169 -2.82 21.07 -28.73
CA LYS A 169 -2.00 21.08 -29.95
C LYS A 169 -1.30 19.74 -30.25
N GLN A 170 -1.46 18.76 -29.36
CA GLN A 170 -0.77 17.49 -29.56
C GLN A 170 -1.39 16.67 -30.70
N TRP A 171 -0.60 15.77 -31.30
CA TRP A 171 -1.09 15.06 -32.49
C TRP A 171 -2.34 14.20 -32.21
N ARG A 172 -2.52 13.72 -30.97
CA ARG A 172 -3.70 12.90 -30.69
C ARG A 172 -5.02 13.66 -30.90
N LEU A 173 -4.98 15.00 -30.92
CA LEU A 173 -6.22 15.78 -31.09
C LEU A 173 -6.31 16.39 -32.50
N ASN A 174 -5.44 15.91 -33.38
CA ASN A 174 -5.36 16.35 -34.77
C ASN A 174 -5.79 15.18 -35.67
N ARG A 175 -6.92 15.32 -36.37
CA ARG A 175 -7.47 14.16 -37.11
C ARG A 175 -6.50 13.61 -38.16
N ALA A 176 -5.73 14.49 -38.80
CA ALA A 176 -4.87 14.03 -39.87
C ALA A 176 -3.78 13.08 -39.35
N LEU A 177 -3.31 13.30 -38.12
CA LEU A 177 -2.26 12.46 -37.56
C LEU A 177 -2.80 11.32 -36.68
N ALA A 178 -3.97 11.50 -36.10
CA ALA A 178 -4.50 10.53 -35.10
C ALA A 178 -5.51 9.57 -35.71
N GLY A 179 -6.23 10.03 -36.72
CA GLY A 179 -7.23 9.21 -37.39
C GLY A 179 -8.56 9.16 -36.67
N GLY A 180 -8.63 9.75 -35.48
CA GLY A 180 -9.84 9.77 -34.68
C GLY A 180 -9.49 10.14 -33.25
N GLY A 181 -10.49 10.19 -32.37
CA GLY A 181 -10.28 10.66 -31.00
C GLY A 181 -10.00 9.58 -29.99
N SER A 182 -10.71 9.64 -28.85
CA SER A 182 -10.40 8.74 -27.74
C SER A 182 -10.44 7.27 -28.17
N LEU A 183 -11.34 6.93 -29.10
CA LEU A 183 -11.51 5.53 -29.45
C LEU A 183 -10.24 4.97 -30.10
N MET A 184 -9.58 5.76 -30.94
CA MET A 184 -8.36 5.30 -31.60
C MET A 184 -7.23 5.10 -30.56
N ASP A 185 -7.18 5.96 -29.56
CA ASP A 185 -6.04 5.98 -28.66
C ASP A 185 -6.15 5.11 -27.42
N ILE A 186 -7.29 5.19 -26.75
CA ILE A 186 -7.42 4.58 -25.42
C ILE A 186 -8.67 3.69 -25.36
N GLY A 187 -9.73 4.08 -26.06
CA GLY A 187 -10.92 3.24 -26.14
C GLY A 187 -10.65 1.89 -26.78
N ILE A 188 -9.63 1.85 -27.62
CA ILE A 188 -9.28 0.60 -28.28
C ILE A 188 -8.92 -0.49 -27.25
N TYR A 189 -8.42 -0.09 -26.07
CA TYR A 189 -8.16 -1.09 -25.01
C TYR A 189 -9.43 -1.75 -24.50
N SER A 190 -10.50 -0.97 -24.39
CA SER A 190 -11.81 -1.53 -24.02
C SER A 190 -12.25 -2.57 -25.03
N LEU A 191 -12.15 -2.20 -26.32
CA LEU A 191 -12.53 -3.08 -27.42
C LEU A 191 -11.66 -4.34 -27.45
N ASN A 192 -10.36 -4.16 -27.36
CA ASN A 192 -9.43 -5.28 -27.45
C ASN A 192 -9.66 -6.26 -26.30
N ALA A 193 -9.90 -5.73 -25.10
CA ALA A 193 -10.17 -6.58 -23.93
C ALA A 193 -11.49 -7.35 -24.09
N ALA A 194 -12.51 -6.68 -24.62
CA ALA A 194 -13.80 -7.34 -24.84
C ALA A 194 -13.59 -8.57 -25.73
N ARG A 195 -12.77 -8.38 -26.75
CA ARG A 195 -12.47 -9.45 -27.69
C ARG A 195 -11.62 -10.56 -27.04
N TYR A 196 -10.55 -10.22 -26.31
CA TYR A 196 -9.72 -11.31 -25.78
C TYR A 196 -10.32 -11.96 -24.53
N LEU A 197 -11.20 -11.25 -23.83
CA LEU A 197 -11.86 -11.88 -22.69
C LEU A 197 -12.95 -12.86 -23.13
N THR A 198 -13.77 -12.50 -24.12
CA THR A 198 -14.77 -13.43 -24.65
C THR A 198 -14.14 -14.50 -25.53
N GLY A 199 -13.04 -14.14 -26.19
CA GLY A 199 -12.47 -14.98 -27.23
C GLY A 199 -13.32 -14.99 -28.49
N GLU A 200 -14.13 -13.95 -28.67
CA GLU A 200 -15.06 -13.88 -29.80
C GLU A 200 -14.94 -12.57 -30.57
N GLU A 201 -15.58 -12.50 -31.74
CA GLU A 201 -15.70 -11.24 -32.48
C GLU A 201 -17.16 -10.76 -32.47
N PRO A 202 -17.39 -9.45 -32.27
CA PRO A 202 -18.77 -8.97 -32.12
C PRO A 202 -19.57 -9.08 -33.41
N VAL A 203 -20.88 -9.23 -33.28
CA VAL A 203 -21.74 -9.29 -34.46
C VAL A 203 -22.71 -8.12 -34.53
N ALA A 204 -22.72 -7.31 -33.48
CA ALA A 204 -23.57 -6.13 -33.46
C ALA A 204 -22.98 -5.06 -32.55
N VAL A 205 -23.17 -3.80 -32.94
CA VAL A 205 -22.55 -2.67 -32.26
C VAL A 205 -23.52 -1.50 -32.12
N ASN A 206 -23.58 -0.96 -30.90
CA ASN A 206 -24.27 0.30 -30.61
C ASN A 206 -23.24 1.33 -30.16
N ALA A 207 -23.49 2.62 -30.37
CA ALA A 207 -22.58 3.61 -29.79
C ALA A 207 -23.27 4.96 -29.56
N VAL A 208 -22.75 5.69 -28.58
CA VAL A 208 -23.19 7.04 -28.24
C VAL A 208 -21.95 7.91 -28.18
N GLU A 209 -21.94 9.02 -28.91
CA GLU A 209 -20.79 9.90 -28.90
C GLU A 209 -21.17 11.21 -28.20
N SER A 210 -20.26 11.75 -27.38
CA SER A 210 -20.56 13.00 -26.70
C SER A 210 -19.31 13.85 -26.56
N THR A 211 -19.31 14.98 -27.25
CA THR A 211 -18.14 15.83 -27.32
C THR A 211 -18.56 17.29 -27.28
N ASP A 212 -17.99 18.04 -26.34
CA ASP A 212 -18.19 19.48 -26.30
C ASP A 212 -17.28 20.18 -27.32
N ARG A 213 -17.86 20.64 -28.42
CA ARG A 213 -17.05 21.22 -29.50
C ARG A 213 -16.57 22.62 -29.18
N SER A 214 -17.02 23.19 -28.07
CA SER A 214 -16.51 24.49 -27.65
C SER A 214 -15.21 24.32 -26.86
N ASP A 215 -14.90 23.09 -26.45
CA ASP A 215 -13.64 22.80 -25.77
C ASP A 215 -12.50 22.89 -26.77
N PRO A 216 -11.42 23.65 -26.47
CA PRO A 216 -10.32 23.77 -27.44
C PRO A 216 -9.63 22.45 -27.80
N ARG A 217 -9.80 21.41 -27.00
CA ARG A 217 -9.22 20.11 -27.31
C ARG A 217 -9.95 19.37 -28.42
N PHE A 218 -11.23 19.67 -28.60
CA PHE A 218 -12.08 18.76 -29.37
C PHE A 218 -12.70 19.36 -30.61
N GLY A 219 -11.95 20.22 -31.31
CA GLY A 219 -12.44 20.73 -32.57
C GLY A 219 -12.44 19.71 -33.70
N GLU A 220 -11.57 18.70 -33.61
CA GLU A 220 -11.39 17.76 -34.71
C GLU A 220 -11.75 16.31 -34.41
N VAL A 221 -11.56 15.88 -33.17
CA VAL A 221 -11.80 14.47 -32.83
C VAL A 221 -12.73 14.32 -31.62
N GLU A 222 -13.23 13.12 -31.39
CA GLU A 222 -14.25 12.92 -30.37
C GLU A 222 -13.66 12.78 -28.96
N ASP A 223 -14.45 13.19 -27.97
CA ASP A 223 -14.07 13.06 -26.57
C ASP A 223 -14.59 11.71 -26.08
N ILE A 224 -15.89 11.61 -25.87
CA ILE A 224 -16.49 10.37 -25.38
C ILE A 224 -17.17 9.62 -26.52
N ILE A 225 -16.89 8.33 -26.64
CA ILE A 225 -17.73 7.49 -27.47
C ILE A 225 -17.82 6.15 -26.79
N ASN A 226 -18.99 5.88 -26.22
CA ASN A 226 -19.23 4.65 -25.48
C ASN A 226 -19.92 3.68 -26.41
N PHE A 227 -19.66 2.39 -26.25
CA PHE A 227 -20.25 1.45 -27.19
C PHE A 227 -20.67 0.14 -26.53
N GLN A 228 -21.61 -0.54 -27.18
CA GLN A 228 -22.06 -1.86 -26.77
C GLN A 228 -21.73 -2.87 -27.86
N LEU A 229 -21.38 -4.08 -27.44
CA LEU A 229 -21.04 -5.15 -28.37
C LEU A 229 -21.90 -6.35 -28.02
N LEU A 230 -22.41 -7.01 -29.05
CA LEU A 230 -23.04 -8.31 -28.87
C LEU A 230 -22.20 -9.35 -29.58
N PHE A 231 -21.98 -10.49 -28.93
CA PHE A 231 -21.17 -11.58 -29.51
C PHE A 231 -22.06 -12.78 -29.83
N PRO A 232 -21.59 -13.67 -30.73
CA PRO A 232 -22.41 -14.83 -31.17
C PRO A 232 -22.86 -15.77 -30.04
N SER A 233 -22.05 -15.92 -29.00
CA SER A 233 -22.41 -16.74 -27.84
C SER A 233 -23.55 -16.15 -27.03
N GLY A 234 -23.84 -14.87 -27.24
CA GLY A 234 -24.78 -14.15 -26.39
C GLY A 234 -24.10 -13.21 -25.39
N ALA A 235 -22.79 -13.33 -25.24
CA ALA A 235 -22.03 -12.43 -24.38
C ALA A 235 -22.23 -10.99 -24.85
N THR A 236 -22.19 -10.07 -23.89
CA THR A 236 -22.34 -8.64 -24.20
C THR A 236 -21.19 -7.82 -23.61
N ALA A 237 -20.95 -6.63 -24.16
CA ALA A 237 -19.98 -5.72 -23.56
C ALA A 237 -20.51 -4.29 -23.54
N ASN A 238 -20.31 -3.61 -22.42
CA ASN A 238 -20.55 -2.16 -22.29
C ASN A 238 -19.19 -1.51 -22.15
N CYS A 239 -18.85 -0.60 -23.05
CA CYS A 239 -17.50 -0.04 -23.07
C CYS A 239 -17.51 1.48 -23.04
N VAL A 240 -16.63 2.07 -22.23
CA VAL A 240 -16.38 3.52 -22.25
C VAL A 240 -15.04 3.83 -22.93
N SER A 241 -15.05 4.87 -23.76
CA SER A 241 -13.81 5.46 -24.30
C SER A 241 -13.92 6.96 -24.05
N ALA A 242 -12.92 7.57 -23.43
CA ALA A 242 -13.05 8.98 -23.08
C ALA A 242 -11.75 9.74 -23.02
N TYR A 243 -11.82 11.02 -23.36
CA TYR A 243 -10.69 11.93 -23.24
C TYR A 243 -10.92 12.98 -22.15
N SER A 244 -12.01 12.83 -21.39
CA SER A 244 -12.33 13.83 -20.36
C SER A 244 -12.58 13.24 -18.97
N VAL A 245 -12.32 11.94 -18.79
CA VAL A 245 -12.34 11.32 -17.46
C VAL A 245 -11.19 10.34 -17.36
N ASN A 246 -10.83 9.94 -16.14
CA ASN A 246 -9.80 8.94 -15.97
C ASN A 246 -10.43 7.60 -15.59
N CYS A 247 -10.16 6.57 -16.38
CA CYS A 247 -10.57 5.22 -16.03
C CYS A 247 -9.70 4.22 -16.75
N ASN A 248 -9.52 3.06 -16.15
CA ASN A 248 -8.77 2.02 -16.80
C ASN A 248 -9.08 0.70 -16.10
N ARG A 249 -10.05 -0.05 -16.64
CA ARG A 249 -10.55 -1.20 -15.91
C ARG A 249 -11.42 -2.10 -16.75
N TYR A 250 -11.55 -3.34 -16.31
CA TYR A 250 -12.63 -4.16 -16.82
C TYR A 250 -13.10 -5.20 -15.81
N ARG A 251 -14.36 -5.61 -15.95
CA ARG A 251 -14.88 -6.74 -15.20
C ARG A 251 -15.54 -7.66 -16.19
N VAL A 252 -15.19 -8.94 -16.17
CA VAL A 252 -15.88 -9.92 -16.98
C VAL A 252 -16.67 -10.85 -16.03
N SER A 253 -17.94 -11.09 -16.35
CA SER A 253 -18.84 -11.80 -15.43
C SER A 253 -19.58 -12.95 -16.14
N GLY A 254 -19.77 -14.05 -15.42
CA GLY A 254 -20.62 -15.15 -15.87
C GLY A 254 -21.46 -15.63 -14.69
N PRO A 255 -22.29 -16.66 -14.91
CA PRO A 255 -23.19 -17.20 -13.88
C PRO A 255 -22.44 -17.70 -12.64
N LYS A 256 -21.19 -18.10 -12.78
CA LYS A 256 -20.44 -18.64 -11.62
C LYS A 256 -19.66 -17.57 -10.86
N GLY A 257 -19.54 -16.38 -11.43
CA GLY A 257 -18.81 -15.33 -10.74
C GLY A 257 -18.12 -14.36 -11.70
N TRP A 258 -17.22 -13.54 -11.17
CA TRP A 258 -16.59 -12.54 -12.02
C TRP A 258 -15.18 -12.21 -11.57
N VAL A 259 -14.43 -11.56 -12.46
CA VAL A 259 -13.09 -11.12 -12.16
C VAL A 259 -12.89 -9.75 -12.79
N GLU A 260 -12.26 -8.84 -12.05
CA GLU A 260 -11.99 -7.50 -12.55
C GLU A 260 -10.54 -7.10 -12.30
N ILE A 261 -10.06 -6.17 -13.09
CA ILE A 261 -8.75 -5.57 -12.92
C ILE A 261 -8.91 -4.06 -12.99
N ASP A 262 -8.32 -3.34 -12.05
CA ASP A 262 -8.43 -1.89 -12.01
C ASP A 262 -7.25 -1.35 -11.18
N PRO A 263 -6.26 -0.71 -11.84
CA PRO A 263 -6.14 -0.45 -13.28
C PRO A 263 -5.86 -1.75 -14.05
N ALA A 264 -6.35 -1.84 -15.28
CA ALA A 264 -6.30 -3.09 -16.04
C ALA A 264 -5.14 -3.12 -17.02
N THR A 265 -4.96 -2.04 -17.77
CA THR A 265 -4.02 -2.08 -18.88
C THR A 265 -2.97 -0.99 -18.76
N SER A 266 -2.74 -0.54 -17.54
CA SER A 266 -1.74 0.49 -17.28
C SER A 266 -0.32 -0.08 -17.42
N TYR A 267 0.68 0.79 -17.45
CA TYR A 267 2.08 0.33 -17.55
C TYR A 267 2.48 -0.49 -16.33
N GLN A 268 1.93 -0.14 -15.18
CA GLN A 268 2.15 -0.89 -13.96
C GLN A 268 1.00 -0.62 -13.00
N GLY A 269 1.00 -1.32 -11.86
CA GLY A 269 0.04 -1.04 -10.82
C GLY A 269 -1.25 -1.83 -10.85
N GLN A 270 -1.36 -2.79 -11.77
CA GLN A 270 -2.56 -3.63 -11.85
C GLN A 270 -2.98 -4.22 -10.49
N ALA A 271 -4.29 -4.26 -10.26
CA ALA A 271 -4.84 -4.91 -9.07
C ALA A 271 -6.07 -5.66 -9.51
N MET A 272 -6.20 -6.91 -9.07
CA MET A 272 -7.29 -7.79 -9.49
C MET A 272 -8.15 -8.18 -8.30
N ARG A 273 -9.45 -8.27 -8.53
CA ARG A 273 -10.43 -8.63 -7.51
C ARG A 273 -11.38 -9.63 -8.16
N ALA A 274 -11.75 -10.69 -7.45
CA ALA A 274 -12.62 -11.70 -8.05
C ALA A 274 -13.70 -12.13 -7.08
N GLN A 275 -14.86 -12.48 -7.64
CA GLN A 275 -15.95 -12.99 -6.86
C GLN A 275 -16.22 -14.38 -7.42
N LEU A 276 -15.66 -15.39 -6.77
CA LEU A 276 -15.76 -16.77 -7.21
C LEU A 276 -16.13 -17.62 -6.00
N GLY A 277 -17.35 -18.13 -5.98
CA GLY A 277 -17.79 -18.97 -4.87
C GLY A 277 -18.18 -18.18 -3.63
N GLY A 278 -17.30 -17.31 -3.15
CA GLY A 278 -17.60 -16.49 -2.00
C GLY A 278 -17.60 -15.02 -2.36
N PRO A 279 -17.62 -14.15 -1.33
CA PRO A 279 -17.60 -12.70 -1.51
C PRO A 279 -16.39 -12.22 -2.32
N PRO A 280 -16.47 -11.02 -2.92
CA PRO A 280 -15.35 -10.52 -3.73
C PRO A 280 -14.09 -10.33 -2.87
N ALA A 281 -12.94 -10.73 -3.40
CA ALA A 281 -11.67 -10.62 -2.68
C ALA A 281 -10.52 -10.40 -3.66
N PRO A 282 -9.45 -9.73 -3.20
CA PRO A 282 -8.28 -9.54 -4.07
C PRO A 282 -7.73 -10.88 -4.50
N ARG A 283 -7.17 -10.94 -5.70
CA ARG A 283 -6.53 -12.15 -6.17
C ARG A 283 -5.15 -11.77 -6.72
N GLU A 284 -4.13 -12.51 -6.32
CA GLU A 284 -2.80 -12.34 -6.90
C GLU A 284 -2.62 -13.27 -8.08
N PRO A 285 -2.16 -12.75 -9.22
CA PRO A 285 -1.98 -13.58 -10.40
C PRO A 285 -0.67 -14.36 -10.39
N ALA A 286 -0.56 -15.40 -11.22
CA ALA A 286 0.73 -16.00 -11.47
C ALA A 286 1.68 -14.95 -12.03
N PRO A 287 2.84 -14.75 -11.39
CA PRO A 287 3.78 -13.75 -11.90
C PRO A 287 4.36 -14.18 -13.23
N GLN A 288 4.68 -13.22 -14.09
CA GLN A 288 5.33 -13.50 -15.35
C GLN A 288 6.82 -13.34 -15.16
N PRO A 289 7.63 -14.14 -15.88
CA PRO A 289 9.10 -14.03 -15.83
C PRO A 289 9.62 -12.63 -16.22
N LYS A 290 8.98 -12.00 -17.20
CA LYS A 290 9.38 -10.67 -17.65
C LYS A 290 8.21 -9.72 -17.61
N ASN A 291 8.48 -8.43 -17.39
CA ASN A 291 7.49 -7.37 -17.51
C ASN A 291 6.82 -7.36 -18.91
N GLN A 292 5.66 -6.72 -19.03
CA GLN A 292 4.85 -6.88 -20.25
C GLN A 292 5.56 -6.34 -21.50
N PHE A 293 6.43 -5.33 -21.32
CA PHE A 293 7.12 -4.72 -22.47
C PHE A 293 8.20 -5.62 -23.03
N SER A 294 9.09 -6.10 -22.16
CA SER A 294 10.11 -7.05 -22.58
C SER A 294 9.48 -8.33 -23.12
N ALA A 295 8.40 -8.77 -22.49
CA ALA A 295 7.71 -9.98 -22.95
C ALA A 295 7.15 -9.79 -24.36
N GLN A 296 6.57 -8.62 -24.60
CA GLN A 296 6.06 -8.28 -25.93
C GLN A 296 7.18 -8.30 -26.96
N LEU A 297 8.29 -7.64 -26.65
CA LEU A 297 9.44 -7.59 -27.55
C LEU A 297 9.98 -8.98 -27.84
N ASP A 298 10.15 -9.78 -26.80
CA ASP A 298 10.69 -11.12 -26.95
C ASP A 298 9.73 -12.04 -27.68
N HIS A 299 8.43 -11.78 -27.53
CA HIS A 299 7.46 -12.66 -28.19
C HIS A 299 7.66 -12.65 -29.70
N LEU A 300 7.83 -11.46 -30.28
CA LEU A 300 8.01 -11.37 -31.72
C LEU A 300 9.32 -12.06 -32.12
N SER A 301 10.39 -11.76 -31.38
CA SER A 301 11.69 -12.38 -31.66
C SER A 301 11.62 -13.90 -31.61
N GLU A 302 10.95 -14.43 -30.58
CA GLU A 302 10.77 -15.87 -30.40
C GLU A 302 9.93 -16.48 -31.52
N CYS A 303 8.88 -15.77 -31.94
CA CYS A 303 8.09 -16.22 -33.09
C CYS A 303 8.95 -16.34 -34.36
N ILE A 304 9.76 -15.33 -34.62
CA ILE A 304 10.64 -15.35 -35.78
C ILE A 304 11.66 -16.49 -35.67
N LEU A 305 12.24 -16.66 -34.49
CA LEU A 305 13.27 -17.67 -34.29
C LEU A 305 12.72 -19.08 -34.45
N THR A 306 11.47 -19.31 -34.05
CA THR A 306 10.91 -20.67 -34.07
C THR A 306 9.86 -20.87 -35.17
N GLY A 307 9.60 -19.84 -35.94
CA GLY A 307 8.64 -19.93 -37.03
C GLY A 307 7.19 -20.07 -36.59
N ARG A 308 6.82 -19.38 -35.51
CA ARG A 308 5.45 -19.41 -35.03
C ARG A 308 4.74 -18.10 -35.34
N GLU A 309 3.42 -18.10 -35.25
CA GLU A 309 2.67 -16.87 -35.50
C GLU A 309 2.50 -16.08 -34.20
N PRO A 310 2.69 -14.77 -34.27
CA PRO A 310 2.46 -13.92 -33.10
C PRO A 310 1.02 -14.05 -32.60
N ILE A 311 0.82 -14.04 -31.30
CA ILE A 311 -0.55 -14.15 -30.78
C ILE A 311 -1.36 -12.88 -31.06
N VAL A 312 -0.67 -11.78 -31.32
CA VAL A 312 -1.35 -10.55 -31.70
C VAL A 312 -0.80 -10.03 -33.04
N GLY A 313 -1.18 -10.72 -34.11
CA GLY A 313 -0.69 -10.38 -35.44
C GLY A 313 -1.44 -9.23 -36.09
N GLY A 314 -1.09 -8.92 -37.33
CA GLY A 314 -1.77 -7.88 -38.07
C GLY A 314 -3.28 -8.10 -38.12
N ASP A 315 -3.69 -9.36 -38.19
CA ASP A 315 -5.12 -9.67 -38.25
C ASP A 315 -5.86 -9.20 -36.99
N ASP A 316 -5.19 -9.21 -35.84
CA ASP A 316 -5.81 -8.75 -34.61
C ASP A 316 -6.05 -7.24 -34.67
N GLY A 317 -5.06 -6.50 -35.18
CA GLY A 317 -5.18 -5.06 -35.31
C GLY A 317 -6.30 -4.72 -36.29
N LEU A 318 -6.41 -5.52 -37.34
CA LEU A 318 -7.42 -5.31 -38.38
C LEU A 318 -8.82 -5.59 -37.81
N LYS A 319 -8.95 -6.66 -37.03
CA LYS A 319 -10.24 -6.98 -36.42
C LYS A 319 -10.69 -5.84 -35.51
N ASP A 320 -9.76 -5.20 -34.81
CA ASP A 320 -10.10 -4.02 -34.01
C ASP A 320 -10.58 -2.86 -34.88
N LEU A 321 -9.89 -2.59 -35.98
CA LEU A 321 -10.29 -1.49 -36.88
C LEU A 321 -11.66 -1.73 -37.52
N ARG A 322 -11.97 -2.98 -37.83
CA ARG A 322 -13.30 -3.31 -38.33
C ARG A 322 -14.39 -2.89 -37.35
N VAL A 323 -14.19 -3.19 -36.06
CA VAL A 323 -15.18 -2.80 -35.07
C VAL A 323 -15.17 -1.30 -34.82
N ILE A 324 -13.99 -0.70 -34.82
CA ILE A 324 -13.88 0.74 -34.67
C ILE A 324 -14.68 1.48 -35.75
N GLU A 325 -14.57 1.05 -37.00
CA GLU A 325 -15.37 1.65 -38.09
C GLU A 325 -16.88 1.52 -37.80
N ALA A 326 -17.30 0.36 -37.32
CA ALA A 326 -18.70 0.13 -37.00
C ALA A 326 -19.16 0.97 -35.80
N ILE A 327 -18.29 1.14 -34.81
CA ILE A 327 -18.59 1.98 -33.65
C ILE A 327 -18.86 3.42 -34.08
N TYR A 328 -17.96 3.99 -34.87
CA TYR A 328 -18.16 5.34 -35.37
C TYR A 328 -19.44 5.46 -36.22
N ARG A 329 -19.69 4.45 -37.06
CA ARG A 329 -20.91 4.43 -37.88
C ARG A 329 -22.16 4.37 -37.01
N ALA A 330 -22.13 3.56 -35.94
CA ALA A 330 -23.29 3.37 -35.08
C ALA A 330 -23.66 4.66 -34.37
N ALA A 331 -22.64 5.44 -33.99
CA ALA A 331 -22.87 6.70 -33.32
C ALA A 331 -23.37 7.75 -34.29
N ARG A 332 -22.81 7.73 -35.50
CA ARG A 332 -23.21 8.67 -36.54
C ARG A 332 -24.66 8.42 -37.00
N GLU A 333 -25.00 7.15 -37.19
CA GLU A 333 -26.32 6.81 -37.74
C GLU A 333 -27.38 6.52 -36.68
N GLY A 334 -26.97 6.41 -35.41
CA GLY A 334 -27.91 6.17 -34.34
C GLY A 334 -28.67 4.88 -34.51
N ARG A 335 -27.95 3.83 -34.88
CA ARG A 335 -28.57 2.53 -35.09
C ARG A 335 -27.59 1.42 -34.72
N THR A 336 -28.12 0.23 -34.49
CA THR A 336 -27.28 -0.92 -34.24
C THR A 336 -26.62 -1.35 -35.53
N VAL A 337 -25.30 -1.40 -35.57
CA VAL A 337 -24.59 -1.79 -36.78
C VAL A 337 -24.20 -3.26 -36.72
N LYS A 338 -24.52 -4.00 -37.77
CA LYS A 338 -24.25 -5.43 -37.80
C LYS A 338 -22.92 -5.75 -38.47
N LEU A 339 -22.19 -6.70 -37.90
CA LEU A 339 -20.94 -7.17 -38.47
C LEU A 339 -21.02 -8.66 -38.81
N ARG B 5 25.44 -31.99 -16.68
CA ARG B 5 25.37 -30.54 -16.50
C ARG B 5 23.93 -30.06 -16.30
N LYS B 6 23.02 -30.47 -17.18
CA LYS B 6 21.60 -30.22 -16.98
C LYS B 6 20.82 -31.53 -16.94
N LEU B 7 20.03 -31.72 -15.89
CA LEU B 7 19.17 -32.90 -15.82
C LEU B 7 17.79 -32.61 -16.42
N GLY B 8 17.18 -33.60 -17.04
CA GLY B 8 15.91 -33.40 -17.71
C GLY B 8 14.69 -33.70 -16.86
N TYR B 9 13.75 -32.76 -16.84
CA TYR B 9 12.48 -32.93 -16.11
C TYR B 9 11.35 -33.38 -17.03
N ALA B 10 10.56 -34.35 -16.55
CA ALA B 10 9.25 -34.62 -17.09
C ALA B 10 8.22 -33.99 -16.17
N ILE B 11 7.39 -33.11 -16.70
CA ILE B 11 6.35 -32.49 -15.88
C ILE B 11 5.07 -33.30 -16.05
N LEU B 12 4.51 -33.76 -14.93
CA LEU B 12 3.34 -34.63 -14.95
C LEU B 12 2.14 -33.94 -14.31
N GLY B 13 1.09 -33.72 -15.09
CA GLY B 13 -0.08 -33.00 -14.62
C GLY B 13 0.04 -31.55 -15.04
N LEU B 14 -0.44 -31.24 -16.24
CA LEU B 14 -0.26 -29.91 -16.82
C LEU B 14 -1.39 -28.96 -16.40
N GLY B 15 -1.44 -28.66 -15.11
CA GLY B 15 -2.45 -27.75 -14.60
C GLY B 15 -1.89 -26.37 -14.34
N TYR B 16 -2.52 -25.67 -13.39
CA TYR B 16 -2.14 -24.29 -13.07
C TYR B 16 -0.67 -24.19 -12.65
N TYR B 17 -0.28 -24.95 -11.63
CA TYR B 17 1.07 -24.75 -11.09
C TYR B 17 2.14 -25.16 -12.12
N ALA B 18 1.90 -26.26 -12.82
CA ALA B 18 2.84 -26.73 -13.83
C ALA B 18 3.03 -25.71 -14.94
N THR B 19 1.92 -25.29 -15.56
CA THR B 19 1.99 -24.49 -16.76
C THR B 19 2.15 -22.99 -16.48
N ARG B 20 1.59 -22.50 -15.38
CA ARG B 20 1.60 -21.04 -15.13
C ARG B 20 2.81 -20.61 -14.30
N ILE B 21 3.37 -21.54 -13.53
CA ILE B 21 4.45 -21.17 -12.63
C ILE B 21 5.76 -21.90 -12.95
N ILE B 22 5.73 -23.23 -12.92
CA ILE B 22 6.96 -24.02 -13.03
C ILE B 22 7.59 -24.01 -14.42
N MET B 23 6.84 -24.41 -15.44
CA MET B 23 7.43 -24.57 -16.77
C MET B 23 8.07 -23.29 -17.32
N PRO B 24 7.44 -22.12 -17.11
CA PRO B 24 8.11 -20.91 -17.61
C PRO B 24 9.45 -20.59 -16.93
N ARG B 25 9.79 -21.30 -15.86
CA ARG B 25 10.99 -20.92 -15.14
C ARG B 25 12.18 -21.84 -15.34
N PHE B 26 12.05 -22.84 -16.20
CA PHE B 26 13.21 -23.61 -16.59
C PHE B 26 14.25 -22.73 -17.30
N ALA B 27 13.77 -21.69 -17.98
CA ALA B 27 14.66 -20.76 -18.69
C ALA B 27 15.73 -20.19 -17.76
N GLU B 28 15.36 -19.96 -16.50
CA GLU B 28 16.29 -19.38 -15.56
C GLU B 28 17.12 -20.41 -14.77
N CYS B 29 16.91 -21.70 -15.04
CA CYS B 29 17.69 -22.73 -14.35
C CYS B 29 19.09 -22.91 -14.93
N GLU B 30 20.02 -23.36 -14.09
CA GLU B 30 21.39 -23.64 -14.53
C GLU B 30 21.65 -25.14 -14.73
N HIS B 31 20.95 -25.98 -13.98
CA HIS B 31 21.23 -27.43 -13.99
C HIS B 31 20.00 -28.27 -14.28
N SER B 32 18.98 -27.64 -14.86
CA SER B 32 17.71 -28.32 -15.09
C SER B 32 17.14 -27.85 -16.41
N ARG B 33 16.51 -28.78 -17.13
CA ARG B 33 15.85 -28.43 -18.37
C ARG B 33 14.53 -29.19 -18.49
N LEU B 34 13.62 -28.62 -19.26
CA LEU B 34 12.35 -29.26 -19.55
C LEU B 34 12.56 -30.28 -20.67
N ALA B 35 12.31 -31.55 -20.38
CA ALA B 35 12.63 -32.63 -21.32
C ALA B 35 11.39 -33.39 -21.82
N ALA B 36 10.35 -33.47 -21.00
CA ALA B 36 9.17 -34.25 -21.37
C ALA B 36 7.90 -33.75 -20.69
N LEU B 37 6.75 -34.12 -21.27
CA LEU B 37 5.45 -33.76 -20.73
C LEU B 37 4.60 -35.02 -20.54
N VAL B 38 3.91 -35.11 -19.41
CA VAL B 38 3.00 -36.23 -19.14
C VAL B 38 1.63 -35.68 -18.73
N SER B 39 0.59 -36.07 -19.46
CA SER B 39 -0.71 -35.43 -19.32
C SER B 39 -1.87 -36.33 -19.68
N GLY B 40 -2.98 -36.16 -18.98
CA GLY B 40 -4.20 -36.88 -19.32
C GLY B 40 -5.04 -36.12 -20.31
N THR B 41 -4.52 -35.00 -20.81
CA THR B 41 -5.26 -34.19 -21.79
C THR B 41 -4.48 -34.01 -23.09
N PRO B 42 -4.86 -34.74 -24.15
CA PRO B 42 -4.09 -34.70 -25.40
C PRO B 42 -3.87 -33.28 -25.94
N GLU B 43 -4.89 -32.43 -25.88
CA GLU B 43 -4.76 -31.05 -26.33
C GLU B 43 -3.62 -30.32 -25.63
N LYS B 44 -3.42 -30.60 -24.34
CA LYS B 44 -2.34 -29.96 -23.59
C LYS B 44 -0.98 -30.44 -24.06
N LEU B 45 -0.87 -31.73 -24.38
CA LEU B 45 0.40 -32.24 -24.88
C LEU B 45 0.79 -31.53 -26.18
N LYS B 46 -0.21 -31.26 -27.02
CA LYS B 46 0.07 -30.57 -28.28
C LYS B 46 0.42 -29.09 -28.04
N THR B 47 -0.44 -28.40 -27.30
CA THR B 47 -0.22 -26.98 -26.99
C THR B 47 1.14 -26.69 -26.35
N TYR B 48 1.44 -27.36 -25.25
CA TYR B 48 2.68 -27.08 -24.52
C TYR B 48 3.86 -27.75 -25.19
N GLY B 49 3.62 -28.86 -25.88
CA GLY B 49 4.67 -29.49 -26.65
C GLY B 49 5.18 -28.56 -27.75
N GLU B 50 4.27 -27.92 -28.46
CA GLU B 50 4.63 -26.97 -29.50
C GLU B 50 5.28 -25.72 -28.89
N GLN B 51 4.68 -25.21 -27.82
CA GLN B 51 5.19 -24.01 -27.16
C GLN B 51 6.61 -24.18 -26.62
N TYR B 52 6.91 -25.35 -26.04
CA TYR B 52 8.22 -25.54 -25.41
C TYR B 52 9.18 -26.36 -26.26
N GLY B 53 8.76 -26.71 -27.47
CA GLY B 53 9.62 -27.47 -28.36
C GLY B 53 9.89 -28.89 -27.90
N ILE B 54 8.88 -29.52 -27.31
CA ILE B 54 9.03 -30.90 -26.85
C ILE B 54 8.52 -31.82 -27.97
N PRO B 55 9.41 -32.64 -28.54
CA PRO B 55 9.02 -33.55 -29.63
C PRO B 55 7.96 -34.56 -29.20
N GLU B 56 7.19 -35.08 -30.16
CA GLU B 56 6.09 -35.99 -29.84
C GLU B 56 6.58 -37.25 -29.11
N THR B 57 7.83 -37.65 -29.39
CA THR B 57 8.44 -38.78 -28.70
C THR B 57 8.54 -38.57 -27.19
N HIS B 58 8.59 -37.32 -26.75
CA HIS B 58 8.76 -37.00 -25.33
C HIS B 58 7.45 -36.53 -24.70
N ARG B 59 6.33 -36.85 -25.34
CA ARG B 59 5.02 -36.53 -24.81
C ARG B 59 4.31 -37.83 -24.41
N TYR B 60 3.80 -37.89 -23.18
CA TYR B 60 3.20 -39.13 -22.67
C TYR B 60 1.81 -38.89 -22.10
N SER B 61 0.94 -39.88 -22.23
CA SER B 61 -0.34 -39.88 -21.53
C SER B 61 -0.17 -40.68 -20.25
N TYR B 62 -1.23 -40.79 -19.45
CA TYR B 62 -1.12 -41.59 -18.24
C TYR B 62 -1.15 -43.09 -18.58
N GLU B 63 -1.44 -43.42 -19.83
CA GLU B 63 -1.46 -44.82 -20.25
C GLU B 63 -0.14 -45.22 -20.88
N THR B 64 0.65 -44.26 -21.33
CA THR B 64 1.93 -44.58 -21.96
C THR B 64 3.11 -44.16 -21.08
N PHE B 65 2.82 -43.60 -19.91
CA PHE B 65 3.84 -43.05 -19.02
C PHE B 65 4.95 -44.05 -18.68
N ASP B 66 4.63 -45.33 -18.55
CA ASP B 66 5.63 -46.30 -18.11
C ASP B 66 6.76 -46.46 -19.13
N ARG B 67 6.47 -46.13 -20.39
CA ARG B 67 7.49 -46.20 -21.45
C ARG B 67 8.62 -45.19 -21.22
N ILE B 68 8.40 -44.25 -20.30
CA ILE B 68 9.39 -43.19 -20.09
C ILE B 68 10.71 -43.75 -19.55
N ILE B 69 10.66 -45.01 -19.08
CA ILE B 69 11.87 -45.68 -18.63
C ILE B 69 12.90 -45.79 -19.76
N ASP B 70 12.44 -45.79 -21.01
CA ASP B 70 13.34 -45.90 -22.15
C ASP B 70 13.83 -44.55 -22.65
N ASN B 71 13.49 -43.47 -21.94
CA ASN B 71 13.87 -42.13 -22.36
C ASN B 71 15.02 -41.60 -21.50
N PRO B 72 16.25 -41.58 -22.06
CA PRO B 72 17.41 -41.17 -21.28
C PRO B 72 17.48 -39.64 -21.09
N ASP B 73 16.63 -38.90 -21.81
CA ASP B 73 16.58 -37.45 -21.66
C ASP B 73 15.85 -37.04 -20.37
N VAL B 74 15.11 -37.97 -19.80
CA VAL B 74 14.37 -37.73 -18.55
C VAL B 74 15.08 -38.35 -17.35
N ASP B 75 15.48 -37.50 -16.42
CA ASP B 75 16.11 -37.91 -15.17
C ASP B 75 15.15 -37.84 -13.98
N ILE B 76 14.25 -36.87 -14.05
CA ILE B 76 13.36 -36.53 -12.95
C ILE B 76 11.93 -36.40 -13.44
N VAL B 77 10.97 -36.91 -12.67
CA VAL B 77 9.56 -36.64 -12.91
C VAL B 77 9.03 -35.73 -11.79
N TYR B 78 8.41 -34.63 -12.19
CA TYR B 78 7.84 -33.68 -11.24
C TYR B 78 6.32 -33.89 -11.25
N VAL B 79 5.79 -34.45 -10.15
CA VAL B 79 4.38 -34.78 -10.05
C VAL B 79 3.59 -33.57 -9.52
N ILE B 80 2.69 -33.04 -10.34
CA ILE B 80 1.96 -31.82 -9.99
C ILE B 80 0.46 -32.02 -10.21
N THR B 81 -0.06 -33.04 -9.54
CA THR B 81 -1.45 -33.49 -9.68
C THR B 81 -2.23 -33.23 -8.39
N PRO B 82 -3.54 -33.54 -8.38
CA PRO B 82 -4.24 -33.54 -7.10
C PRO B 82 -3.57 -34.43 -6.07
N ASN B 83 -3.77 -34.11 -4.80
CA ASN B 83 -3.02 -34.69 -3.70
C ASN B 83 -3.08 -36.21 -3.65
N SER B 84 -4.26 -36.78 -3.88
CA SER B 84 -4.45 -38.22 -3.76
CA SER B 84 -4.46 -38.22 -3.77
C SER B 84 -3.72 -38.99 -4.85
N LEU B 85 -3.30 -38.30 -5.91
CA LEU B 85 -2.59 -38.99 -6.98
C LEU B 85 -1.08 -38.87 -6.86
N HIS B 86 -0.61 -38.16 -5.84
CA HIS B 86 0.84 -37.98 -5.66
C HIS B 86 1.53 -39.33 -5.49
N ARG B 87 0.95 -40.19 -4.66
CA ARG B 87 1.59 -41.47 -4.35
C ARG B 87 1.64 -42.42 -5.57
N PRO B 88 0.48 -42.67 -6.25
CA PRO B 88 0.61 -43.59 -7.38
C PRO B 88 1.54 -43.12 -8.49
N PHE B 89 1.57 -41.82 -8.78
CA PHE B 89 2.44 -41.36 -9.85
C PHE B 89 3.89 -41.42 -9.43
N THR B 90 4.15 -41.11 -8.17
CA THR B 90 5.50 -41.21 -7.61
C THR B 90 6.00 -42.65 -7.73
N GLU B 91 5.16 -43.62 -7.39
CA GLU B 91 5.53 -45.02 -7.50
C GLU B 91 5.84 -45.42 -8.93
N ARG B 92 5.00 -44.99 -9.88
CA ARG B 92 5.25 -45.32 -11.28
C ARG B 92 6.50 -44.62 -11.82
N ALA B 93 6.82 -43.43 -11.29
CA ALA B 93 8.01 -42.71 -11.75
C ALA B 93 9.27 -43.41 -11.25
N ALA B 94 9.24 -43.83 -9.99
CA ALA B 94 10.35 -44.54 -9.38
C ALA B 94 10.53 -45.89 -10.10
N ARG B 95 9.42 -46.53 -10.41
CA ARG B 95 9.42 -47.77 -11.17
C ARG B 95 10.09 -47.57 -12.55
N ALA B 96 9.93 -46.38 -13.12
CA ALA B 96 10.56 -46.06 -14.40
C ALA B 96 12.02 -45.62 -14.23
N GLY B 97 12.56 -45.78 -13.03
CA GLY B 97 13.94 -45.43 -12.75
C GLY B 97 14.20 -43.92 -12.72
N LYS B 98 13.16 -43.13 -12.44
CA LYS B 98 13.34 -41.68 -12.38
C LYS B 98 13.37 -41.15 -10.95
N HIS B 99 14.19 -40.13 -10.73
CA HIS B 99 14.12 -39.37 -9.48
C HIS B 99 12.78 -38.61 -9.46
N VAL B 100 12.32 -38.22 -8.27
CA VAL B 100 10.99 -37.60 -8.18
C VAL B 100 10.98 -36.29 -7.40
N MET B 101 10.39 -35.27 -8.03
CA MET B 101 9.99 -34.05 -7.34
C MET B 101 8.46 -34.16 -7.17
N CYS B 102 7.97 -34.01 -5.96
CA CYS B 102 6.54 -34.17 -5.70
C CYS B 102 6.02 -32.94 -5.00
N GLU B 103 4.87 -32.41 -5.45
CA GLU B 103 4.35 -31.20 -4.84
C GLU B 103 3.81 -31.46 -3.45
N LYS B 104 3.65 -30.39 -2.68
CA LYS B 104 3.01 -30.49 -1.36
C LYS B 104 1.49 -30.50 -1.57
N PRO B 105 0.74 -31.01 -0.58
CA PRO B 105 1.23 -31.86 0.50
C PRO B 105 1.67 -33.18 -0.10
N MET B 106 2.62 -33.85 0.52
CA MET B 106 3.23 -35.03 -0.07
C MET B 106 2.21 -36.07 -0.50
N ALA B 107 1.26 -36.37 0.39
CA ALA B 107 0.22 -37.36 0.12
C ALA B 107 -0.89 -37.19 1.15
N ASN B 108 -1.90 -38.04 1.10
CA ASN B 108 -3.08 -37.87 1.96
C ASN B 108 -2.86 -38.32 3.39
N THR B 109 -1.96 -39.28 3.59
CA THR B 109 -1.75 -39.86 4.91
C THR B 109 -0.29 -40.14 5.18
N VAL B 110 0.05 -40.35 6.46
CA VAL B 110 1.40 -40.73 6.85
C VAL B 110 1.85 -42.01 6.13
N ALA B 111 0.95 -42.99 6.07
CA ALA B 111 1.26 -44.28 5.49
C ALA B 111 1.56 -44.14 4.00
N ASP B 112 0.81 -43.27 3.31
CA ASP B 112 1.08 -43.02 1.90
C ASP B 112 2.47 -42.43 1.70
N CYS B 113 2.84 -41.51 2.58
CA CYS B 113 4.16 -40.89 2.52
C CYS B 113 5.23 -41.94 2.72
N GLU B 114 5.04 -42.81 3.72
CA GLU B 114 6.00 -43.86 3.98
C GLU B 114 6.14 -44.77 2.75
N ALA B 115 5.02 -45.05 2.11
CA ALA B 115 5.01 -45.88 0.91
C ALA B 115 5.80 -45.24 -0.24
N MET B 116 5.70 -43.92 -0.38
CA MET B 116 6.45 -43.23 -1.43
C MET B 116 7.93 -43.22 -1.15
N ILE B 117 8.28 -42.94 0.10
CA ILE B 117 9.67 -42.99 0.54
C ILE B 117 10.29 -44.37 0.30
N ALA B 118 9.53 -45.43 0.63
CA ALA B 118 10.04 -46.79 0.46
C ALA B 118 10.20 -47.16 -1.02
N ALA B 119 9.28 -46.71 -1.87
CA ALA B 119 9.37 -47.03 -3.29
C ALA B 119 10.57 -46.35 -3.95
N CYS B 120 10.85 -45.12 -3.59
CA CYS B 120 11.98 -44.42 -4.20
C CYS B 120 13.31 -45.00 -3.70
N LYS B 121 13.36 -45.40 -2.43
CA LYS B 121 14.56 -46.03 -1.89
C LYS B 121 14.83 -47.38 -2.57
N LYS B 122 13.76 -48.13 -2.82
CA LYS B 122 13.87 -49.43 -3.48
C LYS B 122 14.40 -49.26 -4.90
N ALA B 123 14.02 -48.18 -5.56
CA ALA B 123 14.50 -47.89 -6.91
C ALA B 123 15.86 -47.19 -6.91
N GLY B 124 16.36 -46.86 -5.73
CA GLY B 124 17.61 -46.13 -5.63
C GLY B 124 17.53 -44.73 -6.25
N ARG B 125 16.37 -44.10 -6.10
CA ARG B 125 16.17 -42.76 -6.68
C ARG B 125 15.82 -41.74 -5.60
N LYS B 126 16.22 -40.49 -5.81
CA LYS B 126 15.98 -39.43 -4.85
C LYS B 126 14.54 -38.92 -4.91
N LEU B 127 14.08 -38.41 -3.78
CA LEU B 127 12.71 -37.93 -3.64
C LEU B 127 12.73 -36.59 -2.92
N MET B 128 12.14 -35.58 -3.55
CA MET B 128 12.10 -34.24 -2.96
C MET B 128 10.69 -33.68 -3.00
N ILE B 129 10.32 -32.91 -1.97
CA ILE B 129 8.99 -32.29 -1.90
C ILE B 129 9.12 -30.81 -2.22
N GLY B 130 8.16 -30.28 -2.99
CA GLY B 130 8.24 -28.91 -3.46
C GLY B 130 7.93 -27.83 -2.43
N TYR B 131 8.74 -27.75 -1.39
CA TYR B 131 8.64 -26.67 -0.40
C TYR B 131 9.52 -25.52 -0.86
N ARG B 132 9.06 -24.80 -1.87
CA ARG B 132 9.84 -23.76 -2.53
C ARG B 132 10.29 -22.65 -1.59
N SER B 133 9.56 -22.43 -0.50
CA SER B 133 9.88 -21.33 0.41
C SER B 133 11.25 -21.51 1.05
N ARG B 134 11.73 -22.74 1.14
CA ARG B 134 13.07 -22.99 1.65
C ARG B 134 14.17 -22.44 0.72
N PHE B 135 13.78 -22.01 -0.48
CA PHE B 135 14.72 -21.44 -1.46
C PHE B 135 14.48 -19.94 -1.71
N GLN B 136 13.55 -19.37 -0.95
CA GLN B 136 13.13 -17.98 -1.14
C GLN B 136 13.92 -17.06 -0.20
N ALA B 137 14.35 -15.90 -0.71
CA ALA B 137 15.33 -15.05 -0.03
C ALA B 137 14.94 -14.62 1.39
N HIS B 138 13.71 -14.15 1.54
CA HIS B 138 13.26 -13.65 2.84
C HIS B 138 13.09 -14.79 3.84
N ASN B 139 12.61 -15.93 3.37
CA ASN B 139 12.48 -17.09 4.24
C ASN B 139 13.82 -17.59 4.73
N ILE B 140 14.80 -17.67 3.84
CA ILE B 140 16.15 -18.05 4.26
C ILE B 140 16.69 -17.06 5.27
N GLU B 141 16.47 -15.76 5.03
CA GLU B 141 16.94 -14.72 5.94
C GLU B 141 16.37 -14.90 7.36
N ALA B 142 15.07 -15.20 7.45
CA ALA B 142 14.44 -15.41 8.76
C ALA B 142 15.00 -16.64 9.46
N ILE B 143 15.13 -17.74 8.73
CA ILE B 143 15.66 -18.98 9.30
C ILE B 143 17.05 -18.72 9.88
N LYS B 144 17.88 -18.04 9.10
CA LYS B 144 19.26 -17.76 9.50
C LYS B 144 19.38 -16.82 10.68
N LEU B 145 18.50 -15.81 10.74
CA LEU B 145 18.47 -14.92 11.89
C LEU B 145 18.16 -15.71 13.16
N VAL B 146 17.21 -16.63 13.07
CA VAL B 146 16.87 -17.46 14.22
C VAL B 146 18.07 -18.31 14.63
N ARG B 147 18.65 -19.01 13.67
CA ARG B 147 19.81 -19.85 13.93
C ARG B 147 21.00 -19.09 14.50
N ASP B 148 21.26 -17.88 13.99
CA ASP B 148 22.37 -17.07 14.46
CA ASP B 148 22.39 -17.08 14.46
C ASP B 148 22.13 -16.50 15.86
N GLY B 149 20.96 -16.76 16.42
CA GLY B 149 20.65 -16.29 17.76
C GLY B 149 20.20 -14.86 17.89
N ALA B 150 19.82 -14.24 16.77
CA ALA B 150 19.42 -12.83 16.79
C ALA B 150 18.14 -12.56 17.60
N LEU B 151 17.30 -13.57 17.79
CA LEU B 151 16.07 -13.39 18.56
C LEU B 151 16.21 -13.90 19.99
N GLY B 152 17.29 -14.62 20.26
CA GLY B 152 17.35 -15.44 21.46
C GLY B 152 16.61 -16.73 21.17
N PRO B 153 16.31 -17.53 22.21
CA PRO B 153 15.54 -18.75 21.96
C PRO B 153 14.16 -18.42 21.39
N VAL B 154 13.69 -19.18 20.41
CA VAL B 154 12.36 -18.94 19.85
C VAL B 154 11.28 -19.16 20.92
N ARG B 155 10.39 -18.19 21.11
CA ARG B 155 9.32 -18.37 22.07
C ARG B 155 7.98 -18.54 21.37
N THR B 156 7.72 -17.74 20.35
CA THR B 156 6.46 -17.82 19.63
C THR B 156 6.66 -17.75 18.13
N VAL B 157 5.87 -18.53 17.41
CA VAL B 157 5.69 -18.35 15.96
C VAL B 157 4.19 -18.13 15.74
N VAL B 158 3.82 -17.04 15.09
CA VAL B 158 2.43 -16.78 14.77
C VAL B 158 2.34 -16.68 13.26
N THR B 159 1.61 -17.61 12.64
CA THR B 159 1.61 -17.69 11.19
C THR B 159 0.21 -18.00 10.66
N ASP B 160 -0.17 -17.31 9.60
CA ASP B 160 -1.51 -17.44 9.03
C ASP B 160 -1.43 -17.66 7.54
N HIS B 161 -2.08 -18.71 7.06
CA HIS B 161 -2.21 -18.93 5.63
C HIS B 161 -3.63 -19.25 5.25
N GLY B 162 -4.12 -18.54 4.24
CA GLY B 162 -5.46 -18.76 3.75
C GLY B 162 -5.66 -18.09 2.41
N PHE B 163 -6.56 -18.62 1.62
CA PHE B 163 -7.09 -17.86 0.49
C PHE B 163 -8.56 -18.18 0.36
N THR B 164 -9.30 -17.28 -0.27
CA THR B 164 -10.74 -17.44 -0.39
C THR B 164 -11.03 -18.32 -1.60
N ILE B 165 -11.30 -19.59 -1.37
CA ILE B 165 -11.42 -20.55 -2.46
C ILE B 165 -12.76 -20.38 -3.18
N GLY B 166 -12.80 -20.76 -4.45
CA GLY B 166 -13.94 -20.48 -5.31
C GLY B 166 -14.83 -21.65 -5.67
N ASP B 167 -14.70 -22.11 -6.90
CA ASP B 167 -15.57 -23.14 -7.48
C ASP B 167 -15.73 -24.38 -6.59
N PRO B 168 -16.97 -24.63 -6.13
CA PRO B 168 -17.26 -25.79 -5.27
C PRO B 168 -17.00 -27.15 -5.93
N LYS B 169 -16.88 -27.20 -7.26
CA LYS B 169 -16.66 -28.47 -7.95
C LYS B 169 -15.19 -28.84 -8.14
N GLN B 170 -14.28 -27.98 -7.73
CA GLN B 170 -12.85 -28.26 -7.98
C GLN B 170 -12.30 -29.38 -7.06
N TRP B 171 -11.17 -29.95 -7.45
CA TRP B 171 -10.68 -31.13 -6.74
C TRP B 171 -10.27 -30.82 -5.30
N ARG B 172 -9.81 -29.60 -5.04
CA ARG B 172 -9.43 -29.21 -3.68
C ARG B 172 -10.57 -29.36 -2.68
N LEU B 173 -11.80 -29.32 -3.18
CA LEU B 173 -12.97 -29.38 -2.29
C LEU B 173 -13.62 -30.77 -2.33
N ASN B 174 -12.93 -31.69 -2.99
CA ASN B 174 -13.35 -33.08 -3.10
C ASN B 174 -12.44 -33.93 -2.23
N ARG B 175 -12.99 -34.52 -1.17
CA ARG B 175 -12.14 -35.16 -0.17
C ARG B 175 -11.34 -36.32 -0.75
N ALA B 176 -11.93 -37.06 -1.69
CA ALA B 176 -11.24 -38.20 -2.29
C ALA B 176 -9.96 -37.78 -3.03
N LEU B 177 -9.98 -36.62 -3.69
CA LEU B 177 -8.80 -36.15 -4.42
C LEU B 177 -7.88 -35.23 -3.59
N ALA B 178 -8.44 -34.49 -2.64
CA ALA B 178 -7.65 -33.52 -1.88
C ALA B 178 -7.08 -34.10 -0.58
N GLY B 179 -7.79 -35.06 0.00
CA GLY B 179 -7.38 -35.64 1.27
C GLY B 179 -7.78 -34.82 2.48
N GLY B 180 -8.36 -33.65 2.25
CA GLY B 180 -8.66 -32.72 3.34
C GLY B 180 -8.84 -31.33 2.77
N GLY B 181 -9.16 -30.37 3.62
CA GLY B 181 -9.46 -29.01 3.20
C GLY B 181 -8.28 -28.06 3.28
N SER B 182 -8.51 -26.89 3.87
CA SER B 182 -7.50 -25.82 3.86
C SER B 182 -6.15 -26.29 4.43
N LEU B 183 -6.19 -27.18 5.42
CA LEU B 183 -4.94 -27.61 6.05
C LEU B 183 -4.04 -28.34 5.06
N MET B 184 -4.63 -29.17 4.21
CA MET B 184 -3.84 -29.93 3.25
C MET B 184 -3.26 -29.00 2.19
N ASP B 185 -3.98 -27.93 1.87
CA ASP B 185 -3.60 -27.11 0.72
C ASP B 185 -2.74 -25.89 1.06
N ILE B 186 -3.12 -25.15 2.08
CA ILE B 186 -2.51 -23.86 2.33
C ILE B 186 -2.08 -23.77 3.80
N GLY B 187 -2.84 -24.38 4.71
CA GLY B 187 -2.44 -24.41 6.11
C GLY B 187 -1.08 -25.08 6.31
N ILE B 188 -0.75 -25.99 5.40
CA ILE B 188 0.50 -26.71 5.49
C ILE B 188 1.70 -25.75 5.41
N TYR B 189 1.52 -24.58 4.81
CA TYR B 189 2.60 -23.57 4.82
C TYR B 189 2.83 -23.03 6.23
N SER B 190 1.76 -22.89 7.01
CA SER B 190 1.90 -22.44 8.40
C SER B 190 2.66 -23.49 9.20
N LEU B 191 2.30 -24.75 9.00
CA LEU B 191 2.94 -25.85 9.71
C LEU B 191 4.41 -25.98 9.34
N ASN B 192 4.69 -26.01 8.03
CA ASN B 192 6.04 -26.18 7.54
C ASN B 192 6.94 -25.02 8.03
N ALA B 193 6.39 -23.82 8.07
CA ALA B 193 7.14 -22.67 8.56
C ALA B 193 7.42 -22.76 10.06
N ALA B 194 6.44 -23.16 10.87
CA ALA B 194 6.69 -23.32 12.30
C ALA B 194 7.85 -24.30 12.51
N ARG B 195 7.87 -25.36 11.73
CA ARG B 195 8.93 -26.35 11.84
C ARG B 195 10.29 -25.79 11.37
N TYR B 196 10.36 -25.09 10.23
CA TYR B 196 11.70 -24.65 9.79
C TYR B 196 12.17 -23.38 10.50
N LEU B 197 11.25 -22.62 11.10
CA LEU B 197 11.69 -21.47 11.87
C LEU B 197 12.24 -21.93 13.23
N THR B 198 11.54 -22.85 13.89
CA THR B 198 12.06 -23.34 15.17
C THR B 198 13.22 -24.31 14.96
N GLY B 199 13.21 -25.01 13.84
CA GLY B 199 14.12 -26.12 13.62
C GLY B 199 13.80 -27.31 14.52
N GLU B 200 12.53 -27.41 14.94
CA GLU B 200 12.10 -28.48 15.83
C GLU B 200 10.86 -29.20 15.30
N GLU B 201 10.53 -30.34 15.94
CA GLU B 201 9.27 -31.04 15.65
C GLU B 201 8.37 -30.93 16.86
N PRO B 202 7.07 -30.70 16.64
CA PRO B 202 6.16 -30.46 17.77
C PRO B 202 5.91 -31.70 18.62
N VAL B 203 5.64 -31.49 19.91
CA VAL B 203 5.36 -32.63 20.79
C VAL B 203 3.91 -32.66 21.27
N ALA B 204 3.19 -31.55 21.06
CA ALA B 204 1.77 -31.49 21.41
C ALA B 204 1.05 -30.54 20.45
N VAL B 205 -0.23 -30.82 20.22
CA VAL B 205 -1.04 -30.12 19.23
C VAL B 205 -2.46 -29.86 19.76
N ASN B 206 -2.94 -28.63 19.62
CA ASN B 206 -4.37 -28.30 19.79
C ASN B 206 -4.96 -27.87 18.44
N ALA B 207 -6.26 -28.00 18.26
CA ALA B 207 -6.87 -27.46 17.04
C ALA B 207 -8.34 -27.16 17.24
N VAL B 208 -8.83 -26.19 16.48
CA VAL B 208 -10.25 -25.85 16.43
C VAL B 208 -10.65 -25.78 14.97
N GLU B 209 -11.74 -26.44 14.60
CA GLU B 209 -12.25 -26.35 13.24
C GLU B 209 -13.48 -25.44 13.19
N SER B 210 -13.62 -24.67 12.12
CA SER B 210 -14.85 -23.94 11.92
C SER B 210 -15.23 -23.98 10.46
N THR B 211 -16.30 -24.72 10.17
CA THR B 211 -16.75 -24.94 8.80
C THR B 211 -18.27 -24.92 8.72
N ASP B 212 -18.81 -24.13 7.80
CA ASP B 212 -20.25 -24.14 7.56
C ASP B 212 -20.56 -25.16 6.46
N ARG B 213 -21.10 -26.30 6.87
CA ARG B 213 -21.35 -27.42 5.96
C ARG B 213 -22.48 -27.12 4.97
N SER B 214 -23.22 -26.05 5.20
CA SER B 214 -24.25 -25.66 4.24
C SER B 214 -23.69 -24.77 3.13
N ASP B 215 -22.46 -24.29 3.29
CA ASP B 215 -21.78 -23.59 2.21
C ASP B 215 -21.52 -24.63 1.11
N PRO B 216 -21.88 -24.31 -0.16
CA PRO B 216 -21.63 -25.27 -1.25
C PRO B 216 -20.18 -25.75 -1.34
N ARG B 217 -19.23 -24.93 -0.89
CA ARG B 217 -17.81 -25.29 -1.01
C ARG B 217 -17.37 -26.37 -0.03
N PHE B 218 -18.06 -26.45 1.11
CA PHE B 218 -17.50 -27.13 2.26
C PHE B 218 -18.34 -28.31 2.74
N GLY B 219 -18.96 -29.03 1.82
CA GLY B 219 -19.71 -30.22 2.19
C GLY B 219 -18.81 -31.38 2.60
N GLU B 220 -17.59 -31.42 2.07
CA GLU B 220 -16.70 -32.56 2.27
C GLU B 220 -15.43 -32.26 3.07
N VAL B 221 -14.91 -31.04 2.95
CA VAL B 221 -13.63 -30.71 3.59
C VAL B 221 -13.74 -29.43 4.41
N GLU B 222 -12.75 -29.18 5.28
CA GLU B 222 -12.83 -28.05 6.21
C GLU B 222 -12.46 -26.71 5.58
N ASP B 223 -13.07 -25.66 6.11
CA ASP B 223 -12.79 -24.29 5.75
C ASP B 223 -11.66 -23.77 6.66
N ILE B 224 -11.96 -23.54 7.93
CA ILE B 224 -10.95 -23.09 8.88
C ILE B 224 -10.55 -24.19 9.83
N ILE B 225 -9.25 -24.42 9.99
CA ILE B 225 -8.80 -25.23 11.11
C ILE B 225 -7.52 -24.59 11.64
N ASN B 226 -7.67 -23.93 12.80
CA ASN B 226 -6.54 -23.26 13.43
C ASN B 226 -5.91 -24.19 14.43
N PHE B 227 -4.59 -24.10 14.61
CA PHE B 227 -3.94 -25.07 15.49
C PHE B 227 -2.80 -24.44 16.25
N GLN B 228 -2.47 -25.07 17.38
CA GLN B 228 -1.36 -24.67 18.24
C GLN B 228 -0.34 -25.79 18.30
N LEU B 229 0.93 -25.41 18.33
CA LEU B 229 2.03 -26.38 18.46
C LEU B 229 2.85 -26.05 19.69
N LEU B 230 3.29 -27.08 20.39
CA LEU B 230 4.30 -26.94 21.43
C LEU B 230 5.52 -27.75 20.99
N PHE B 231 6.71 -27.19 21.19
CA PHE B 231 7.96 -27.82 20.76
C PHE B 231 8.77 -28.19 22.03
N PRO B 232 9.73 -29.13 21.92
CA PRO B 232 10.55 -29.56 23.07
C PRO B 232 11.24 -28.42 23.80
N SER B 233 11.72 -27.42 23.06
CA SER B 233 12.45 -26.30 23.65
C SER B 233 11.56 -25.42 24.50
N GLY B 234 10.25 -25.54 24.33
CA GLY B 234 9.32 -24.63 24.96
C GLY B 234 8.71 -23.65 23.98
N ALA B 235 9.29 -23.57 22.78
CA ALA B 235 8.74 -22.76 21.70
C ALA B 235 7.28 -23.15 21.44
N THR B 236 6.45 -22.16 21.10
CA THR B 236 5.04 -22.39 20.78
C THR B 236 4.69 -21.80 19.41
N ALA B 237 3.66 -22.34 18.78
CA ALA B 237 3.15 -21.75 17.53
C ALA B 237 1.64 -21.63 17.57
N ASN B 238 1.13 -20.49 17.14
CA ASN B 238 -0.30 -20.28 16.85
C ASN B 238 -0.44 -20.19 15.34
N CYS B 239 -1.27 -21.05 14.74
CA CYS B 239 -1.36 -21.13 13.28
C CYS B 239 -2.79 -21.04 12.76
N VAL B 240 -3.00 -20.26 11.71
CA VAL B 240 -4.30 -20.22 11.02
C VAL B 240 -4.18 -20.94 9.70
N SER B 241 -5.18 -21.76 9.39
CA SER B 241 -5.38 -22.37 8.07
C SER B 241 -6.81 -22.07 7.63
N ALA B 242 -7.00 -21.46 6.46
CA ALA B 242 -8.35 -21.03 6.09
C ALA B 242 -8.62 -21.04 4.59
N TYR B 243 -9.87 -21.35 4.23
CA TYR B 243 -10.32 -21.26 2.87
C TYR B 243 -11.30 -20.09 2.68
N SER B 244 -11.38 -19.22 3.69
CA SER B 244 -12.34 -18.11 3.65
C SER B 244 -11.75 -16.77 4.12
N VAL B 245 -10.43 -16.70 4.26
CA VAL B 245 -9.75 -15.41 4.43
C VAL B 245 -8.50 -15.39 3.58
N ASN B 246 -8.01 -14.21 3.21
CA ASN B 246 -6.72 -14.12 2.54
C ASN B 246 -5.66 -13.65 3.52
N CYS B 247 -4.72 -14.55 3.82
CA CYS B 247 -3.59 -14.23 4.67
C CYS B 247 -2.39 -15.06 4.24
N ASN B 248 -1.19 -14.52 4.47
CA ASN B 248 0.03 -15.21 4.12
C ASN B 248 1.18 -14.53 4.87
N ARG B 249 1.51 -15.04 6.05
CA ARG B 249 2.46 -14.31 6.89
C ARG B 249 2.94 -15.16 8.05
N TYR B 250 4.08 -14.75 8.60
CA TYR B 250 4.49 -15.26 9.90
C TYR B 250 5.37 -14.27 10.62
N ARG B 251 5.35 -14.35 11.94
CA ARG B 251 6.29 -13.62 12.77
C ARG B 251 6.88 -14.63 13.74
N VAL B 252 8.19 -14.62 13.90
CA VAL B 252 8.82 -15.48 14.91
C VAL B 252 9.48 -14.54 15.91
N SER B 253 9.29 -14.82 17.21
CA SER B 253 9.71 -13.90 18.25
C SER B 253 10.51 -14.61 19.34
N GLY B 254 11.50 -13.90 19.88
CA GLY B 254 12.28 -14.35 21.04
C GLY B 254 12.45 -13.19 21.99
N PRO B 255 13.12 -13.42 23.13
CA PRO B 255 13.30 -12.32 24.08
C PRO B 255 14.10 -11.14 23.52
N LYS B 256 14.90 -11.37 22.49
CA LYS B 256 15.73 -10.28 21.96
C LYS B 256 15.03 -9.49 20.85
N GLY B 257 13.91 -10.02 20.34
CA GLY B 257 13.21 -9.33 19.28
C GLY B 257 12.49 -10.27 18.34
N TRP B 258 12.06 -9.75 17.20
CA TRP B 258 11.30 -10.57 16.28
C TRP B 258 11.52 -10.20 14.82
N VAL B 259 11.14 -11.12 13.94
CA VAL B 259 11.15 -10.87 12.52
C VAL B 259 9.88 -11.43 11.90
N GLU B 260 9.34 -10.71 10.93
CA GLU B 260 8.12 -11.16 10.28
C GLU B 260 8.26 -10.97 8.78
N ILE B 261 7.51 -11.78 8.03
CA ILE B 261 7.42 -11.63 6.58
C ILE B 261 5.94 -11.63 6.23
N ASP B 262 5.51 -10.69 5.38
CA ASP B 262 4.10 -10.55 5.01
C ASP B 262 4.05 -9.75 3.71
N PRO B 263 3.72 -10.40 2.58
CA PRO B 263 3.40 -11.82 2.43
C PRO B 263 4.64 -12.70 2.60
N ALA B 264 4.46 -13.90 3.14
CA ALA B 264 5.60 -14.74 3.52
C ALA B 264 5.97 -15.78 2.47
N THR B 265 4.98 -16.49 1.95
CA THR B 265 5.26 -17.64 1.11
C THR B 265 4.56 -17.51 -0.25
N SER B 266 4.28 -16.26 -0.63
CA SER B 266 3.65 -15.99 -1.91
C SER B 266 4.61 -16.24 -3.09
N TYR B 267 4.08 -16.22 -4.30
CA TYR B 267 4.90 -16.35 -5.51
C TYR B 267 5.93 -15.22 -5.62
N GLN B 268 5.54 -14.03 -5.22
CA GLN B 268 6.43 -12.88 -5.21
C GLN B 268 5.91 -11.87 -4.21
N GLY B 269 6.63 -10.76 -4.04
CA GLY B 269 6.14 -9.67 -3.22
C GLY B 269 6.48 -9.71 -1.75
N GLN B 270 7.30 -10.69 -1.34
CA GLN B 270 7.71 -10.80 0.06
C GLN B 270 8.24 -9.50 0.62
N ALA B 271 7.83 -9.16 1.83
CA ALA B 271 8.37 -8.01 2.52
C ALA B 271 8.61 -8.38 3.98
N MET B 272 9.82 -8.11 4.46
CA MET B 272 10.21 -8.48 5.82
C MET B 272 10.39 -7.25 6.71
N ARG B 273 9.95 -7.36 7.97
CA ARG B 273 10.22 -6.36 9.01
C ARG B 273 10.91 -7.07 10.17
N ALA B 274 11.82 -6.37 10.84
CA ALA B 274 12.42 -6.93 12.05
C ALA B 274 12.42 -5.91 13.18
N GLN B 275 12.27 -6.41 14.41
CA GLN B 275 12.30 -5.55 15.57
C GLN B 275 13.44 -6.05 16.42
N LEU B 276 14.60 -5.43 16.27
CA LEU B 276 15.81 -5.85 16.97
C LEU B 276 16.51 -4.60 17.50
N GLY B 277 16.43 -4.37 18.80
CA GLY B 277 17.08 -3.24 19.44
C GLY B 277 16.47 -1.87 19.20
N GLY B 278 15.38 -1.82 18.46
CA GLY B 278 14.70 -0.57 18.20
C GLY B 278 13.31 -0.87 17.72
N PRO B 279 12.53 0.16 17.35
CA PRO B 279 11.21 -0.13 16.78
C PRO B 279 11.35 -0.93 15.48
N PRO B 280 10.26 -1.58 15.04
CA PRO B 280 10.35 -2.40 13.82
C PRO B 280 10.85 -1.60 12.61
N ALA B 281 11.61 -2.24 11.74
CA ALA B 281 12.04 -1.62 10.49
C ALA B 281 12.09 -2.66 9.37
N PRO B 282 11.84 -2.21 8.12
CA PRO B 282 12.03 -3.12 7.00
C PRO B 282 13.45 -3.64 6.97
N ARG B 283 13.60 -4.88 6.52
CA ARG B 283 14.91 -5.49 6.39
C ARG B 283 15.00 -6.17 5.03
N GLU B 284 16.04 -5.83 4.27
CA GLU B 284 16.27 -6.48 2.99
C GLU B 284 17.10 -7.73 3.20
N PRO B 285 16.68 -8.85 2.60
CA PRO B 285 17.40 -10.11 2.83
C PRO B 285 18.61 -10.20 1.91
N ALA B 286 19.53 -11.10 2.24
CA ALA B 286 20.59 -11.45 1.31
C ALA B 286 19.95 -11.94 0.02
N PRO B 287 20.41 -11.43 -1.12
CA PRO B 287 19.78 -11.84 -2.37
C PRO B 287 20.07 -13.29 -2.67
N GLN B 288 19.16 -13.96 -3.39
CA GLN B 288 19.41 -15.30 -3.86
C GLN B 288 19.75 -15.22 -5.34
N PRO B 289 20.69 -16.04 -5.79
CA PRO B 289 21.11 -16.05 -7.20
C PRO B 289 19.94 -16.28 -8.18
N LYS B 290 18.99 -17.13 -7.80
CA LYS B 290 17.87 -17.47 -8.67
C LYS B 290 16.53 -17.33 -7.93
N ASN B 291 15.45 -17.20 -8.69
CA ASN B 291 14.11 -17.15 -8.09
C ASN B 291 13.80 -18.48 -7.39
N GLN B 292 12.81 -18.47 -6.50
CA GLN B 292 12.56 -19.63 -5.64
C GLN B 292 12.18 -20.90 -6.43
N PHE B 293 11.52 -20.75 -7.57
CA PHE B 293 11.09 -21.89 -8.36
C PHE B 293 12.28 -22.53 -9.06
N SER B 294 13.05 -21.72 -9.79
CA SER B 294 14.25 -22.20 -10.47
C SER B 294 15.26 -22.77 -9.48
N ALA B 295 15.36 -22.15 -8.31
CA ALA B 295 16.27 -22.63 -7.27
C ALA B 295 15.83 -24.01 -6.75
N GLN B 296 14.53 -24.20 -6.60
CA GLN B 296 13.97 -25.49 -6.16
C GLN B 296 14.30 -26.60 -7.18
N LEU B 297 14.02 -26.31 -8.45
CA LEU B 297 14.30 -27.24 -9.54
C LEU B 297 15.78 -27.62 -9.60
N ASP B 298 16.65 -26.61 -9.53
CA ASP B 298 18.09 -26.83 -9.58
C ASP B 298 18.63 -27.57 -8.35
N HIS B 299 17.99 -27.37 -7.20
CA HIS B 299 18.47 -28.04 -5.98
C HIS B 299 18.39 -29.56 -6.12
N LEU B 300 17.29 -30.08 -6.66
CA LEU B 300 17.19 -31.53 -6.87
C LEU B 300 18.23 -32.01 -7.87
N SER B 301 18.38 -31.26 -8.95
CA SER B 301 19.35 -31.59 -9.99
C SER B 301 20.77 -31.63 -9.42
N GLU B 302 21.12 -30.61 -8.66
CA GLU B 302 22.44 -30.53 -8.03
C GLU B 302 22.67 -31.65 -7.01
N CYS B 303 21.61 -32.04 -6.31
CA CYS B 303 21.73 -33.15 -5.37
C CYS B 303 22.01 -34.46 -6.09
N ILE B 304 21.40 -34.64 -7.25
CA ILE B 304 21.61 -35.85 -8.02
C ILE B 304 23.03 -35.85 -8.59
N LEU B 305 23.45 -34.70 -9.10
CA LEU B 305 24.76 -34.55 -9.72
C LEU B 305 25.91 -34.69 -8.71
N THR B 306 25.69 -34.29 -7.46
CA THR B 306 26.76 -34.31 -6.48
C THR B 306 26.56 -35.38 -5.41
N GLY B 307 25.43 -36.09 -5.48
CA GLY B 307 25.17 -37.16 -4.54
C GLY B 307 24.84 -36.69 -3.14
N ARG B 308 24.13 -35.55 -3.03
CA ARG B 308 23.68 -35.06 -1.73
C ARG B 308 22.19 -35.34 -1.53
N GLU B 309 21.75 -35.22 -0.29
CA GLU B 309 20.34 -35.35 0.05
C GLU B 309 19.65 -34.00 -0.07
N PRO B 310 18.46 -33.97 -0.68
CA PRO B 310 17.69 -32.72 -0.72
C PRO B 310 17.40 -32.20 0.70
N ILE B 311 17.38 -30.89 0.88
CA ILE B 311 17.14 -30.32 2.21
C ILE B 311 15.65 -30.45 2.56
N VAL B 312 14.82 -30.75 1.56
CA VAL B 312 13.42 -31.01 1.81
C VAL B 312 13.03 -32.31 1.13
N GLY B 313 13.54 -33.41 1.69
CA GLY B 313 13.29 -34.72 1.13
C GLY B 313 11.95 -35.30 1.55
N GLY B 314 11.71 -36.56 1.22
CA GLY B 314 10.47 -37.23 1.57
C GLY B 314 10.19 -37.20 3.05
N ASP B 315 11.23 -37.25 3.87
CA ASP B 315 11.04 -37.24 5.31
C ASP B 315 10.43 -35.91 5.78
N ASP B 316 10.73 -34.82 5.06
CA ASP B 316 10.17 -33.52 5.42
C ASP B 316 8.67 -33.54 5.17
N GLY B 317 8.27 -34.08 4.03
CA GLY B 317 6.86 -34.18 3.70
C GLY B 317 6.14 -35.09 4.67
N LEU B 318 6.82 -36.14 5.09
CA LEU B 318 6.26 -37.11 6.05
C LEU B 318 6.05 -36.48 7.42
N LYS B 319 7.02 -35.70 7.88
CA LYS B 319 6.91 -35.03 9.17
C LYS B 319 5.73 -34.08 9.21
N ASP B 320 5.44 -33.42 8.07
CA ASP B 320 4.24 -32.58 8.00
C ASP B 320 2.98 -33.41 8.11
N LEU B 321 2.90 -34.53 7.39
CA LEU B 321 1.67 -35.34 7.44
C LEU B 321 1.44 -35.90 8.85
N ARG B 322 2.52 -36.24 9.54
CA ARG B 322 2.41 -36.68 10.95
C ARG B 322 1.67 -35.66 11.80
N VAL B 323 2.06 -34.39 11.68
CA VAL B 323 1.45 -33.34 12.48
C VAL B 323 0.04 -33.05 11.97
N ILE B 324 -0.14 -33.08 10.64
CA ILE B 324 -1.47 -32.87 10.09
C ILE B 324 -2.48 -33.91 10.61
N GLU B 325 -2.05 -35.16 10.69
CA GLU B 325 -2.95 -36.18 11.25
C GLU B 325 -3.33 -35.86 12.70
N ALA B 326 -2.36 -35.36 13.44
CA ALA B 326 -2.58 -35.00 14.83
C ALA B 326 -3.48 -33.77 14.96
N ILE B 327 -3.34 -32.81 14.05
CA ILE B 327 -4.16 -31.60 14.06
C ILE B 327 -5.62 -31.95 13.82
N TYR B 328 -5.87 -32.76 12.80
CA TYR B 328 -7.23 -33.21 12.53
C TYR B 328 -7.79 -33.97 13.75
N ARG B 329 -6.96 -34.81 14.37
CA ARG B 329 -7.42 -35.57 15.53
C ARG B 329 -7.75 -34.64 16.71
N ALA B 330 -6.92 -33.63 16.92
CA ALA B 330 -7.12 -32.71 18.03
C ALA B 330 -8.43 -31.94 17.88
N ALA B 331 -8.75 -31.57 16.64
CA ALA B 331 -10.00 -30.84 16.36
C ALA B 331 -11.20 -31.78 16.52
N ARG B 332 -11.05 -32.99 16.03
CA ARG B 332 -12.09 -34.01 16.14
C ARG B 332 -12.40 -34.35 17.59
N GLU B 333 -11.36 -34.60 18.39
CA GLU B 333 -11.56 -35.08 19.74
C GLU B 333 -11.60 -33.98 20.80
N GLY B 334 -11.34 -32.73 20.40
CA GLY B 334 -11.34 -31.64 21.36
C GLY B 334 -10.36 -31.82 22.50
N ARG B 335 -9.14 -32.23 22.19
CA ARG B 335 -8.13 -32.43 23.22
C ARG B 335 -6.73 -32.18 22.67
N THR B 336 -5.78 -31.96 23.57
CA THR B 336 -4.38 -31.82 23.17
C THR B 336 -3.83 -33.19 22.76
N VAL B 337 -3.33 -33.29 21.55
CA VAL B 337 -2.79 -34.56 21.05
C VAL B 337 -1.26 -34.58 21.17
N LYS B 338 -0.71 -35.62 21.79
CA LYS B 338 0.74 -35.71 21.97
C LYS B 338 1.40 -36.41 20.82
N LEU B 339 2.58 -35.93 20.44
CA LEU B 339 3.40 -36.55 19.41
C LEU B 339 4.74 -37.04 19.98
N ARG C 5 -17.12 38.62 4.72
CA ARG C 5 -16.24 39.49 5.50
C ARG C 5 -14.77 39.36 5.05
N LYS C 6 -14.34 40.28 4.20
CA LYS C 6 -13.01 40.20 3.61
C LYS C 6 -12.16 41.44 3.91
N LEU C 7 -10.90 41.21 4.26
CA LEU C 7 -9.99 42.34 4.49
C LEU C 7 -9.31 42.72 3.18
N GLY C 8 -9.01 44.00 3.03
CA GLY C 8 -8.45 44.50 1.79
C GLY C 8 -6.94 44.49 1.78
N TYR C 9 -6.36 44.01 0.69
CA TYR C 9 -4.91 43.96 0.51
C TYR C 9 -4.42 45.02 -0.44
N ALA C 10 -3.36 45.72 -0.04
CA ALA C 10 -2.59 46.52 -0.94
C ALA C 10 -1.32 45.75 -1.29
N ILE C 11 -1.12 45.47 -2.58
CA ILE C 11 0.07 44.78 -3.04
C ILE C 11 1.15 45.80 -3.41
N LEU C 12 2.29 45.71 -2.74
CA LEU C 12 3.35 46.72 -2.93
C LEU C 12 4.57 46.10 -3.60
N GLY C 13 4.85 46.55 -4.81
CA GLY C 13 5.96 46.06 -5.59
C GLY C 13 5.47 45.08 -6.62
N LEU C 14 5.10 45.60 -7.79
CA LEU C 14 4.42 44.79 -8.78
C LEU C 14 5.43 44.06 -9.67
N GLY C 15 6.18 43.15 -9.06
CA GLY C 15 7.19 42.40 -9.79
C GLY C 15 6.70 40.99 -10.11
N TYR C 16 7.62 40.06 -10.31
CA TYR C 16 7.25 38.71 -10.74
C TYR C 16 6.31 38.02 -9.76
N TYR C 17 6.70 37.97 -8.48
CA TYR C 17 5.92 37.19 -7.53
C TYR C 17 4.56 37.82 -7.33
N ALA C 18 4.52 39.13 -7.18
CA ALA C 18 3.26 39.84 -6.97
C ALA C 18 2.27 39.63 -8.12
N THR C 19 2.73 39.76 -9.36
CA THR C 19 1.83 39.79 -10.53
C THR C 19 1.56 38.41 -11.11
N ARG C 20 2.60 37.58 -11.19
CA ARG C 20 2.47 36.24 -11.77
C ARG C 20 1.87 35.23 -10.79
N ILE C 21 2.19 35.36 -9.51
CA ILE C 21 1.81 34.32 -8.56
C ILE C 21 0.75 34.75 -7.56
N ILE C 22 0.96 35.88 -6.88
CA ILE C 22 0.05 36.24 -5.77
C ILE C 22 -1.29 36.82 -6.22
N MET C 23 -1.28 37.81 -7.09
CA MET C 23 -2.52 38.51 -7.37
C MET C 23 -3.63 37.64 -7.98
N PRO C 24 -3.27 36.65 -8.86
CA PRO C 24 -4.35 35.76 -9.32
C PRO C 24 -4.99 34.93 -8.22
N ARG C 25 -4.33 34.78 -7.08
CA ARG C 25 -4.79 33.84 -6.09
C ARG C 25 -5.78 34.45 -5.10
N PHE C 26 -6.08 35.73 -5.26
CA PHE C 26 -7.16 36.32 -4.47
C PHE C 26 -8.50 35.71 -4.84
N ALA C 27 -8.58 35.15 -6.04
CA ALA C 27 -9.79 34.48 -6.50
C ALA C 27 -10.29 33.43 -5.49
N GLU C 28 -9.39 32.58 -5.00
CA GLU C 28 -9.79 31.51 -4.12
C GLU C 28 -9.86 31.92 -2.64
N CYS C 29 -9.48 33.14 -2.32
CA CYS C 29 -9.57 33.63 -0.94
C CYS C 29 -11.01 33.80 -0.50
N GLU C 30 -11.27 33.49 0.77
CA GLU C 30 -12.59 33.69 1.34
C GLU C 30 -12.65 34.87 2.32
N HIS C 31 -11.50 35.35 2.76
CA HIS C 31 -11.47 36.43 3.75
C HIS C 31 -10.56 37.58 3.32
N SER C 32 -10.16 37.58 2.05
CA SER C 32 -9.20 38.55 1.55
C SER C 32 -9.60 39.01 0.16
N ARG C 33 -9.38 40.29 -0.14
CA ARG C 33 -9.66 40.82 -1.46
C ARG C 33 -8.55 41.78 -1.86
N LEU C 34 -8.32 41.92 -3.16
CA LEU C 34 -7.33 42.87 -3.66
C LEU C 34 -7.95 44.26 -3.70
N ALA C 35 -7.38 45.20 -2.96
CA ALA C 35 -8.00 46.52 -2.75
C ALA C 35 -7.16 47.67 -3.31
N ALA C 36 -5.84 47.53 -3.30
CA ALA C 36 -4.98 48.61 -3.78
C ALA C 36 -3.71 48.10 -4.42
N LEU C 37 -3.10 48.96 -5.23
CA LEU C 37 -1.82 48.68 -5.85
C LEU C 37 -0.81 49.77 -5.49
N VAL C 38 0.42 49.37 -5.19
CA VAL C 38 1.48 50.33 -4.87
C VAL C 38 2.72 50.00 -5.68
N SER C 39 3.14 50.92 -6.55
CA SER C 39 4.18 50.60 -7.52
C SER C 39 5.01 51.82 -7.93
N GLY C 40 6.26 51.59 -8.31
CA GLY C 40 7.13 52.66 -8.75
C GLY C 40 7.12 52.76 -10.26
N THR C 41 6.18 52.05 -10.89
CA THR C 41 6.07 52.04 -12.35
C THR C 41 4.64 52.36 -12.74
N PRO C 42 4.41 53.60 -13.23
CA PRO C 42 3.09 54.08 -13.63
C PRO C 42 2.36 53.13 -14.59
N GLU C 43 3.07 52.56 -15.56
CA GLU C 43 2.47 51.63 -16.52
C GLU C 43 1.85 50.40 -15.83
N LYS C 44 2.52 49.90 -14.79
CA LYS C 44 2.02 48.74 -14.06
C LYS C 44 0.76 49.09 -13.30
N LEU C 45 0.71 50.31 -12.77
CA LEU C 45 -0.47 50.74 -12.03
C LEU C 45 -1.67 50.80 -12.96
N LYS C 46 -1.42 51.15 -14.21
CA LYS C 46 -2.49 51.23 -15.19
C LYS C 46 -2.88 49.83 -15.68
N THR C 47 -1.88 49.06 -16.10
CA THR C 47 -2.12 47.69 -16.57
C THR C 47 -2.86 46.83 -15.55
N TYR C 48 -2.31 46.71 -14.35
CA TYR C 48 -2.91 45.82 -13.35
C TYR C 48 -4.12 46.45 -12.71
N GLY C 49 -4.18 47.77 -12.69
CA GLY C 49 -5.36 48.46 -12.17
C GLY C 49 -6.58 48.21 -13.03
N GLU C 50 -6.38 48.25 -14.33
CA GLU C 50 -7.47 47.98 -15.27
C GLU C 50 -7.83 46.51 -15.23
N GLN C 51 -6.82 45.65 -15.29
CA GLN C 51 -7.04 44.20 -15.27
C GLN C 51 -7.81 43.73 -14.03
N TYR C 52 -7.50 44.28 -12.87
CA TYR C 52 -8.12 43.79 -11.63
C TYR C 52 -9.24 44.67 -11.08
N GLY C 53 -9.60 45.71 -11.83
CA GLY C 53 -10.71 46.57 -11.43
C GLY C 53 -10.39 47.41 -10.22
N ILE C 54 -9.18 47.97 -10.22
CA ILE C 54 -8.72 48.80 -9.12
C ILE C 54 -8.80 50.28 -9.52
N PRO C 55 -9.64 51.06 -8.83
CA PRO C 55 -9.87 52.46 -9.20
C PRO C 55 -8.59 53.28 -9.04
N GLU C 56 -8.47 54.37 -9.79
CA GLU C 56 -7.25 55.17 -9.75
C GLU C 56 -7.00 55.74 -8.36
N THR C 57 -8.07 55.89 -7.58
CA THR C 57 -7.94 56.34 -6.20
C THR C 57 -7.22 55.32 -5.32
N HIS C 58 -7.15 54.07 -5.78
CA HIS C 58 -6.55 53.00 -4.99
C HIS C 58 -5.24 52.53 -5.63
N ARG C 59 -4.70 53.35 -6.52
CA ARG C 59 -3.37 53.12 -7.07
C ARG C 59 -2.42 54.15 -6.49
N TYR C 60 -1.31 53.68 -5.94
CA TYR C 60 -0.34 54.57 -5.32
C TYR C 60 1.03 54.37 -5.94
N SER C 61 1.85 55.43 -5.91
CA SER C 61 3.25 55.26 -6.24
C SER C 61 4.02 55.18 -4.94
N TYR C 62 5.33 54.98 -4.99
CA TYR C 62 6.11 55.02 -3.77
C TYR C 62 6.10 56.45 -3.24
N GLU C 63 6.04 57.41 -4.16
CA GLU C 63 6.00 58.82 -3.82
C GLU C 63 4.74 59.17 -3.01
N THR C 64 3.62 58.52 -3.31
CA THR C 64 2.35 58.85 -2.65
C THR C 64 1.84 57.79 -1.66
N PHE C 65 2.62 56.72 -1.45
CA PHE C 65 2.20 55.58 -0.63
C PHE C 65 1.70 55.95 0.75
N ASP C 66 2.33 56.93 1.40
CA ASP C 66 1.97 57.26 2.78
C ASP C 66 0.53 57.74 2.91
N ARG C 67 -0.05 58.22 1.80
CA ARG C 67 -1.44 58.66 1.78
C ARG C 67 -2.42 57.51 1.99
N ILE C 68 -1.94 56.27 1.89
CA ILE C 68 -2.81 55.12 2.03
C ILE C 68 -3.40 55.08 3.42
N ILE C 69 -2.84 55.86 4.34
CA ILE C 69 -3.38 55.95 5.71
C ILE C 69 -4.85 56.37 5.71
N ASP C 70 -5.28 57.08 4.68
CA ASP C 70 -6.66 57.60 4.61
C ASP C 70 -7.58 56.68 3.80
N ASN C 71 -7.07 55.52 3.42
CA ASN C 71 -7.84 54.58 2.63
C ASN C 71 -8.33 53.42 3.49
N PRO C 72 -9.61 53.46 3.88
CA PRO C 72 -10.14 52.45 4.79
C PRO C 72 -10.43 51.12 4.10
N ASP C 73 -10.35 51.08 2.79
CA ASP C 73 -10.51 49.81 2.06
C ASP C 73 -9.28 48.93 2.22
N VAL C 74 -8.17 49.54 2.62
CA VAL C 74 -6.91 48.83 2.78
C VAL C 74 -6.68 48.47 4.24
N ASP C 75 -6.64 47.17 4.53
CA ASP C 75 -6.37 46.69 5.88
C ASP C 75 -4.93 46.21 6.03
N ILE C 76 -4.37 45.70 4.93
CA ILE C 76 -3.08 45.04 4.93
C ILE C 76 -2.22 45.48 3.76
N VAL C 77 -0.93 45.69 4.03
CA VAL C 77 0.04 45.92 2.97
C VAL C 77 0.91 44.66 2.82
N TYR C 78 1.07 44.23 1.58
CA TYR C 78 1.89 43.06 1.27
C TYR C 78 3.13 43.56 0.52
N VAL C 79 4.27 43.53 1.21
CA VAL C 79 5.51 44.05 0.67
C VAL C 79 6.22 42.97 -0.16
N ILE C 80 6.33 43.17 -1.47
CA ILE C 80 6.95 42.17 -2.36
C ILE C 80 8.05 42.79 -3.22
N THR C 81 8.99 43.43 -2.53
CA THR C 81 10.09 44.16 -3.13
C THR C 81 11.42 43.42 -2.93
N PRO C 82 12.51 43.93 -3.52
CA PRO C 82 13.80 43.36 -3.10
C PRO C 82 13.99 43.44 -1.58
N ASN C 83 14.85 42.56 -1.05
CA ASN C 83 14.96 42.33 0.38
C ASN C 83 15.33 43.56 1.22
N SER C 84 16.22 44.41 0.71
CA SER C 84 16.68 45.55 1.52
C SER C 84 15.57 46.58 1.72
N LEU C 85 14.49 46.46 0.95
CA LEU C 85 13.40 47.41 1.06
C LEU C 85 12.24 46.88 1.90
N HIS C 86 12.36 45.64 2.37
CA HIS C 86 11.30 45.09 3.23
C HIS C 86 11.09 45.94 4.48
N ARG C 87 12.18 46.31 5.14
CA ARG C 87 12.08 47.11 6.36
C ARG C 87 11.47 48.51 6.12
N PRO C 88 12.01 49.30 5.16
CA PRO C 88 11.43 50.62 4.95
C PRO C 88 9.92 50.59 4.65
N PHE C 89 9.48 49.68 3.78
CA PHE C 89 8.07 49.66 3.44
C PHE C 89 7.21 49.08 4.55
N THR C 90 7.78 48.18 5.35
CA THR C 90 7.07 47.67 6.52
C THR C 90 6.86 48.78 7.55
N GLU C 91 7.91 49.56 7.80
CA GLU C 91 7.81 50.71 8.71
C GLU C 91 6.78 51.73 8.23
N ARG C 92 6.79 52.04 6.94
CA ARG C 92 5.85 53.01 6.39
C ARG C 92 4.41 52.48 6.41
N ALA C 93 4.25 51.19 6.17
CA ALA C 93 2.93 50.56 6.21
C ALA C 93 2.36 50.65 7.61
N ALA C 94 3.19 50.32 8.61
CA ALA C 94 2.77 50.37 10.01
C ALA C 94 2.41 51.79 10.43
N ARG C 95 3.17 52.77 9.97
CA ARG C 95 2.88 54.16 10.26
C ARG C 95 1.56 54.60 9.59
N ALA C 96 1.25 53.97 8.45
CA ALA C 96 -0.01 54.24 7.76
C ALA C 96 -1.17 53.46 8.35
N GLY C 97 -0.94 52.82 9.49
CA GLY C 97 -1.99 52.11 10.21
C GLY C 97 -2.38 50.77 9.61
N LYS C 98 -1.55 50.21 8.73
CA LYS C 98 -1.87 48.94 8.08
C LYS C 98 -1.14 47.74 8.71
N HIS C 99 -1.80 46.60 8.75
CA HIS C 99 -1.14 45.34 9.06
C HIS C 99 -0.21 44.97 7.90
N VAL C 100 0.79 44.14 8.17
CA VAL C 100 1.80 43.88 7.16
C VAL C 100 2.02 42.39 6.91
N MET C 101 1.97 42.01 5.64
CA MET C 101 2.49 40.74 5.14
C MET C 101 3.81 41.06 4.46
N CYS C 102 4.89 40.44 4.93
CA CYS C 102 6.20 40.73 4.35
C CYS C 102 6.81 39.48 3.72
N GLU C 103 7.30 39.58 2.49
CA GLU C 103 7.88 38.40 1.84
C GLU C 103 9.18 37.98 2.55
N LYS C 104 9.57 36.72 2.35
CA LYS C 104 10.87 36.23 2.80
C LYS C 104 11.96 36.63 1.81
N PRO C 105 13.24 36.68 2.24
CA PRO C 105 13.67 36.67 3.64
C PRO C 105 13.15 37.95 4.28
N MET C 106 12.89 37.93 5.58
CA MET C 106 12.23 39.05 6.24
C MET C 106 12.95 40.38 5.99
N ALA C 107 14.26 40.38 6.19
CA ALA C 107 15.09 41.55 5.89
C ALA C 107 16.54 41.11 5.73
N ASN C 108 17.44 42.05 5.46
CA ASN C 108 18.83 41.69 5.21
C ASN C 108 19.58 41.25 6.46
N THR C 109 19.19 41.78 7.62
CA THR C 109 19.91 41.49 8.87
C THR C 109 18.97 41.24 10.05
N VAL C 110 19.51 40.64 11.10
CA VAL C 110 18.80 40.48 12.36
C VAL C 110 18.29 41.83 12.92
N ALA C 111 19.15 42.84 12.89
CA ALA C 111 18.77 44.16 13.40
C ALA C 111 17.56 44.74 12.64
N ASP C 112 17.52 44.55 11.32
CA ASP C 112 16.39 45.03 10.53
C ASP C 112 15.10 44.32 10.96
N CYS C 113 15.21 43.02 11.21
CA CYS C 113 14.03 42.24 11.61
C CYS C 113 13.48 42.73 12.95
N GLU C 114 14.38 42.93 13.91
CA GLU C 114 13.99 43.44 15.22
C GLU C 114 13.32 44.80 15.09
N ALA C 115 13.85 45.64 14.20
CA ALA C 115 13.28 46.97 14.00
C ALA C 115 11.87 46.87 13.39
N MET C 116 11.68 45.93 12.46
CA MET C 116 10.36 45.74 11.87
C MET C 116 9.35 45.27 12.90
N ILE C 117 9.75 44.31 13.72
CA ILE C 117 8.88 43.79 14.78
C ILE C 117 8.48 44.90 15.75
N ALA C 118 9.46 45.72 16.13
CA ALA C 118 9.20 46.85 17.04
C ALA C 118 8.24 47.86 16.42
N ALA C 119 8.39 48.14 15.13
CA ALA C 119 7.58 49.14 14.45
C ALA C 119 6.11 48.74 14.37
N CYS C 120 5.86 47.46 14.10
CA CYS C 120 4.50 46.95 14.02
C CYS C 120 3.88 46.86 15.41
N LYS C 121 4.66 46.43 16.39
CA LYS C 121 4.22 46.41 17.77
C LYS C 121 3.85 47.82 18.25
N LYS C 122 4.65 48.82 17.87
CA LYS C 122 4.37 50.21 18.24
C LYS C 122 3.05 50.68 17.62
N ALA C 123 2.83 50.32 16.36
CA ALA C 123 1.60 50.66 15.65
C ALA C 123 0.42 49.77 16.04
N GLY C 124 0.66 48.79 16.90
CA GLY C 124 -0.36 47.81 17.23
C GLY C 124 -0.92 47.11 16.00
N ARG C 125 -0.03 46.79 15.06
CA ARG C 125 -0.42 46.11 13.84
C ARG C 125 0.26 44.74 13.77
N LYS C 126 -0.41 43.79 13.12
CA LYS C 126 0.12 42.44 13.02
C LYS C 126 1.13 42.35 11.88
N LEU C 127 2.08 41.45 12.06
CA LEU C 127 3.15 41.27 11.08
C LEU C 127 3.26 39.78 10.75
N MET C 128 3.21 39.44 9.47
CA MET C 128 3.35 38.05 9.05
C MET C 128 4.36 37.93 7.92
N ILE C 129 5.17 36.88 7.95
CA ILE C 129 6.14 36.63 6.89
C ILE C 129 5.58 35.60 5.90
N GLY C 130 5.87 35.77 4.62
CA GLY C 130 5.27 34.94 3.58
C GLY C 130 5.83 33.54 3.44
N TYR C 131 5.80 32.75 4.51
CA TYR C 131 6.26 31.37 4.43
C TYR C 131 5.09 30.47 3.99
N ARG C 132 4.74 30.56 2.71
CA ARG C 132 3.57 29.84 2.16
C ARG C 132 3.59 28.33 2.40
N SER C 133 4.77 27.76 2.53
CA SER C 133 4.91 26.31 2.67
C SER C 133 4.18 25.81 3.91
N ARG C 134 4.01 26.67 4.91
CA ARG C 134 3.29 26.26 6.12
C ARG C 134 1.78 26.09 5.87
N PHE C 135 1.32 26.46 4.69
CA PHE C 135 -0.09 26.31 4.32
C PHE C 135 -0.27 25.33 3.17
N GLN C 136 0.81 24.63 2.82
CA GLN C 136 0.83 23.77 1.66
C GLN C 136 0.54 22.33 2.11
N ALA C 137 -0.28 21.60 1.35
CA ALA C 137 -0.86 20.33 1.82
C ALA C 137 0.18 19.28 2.23
N HIS C 138 1.17 19.07 1.36
CA HIS C 138 2.19 18.06 1.62
C HIS C 138 3.07 18.43 2.80
N ASN C 139 3.44 19.71 2.90
CA ASN C 139 4.19 20.18 4.05
C ASN C 139 3.43 20.01 5.37
N ILE C 140 2.15 20.33 5.37
CA ILE C 140 1.35 20.17 6.58
C ILE C 140 1.29 18.70 7.00
N GLU C 141 1.17 17.83 6.01
CA GLU C 141 1.12 16.38 6.25
C GLU C 141 2.43 15.88 6.87
N ALA C 142 3.56 16.40 6.38
CA ALA C 142 4.86 15.98 6.90
C ALA C 142 5.01 16.39 8.35
N ILE C 143 4.65 17.63 8.65
CA ILE C 143 4.65 18.13 10.02
C ILE C 143 3.72 17.28 10.89
N LYS C 144 2.56 16.93 10.35
CA LYS C 144 1.59 16.13 11.10
C LYS C 144 2.14 14.73 11.43
N LEU C 145 2.77 14.08 10.46
CA LEU C 145 3.42 12.80 10.70
C LEU C 145 4.48 12.84 11.80
N VAL C 146 5.32 13.88 11.78
CA VAL C 146 6.31 14.07 12.84
C VAL C 146 5.64 14.27 14.19
N ARG C 147 4.72 15.23 14.26
CA ARG C 147 4.09 15.54 15.55
C ARG C 147 3.26 14.38 16.08
N ASP C 148 2.67 13.56 15.20
CA ASP C 148 1.89 12.40 15.64
C ASP C 148 2.78 11.26 16.11
N GLY C 149 4.09 11.41 15.90
CA GLY C 149 5.03 10.39 16.35
C GLY C 149 5.17 9.23 15.39
N ALA C 150 4.74 9.43 14.14
CA ALA C 150 4.80 8.36 13.13
C ALA C 150 6.24 7.96 12.77
N LEU C 151 7.19 8.86 12.99
CA LEU C 151 8.58 8.57 12.63
C LEU C 151 9.40 8.19 13.84
N GLY C 152 8.81 8.34 15.02
CA GLY C 152 9.58 8.33 16.25
C GLY C 152 10.26 9.69 16.38
N PRO C 153 11.22 9.82 17.31
CA PRO C 153 11.97 11.08 17.46
C PRO C 153 12.67 11.45 16.15
N VAL C 154 12.63 12.71 15.74
CA VAL C 154 13.35 13.11 14.53
C VAL C 154 14.86 12.94 14.75
N ARG C 155 15.53 12.23 13.82
CA ARG C 155 16.97 12.06 13.93
C ARG C 155 17.69 12.88 12.86
N THR C 156 17.19 12.82 11.63
CA THR C 156 17.79 13.60 10.54
C THR C 156 16.75 14.33 9.69
N VAL C 157 17.12 15.52 9.24
CA VAL C 157 16.44 16.20 8.14
C VAL C 157 17.49 16.48 7.07
N VAL C 158 17.26 16.00 5.85
CA VAL C 158 18.18 16.29 4.76
C VAL C 158 17.38 17.08 3.73
N THR C 159 17.81 18.32 3.46
CA THR C 159 16.99 19.19 2.65
C THR C 159 17.87 20.02 1.72
N ASP C 160 17.47 20.13 0.46
CA ASP C 160 18.27 20.82 -0.57
C ASP C 160 17.38 21.78 -1.31
N HIS C 161 17.80 23.05 -1.40
CA HIS C 161 17.09 24.03 -2.19
C HIS C 161 18.08 24.83 -3.02
N GLY C 162 17.83 24.90 -4.32
CA GLY C 162 18.68 25.68 -5.19
C GLY C 162 18.06 25.80 -6.57
N PHE C 163 18.50 26.79 -7.33
CA PHE C 163 18.16 26.85 -8.75
C PHE C 163 19.32 27.48 -9.51
N THR C 164 19.41 27.20 -10.79
CA THR C 164 20.50 27.74 -11.59
C THR C 164 20.17 29.18 -11.98
N ILE C 165 20.71 30.13 -11.24
CA ILE C 165 20.33 31.53 -11.46
C ILE C 165 20.98 32.05 -12.76
N GLY C 166 20.29 32.98 -13.44
CA GLY C 166 20.72 33.44 -14.75
C GLY C 166 21.38 34.80 -14.81
N ASP C 167 20.60 35.82 -15.15
CA ASP C 167 21.08 37.19 -15.41
C ASP C 167 21.93 37.77 -14.28
N PRO C 168 23.22 38.02 -14.55
CA PRO C 168 24.11 38.59 -13.52
C PRO C 168 23.66 39.96 -13.01
N LYS C 169 22.76 40.63 -13.72
CA LYS C 169 22.43 42.01 -13.39
C LYS C 169 21.23 42.13 -12.45
N GLN C 170 20.54 41.02 -12.19
CA GLN C 170 19.34 41.06 -11.38
C GLN C 170 19.68 41.33 -9.90
N TRP C 171 18.70 41.84 -9.15
CA TRP C 171 18.97 42.33 -7.80
C TRP C 171 19.35 41.22 -6.84
N ARG C 172 18.91 39.98 -7.11
CA ARG C 172 19.27 38.85 -6.25
C ARG C 172 20.78 38.65 -6.19
N LEU C 173 21.50 39.15 -7.19
CA LEU C 173 22.94 38.96 -7.24
C LEU C 173 23.68 40.25 -6.86
N ASN C 174 22.90 41.22 -6.39
CA ASN C 174 23.42 42.47 -5.85
C ASN C 174 23.39 42.43 -4.31
N ARG C 175 24.55 42.50 -3.68
CA ARG C 175 24.60 42.29 -2.22
C ARG C 175 23.79 43.34 -1.46
N ALA C 176 23.84 44.59 -1.91
CA ALA C 176 23.14 45.66 -1.20
C ALA C 176 21.63 45.42 -1.16
N LEU C 177 21.06 44.97 -2.27
CA LEU C 177 19.62 44.79 -2.38
C LEU C 177 19.15 43.43 -1.84
N ALA C 178 19.95 42.39 -2.07
CA ALA C 178 19.55 41.03 -1.68
C ALA C 178 19.97 40.67 -0.26
N GLY C 179 21.08 41.24 0.21
CA GLY C 179 21.57 40.98 1.55
C GLY C 179 22.46 39.74 1.65
N GLY C 180 22.61 39.03 0.53
CA GLY C 180 23.38 37.80 0.50
C GLY C 180 22.94 36.98 -0.71
N GLY C 181 23.55 35.82 -0.90
CA GLY C 181 23.29 35.02 -2.09
C GLY C 181 22.20 33.97 -1.98
N SER C 182 22.51 32.74 -2.40
CA SER C 182 21.53 31.67 -2.43
C SER C 182 20.85 31.45 -1.06
N LEU C 183 21.58 31.62 0.04
CA LEU C 183 21.00 31.37 1.36
C LEU C 183 19.85 32.32 1.68
N MET C 184 20.01 33.59 1.30
CA MET C 184 18.95 34.58 1.54
C MET C 184 17.69 34.27 0.73
N ASP C 185 17.87 33.79 -0.49
CA ASP C 185 16.74 33.65 -1.42
C ASP C 185 16.10 32.28 -1.45
N ILE C 186 16.91 31.23 -1.40
CA ILE C 186 16.37 29.89 -1.67
C ILE C 186 16.82 28.91 -0.57
N GLY C 187 18.05 29.04 -0.09
CA GLY C 187 18.51 28.22 1.03
C GLY C 187 17.68 28.39 2.29
N ILE C 188 17.07 29.56 2.42
CA ILE C 188 16.19 29.82 3.55
C ILE C 188 15.04 28.79 3.65
N TYR C 189 14.60 28.22 2.53
CA TYR C 189 13.57 27.17 2.60
C TYR C 189 14.09 25.91 3.30
N SER C 190 15.37 25.61 3.08
CA SER C 190 16.01 24.49 3.76
C SER C 190 16.04 24.72 5.26
N LEU C 191 16.48 25.91 5.65
CA LEU C 191 16.51 26.29 7.06
C LEU C 191 15.11 26.28 7.69
N ASN C 192 14.17 26.96 7.03
CA ASN C 192 12.83 27.09 7.59
C ASN C 192 12.17 25.72 7.78
N ALA C 193 12.38 24.81 6.82
CA ALA C 193 11.85 23.44 6.91
C ALA C 193 12.51 22.64 8.03
N ALA C 194 13.83 22.75 8.17
CA ALA C 194 14.49 22.05 9.27
C ALA C 194 13.87 22.46 10.60
N ARG C 195 13.54 23.75 10.71
CA ARG C 195 12.93 24.27 11.92
C ARG C 195 11.47 23.79 12.10
N TYR C 196 10.63 23.86 11.08
CA TYR C 196 9.24 23.42 11.31
C TYR C 196 9.07 21.89 11.25
N LEU C 197 10.01 21.18 10.67
CA LEU C 197 9.93 19.71 10.74
C LEU C 197 10.37 19.18 12.10
N THR C 198 11.46 19.71 12.65
CA THR C 198 11.87 19.32 14.00
C THR C 198 10.95 19.93 15.06
N GLY C 199 10.40 21.10 14.74
CA GLY C 199 9.71 21.92 15.72
C GLY C 199 10.68 22.45 16.75
N GLU C 200 11.96 22.58 16.37
CA GLU C 200 12.99 23.02 17.31
C GLU C 200 13.78 24.17 16.71
N GLU C 201 14.60 24.80 17.56
CA GLU C 201 15.54 25.83 17.14
C GLU C 201 16.95 25.31 17.31
N PRO C 202 17.82 25.54 16.31
CA PRO C 202 19.15 24.92 16.36
C PRO C 202 20.05 25.49 17.47
N VAL C 203 20.95 24.66 17.99
CA VAL C 203 21.92 25.13 18.98
C VAL C 203 23.35 25.17 18.46
N ALA C 204 23.60 24.61 17.27
CA ALA C 204 24.94 24.65 16.68
C ALA C 204 24.84 24.57 15.17
N VAL C 205 25.79 25.21 14.50
CA VAL C 205 25.76 25.34 13.04
C VAL C 205 27.16 25.18 12.46
N ASN C 206 27.27 24.34 11.43
CA ASN C 206 28.45 24.29 10.56
C ASN C 206 28.10 24.80 9.17
N ALA C 207 29.06 25.33 8.44
CA ALA C 207 28.81 25.65 7.03
C ALA C 207 30.07 25.63 6.18
N VAL C 208 29.86 25.33 4.90
CA VAL C 208 30.89 25.36 3.86
C VAL C 208 30.37 26.24 2.73
N GLU C 209 31.14 27.23 2.32
CA GLU C 209 30.78 28.04 1.16
C GLU C 209 31.63 27.65 -0.05
N SER C 210 31.01 27.63 -1.23
CA SER C 210 31.75 27.37 -2.46
C SER C 210 31.24 28.27 -3.57
N THR C 211 32.06 29.24 -3.94
CA THR C 211 31.68 30.25 -4.90
C THR C 211 32.87 30.61 -5.79
N ASP C 212 32.65 30.59 -7.10
CA ASP C 212 33.67 31.09 -8.03
C ASP C 212 33.45 32.59 -8.24
N ARG C 213 34.28 33.39 -7.58
CA ARG C 213 34.15 34.84 -7.64
C ARG C 213 34.39 35.42 -9.04
N SER C 214 34.99 34.62 -9.93
CA SER C 214 35.26 35.08 -11.28
C SER C 214 34.08 34.80 -12.21
N ASP C 215 33.08 34.11 -11.68
CA ASP C 215 31.81 33.96 -12.37
C ASP C 215 31.09 35.31 -12.35
N PRO C 216 30.59 35.76 -13.51
CA PRO C 216 29.87 37.05 -13.62
C PRO C 216 28.70 37.20 -12.64
N ARG C 217 28.08 36.08 -12.30
CA ARG C 217 26.96 36.08 -11.38
C ARG C 217 27.38 36.32 -9.92
N PHE C 218 28.61 35.96 -9.57
CA PHE C 218 28.94 35.78 -8.15
C PHE C 218 30.06 36.67 -7.64
N GLY C 219 30.13 37.89 -8.16
CA GLY C 219 31.12 38.85 -7.68
C GLY C 219 30.80 39.39 -6.30
N GLU C 220 29.52 39.38 -5.92
CA GLU C 220 29.09 40.02 -4.67
C GLU C 220 28.48 39.05 -3.65
N VAL C 221 27.76 38.03 -4.14
CA VAL C 221 27.05 37.11 -3.25
C VAL C 221 27.46 35.66 -3.49
N GLU C 222 27.14 34.78 -2.55
CA GLU C 222 27.60 33.39 -2.63
C GLU C 222 26.73 32.52 -3.54
N ASP C 223 27.36 31.51 -4.12
CA ASP C 223 26.70 30.52 -4.95
C ASP C 223 26.18 29.39 -4.04
N ILE C 224 27.08 28.55 -3.58
CA ILE C 224 26.71 27.46 -2.69
C ILE C 224 27.12 27.76 -1.27
N ILE C 225 26.19 27.57 -0.32
CA ILE C 225 26.59 27.53 1.08
C ILE C 225 25.76 26.44 1.76
N ASN C 226 26.42 25.34 2.06
CA ASN C 226 25.75 24.20 2.67
C ASN C 226 25.95 24.24 4.16
N PHE C 227 24.94 23.83 4.93
CA PHE C 227 25.09 23.95 6.37
C PHE C 227 24.52 22.75 7.10
N GLN C 228 25.03 22.57 8.32
CA GLN C 228 24.57 21.54 9.24
C GLN C 228 23.98 22.21 10.46
N LEU C 229 22.88 21.65 10.97
CA LEU C 229 22.27 22.13 12.20
C LEU C 229 22.20 21.00 13.23
N LEU C 230 22.48 21.35 14.49
CA LEU C 230 22.22 20.46 15.61
C LEU C 230 21.11 21.08 16.47
N PHE C 231 20.16 20.26 16.90
CA PHE C 231 19.01 20.70 17.69
C PHE C 231 19.10 20.13 19.11
N PRO C 232 18.43 20.79 20.09
CA PRO C 232 18.49 20.33 21.49
C PRO C 232 18.14 18.86 21.70
N SER C 233 17.22 18.32 20.90
CA SER C 233 16.77 16.95 21.08
C SER C 233 17.80 15.94 20.61
N GLY C 234 18.80 16.42 19.90
CA GLY C 234 19.75 15.53 19.25
C GLY C 234 19.48 15.42 17.76
N ALA C 235 18.32 15.88 17.30
CA ALA C 235 18.03 15.89 15.86
C ALA C 235 19.10 16.68 15.09
N THR C 236 19.36 16.26 13.86
CA THR C 236 20.36 16.91 13.01
C THR C 236 19.75 17.25 11.66
N ALA C 237 20.34 18.24 10.98
CA ALA C 237 19.95 18.61 9.63
C ALA C 237 21.17 18.85 8.76
N ASN C 238 21.13 18.31 7.55
CA ASN C 238 22.11 18.56 6.49
C ASN C 238 21.40 19.34 5.41
N CYS C 239 21.88 20.54 5.08
CA CYS C 239 21.14 21.41 4.19
C CYS C 239 22.00 21.92 3.06
N VAL C 240 21.43 21.95 1.86
CA VAL C 240 22.06 22.56 0.69
C VAL C 240 21.34 23.85 0.30
N SER C 241 22.13 24.88 -0.02
CA SER C 241 21.65 26.13 -0.57
C SER C 241 22.49 26.42 -1.80
N ALA C 242 21.88 26.55 -2.97
CA ALA C 242 22.70 26.73 -4.17
C ALA C 242 22.10 27.64 -5.23
N TYR C 243 22.97 28.32 -5.97
CA TYR C 243 22.59 29.10 -7.13
C TYR C 243 23.10 28.46 -8.43
N SER C 244 23.61 27.23 -8.34
CA SER C 244 24.20 26.57 -9.51
C SER C 244 23.76 25.11 -9.71
N VAL C 245 22.77 24.65 -8.95
CA VAL C 245 22.12 23.36 -9.21
C VAL C 245 20.65 23.53 -9.00
N ASN C 246 19.85 22.63 -9.54
CA ASN C 246 18.43 22.68 -9.30
C ASN C 246 18.04 21.59 -8.31
N CYS C 247 17.46 22.00 -7.17
CA CYS C 247 16.95 21.03 -6.20
C CYS C 247 15.88 21.67 -5.35
N ASN C 248 14.92 20.86 -4.93
CA ASN C 248 13.88 21.35 -4.05
C ASN C 248 13.24 20.17 -3.36
N ARG C 249 13.68 19.86 -2.14
CA ARG C 249 13.28 18.61 -1.50
C ARG C 249 13.65 18.56 -0.04
N TYR C 250 12.94 17.72 0.71
CA TYR C 250 13.44 17.32 2.00
C TYR C 250 12.97 15.93 2.37
N ARG C 251 13.77 15.27 3.20
CA ARG C 251 13.38 14.04 3.86
C ARG C 251 13.63 14.20 5.35
N VAL C 252 12.64 13.83 6.16
CA VAL C 252 12.82 13.80 7.60
C VAL C 252 12.69 12.34 8.04
N SER C 253 13.61 11.90 8.89
CA SER C 253 13.70 10.49 9.24
C SER C 253 13.83 10.30 10.75
N GLY C 254 13.17 9.26 11.25
CA GLY C 254 13.37 8.80 12.61
C GLY C 254 13.48 7.28 12.63
N PRO C 255 13.57 6.70 13.82
CA PRO C 255 13.75 5.25 13.97
C PRO C 255 12.59 4.45 13.40
N LYS C 256 11.40 5.04 13.35
CA LYS C 256 10.22 4.32 12.87
C LYS C 256 9.99 4.45 11.36
N GLY C 257 10.71 5.35 10.71
CA GLY C 257 10.53 5.53 9.28
C GLY C 257 10.83 6.94 8.83
N TRP C 258 10.46 7.27 7.60
CA TRP C 258 10.73 8.59 7.06
C TRP C 258 9.70 9.03 6.04
N VAL C 259 9.68 10.33 5.77
CA VAL C 259 8.82 10.90 4.76
C VAL C 259 9.58 12.01 4.04
N GLU C 260 9.40 12.06 2.72
CA GLU C 260 10.07 13.04 1.90
C GLU C 260 9.09 13.67 0.93
N ILE C 261 9.43 14.89 0.48
CA ILE C 261 8.64 15.59 -0.53
C ILE C 261 9.63 16.13 -1.56
N ASP C 262 9.34 15.90 -2.84
CA ASP C 262 10.23 16.34 -3.90
C ASP C 262 9.40 16.46 -5.17
N PRO C 263 9.16 17.69 -5.65
CA PRO C 263 9.60 18.98 -5.07
C PRO C 263 8.86 19.28 -3.78
N ALA C 264 9.49 20.01 -2.86
CA ALA C 264 8.92 20.18 -1.54
C ALA C 264 8.19 21.51 -1.35
N THR C 265 8.82 22.60 -1.79
CA THR C 265 8.31 23.93 -1.49
C THR C 265 8.08 24.76 -2.75
N SER C 266 7.87 24.06 -3.87
CA SER C 266 7.58 24.72 -5.14
C SER C 266 6.16 25.33 -5.13
N TYR C 267 5.84 26.13 -6.16
CA TYR C 267 4.49 26.70 -6.30
C TYR C 267 3.46 25.59 -6.48
N GLN C 268 3.87 24.52 -7.15
CA GLN C 268 3.02 23.36 -7.39
C GLN C 268 3.87 22.13 -7.69
N GLY C 269 3.22 20.98 -7.81
CA GLY C 269 3.92 19.78 -8.25
C GLY C 269 4.45 18.88 -7.14
N GLN C 270 4.22 19.27 -5.88
CA GLN C 270 4.66 18.46 -4.73
C GLN C 270 4.27 16.99 -4.86
N ALA C 271 5.22 16.12 -4.54
CA ALA C 271 4.96 14.69 -4.50
C ALA C 271 5.62 14.14 -3.24
N MET C 272 4.87 13.36 -2.46
CA MET C 272 5.37 12.82 -1.19
C MET C 272 5.56 11.30 -1.26
N ARG C 273 6.64 10.82 -0.65
CA ARG C 273 6.91 9.39 -0.53
C ARG C 273 7.25 9.11 0.93
N ALA C 274 6.80 7.99 1.48
CA ALA C 274 7.05 7.69 2.88
C ALA C 274 7.43 6.23 3.06
N GLN C 275 8.31 5.97 4.02
CA GLN C 275 8.66 4.62 4.39
C GLN C 275 8.21 4.47 5.82
N LEU C 276 7.08 3.80 6.03
CA LEU C 276 6.49 3.73 7.36
C LEU C 276 6.25 2.28 7.71
N GLY C 277 5.17 1.70 7.18
CA GLY C 277 4.93 0.28 7.35
C GLY C 277 6.05 -0.56 6.75
N GLY C 278 6.14 -0.57 5.42
CA GLY C 278 7.15 -1.35 4.75
C GLY C 278 7.94 -0.52 3.76
N PRO C 279 8.10 -1.03 2.53
CA PRO C 279 8.86 -0.33 1.49
C PRO C 279 8.35 1.09 1.25
N PRO C 280 9.23 1.98 0.78
CA PRO C 280 8.78 3.35 0.46
C PRO C 280 7.61 3.31 -0.52
N ALA C 281 6.62 4.17 -0.32
CA ALA C 281 5.47 4.20 -1.23
C ALA C 281 4.97 5.62 -1.33
N PRO C 282 4.27 5.96 -2.43
CA PRO C 282 3.66 7.30 -2.49
C PRO C 282 2.70 7.49 -1.32
N ARG C 283 2.59 8.71 -0.83
CA ARG C 283 1.56 9.03 0.15
C ARG C 283 0.84 10.31 -0.25
N GLU C 284 -0.49 10.28 -0.20
CA GLU C 284 -1.27 11.45 -0.58
C GLU C 284 -1.62 12.20 0.69
N PRO C 285 -1.33 13.51 0.74
CA PRO C 285 -1.62 14.26 1.97
C PRO C 285 -3.10 14.50 2.16
N ALA C 286 -3.53 14.76 3.40
CA ALA C 286 -4.89 15.21 3.64
C ALA C 286 -5.14 16.46 2.82
N PRO C 287 -6.31 16.56 2.18
CA PRO C 287 -6.58 17.73 1.35
C PRO C 287 -6.77 19.01 2.15
N GLN C 288 -6.43 20.13 1.55
CA GLN C 288 -6.61 21.44 2.17
C GLN C 288 -7.71 22.18 1.41
N PRO C 289 -8.46 23.04 2.12
CA PRO C 289 -9.57 23.76 1.47
C PRO C 289 -9.13 24.67 0.32
N LYS C 290 -7.92 25.21 0.36
CA LYS C 290 -7.44 25.99 -0.78
C LYS C 290 -5.91 25.97 -0.89
N ASN C 291 -5.42 26.43 -2.04
CA ASN C 291 -4.01 26.42 -2.36
C ASN C 291 -3.20 27.22 -1.34
N GLN C 292 -1.89 27.01 -1.35
CA GLN C 292 -1.02 27.58 -0.31
C GLN C 292 -0.99 29.13 -0.33
N PHE C 293 -1.17 29.72 -1.50
CA PHE C 293 -1.11 31.18 -1.63
C PHE C 293 -2.36 31.82 -1.04
N SER C 294 -3.53 31.40 -1.51
CA SER C 294 -4.80 31.89 -0.97
C SER C 294 -4.92 31.60 0.53
N ALA C 295 -4.44 30.45 0.97
CA ALA C 295 -4.50 30.11 2.38
C ALA C 295 -3.59 31.02 3.20
N GLN C 296 -2.43 31.36 2.63
CA GLN C 296 -1.51 32.28 3.30
C GLN C 296 -2.14 33.66 3.46
N LEU C 297 -2.68 34.20 2.36
CA LEU C 297 -3.38 35.48 2.38
C LEU C 297 -4.51 35.48 3.41
N ASP C 298 -5.35 34.46 3.39
CA ASP C 298 -6.47 34.36 4.32
C ASP C 298 -6.04 34.16 5.77
N HIS C 299 -4.89 33.55 6.00
CA HIS C 299 -4.46 33.34 7.39
C HIS C 299 -4.25 34.66 8.12
N LEU C 300 -3.58 35.62 7.48
CA LEU C 300 -3.37 36.92 8.11
C LEU C 300 -4.72 37.61 8.32
N SER C 301 -5.56 37.60 7.29
CA SER C 301 -6.90 38.18 7.39
C SER C 301 -7.68 37.62 8.59
N GLU C 302 -7.67 36.31 8.75
CA GLU C 302 -8.38 35.67 9.84
C GLU C 302 -7.76 35.94 11.21
N CYS C 303 -6.44 36.09 11.26
CA CYS C 303 -5.78 36.45 12.51
C CYS C 303 -6.22 37.83 12.97
N ILE C 304 -6.35 38.74 12.01
CA ILE C 304 -6.81 40.09 12.30
C ILE C 304 -8.26 40.07 12.75
N LEU C 305 -9.11 39.36 12.01
CA LEU C 305 -10.54 39.29 12.34
C LEU C 305 -10.81 38.65 13.69
N THR C 306 -9.97 37.72 14.12
CA THR C 306 -10.24 36.99 15.36
C THR C 306 -9.27 37.33 16.47
N GLY C 307 -8.29 38.18 16.18
CA GLY C 307 -7.29 38.53 17.17
C GLY C 307 -6.37 37.38 17.56
N ARG C 308 -5.95 36.60 16.58
CA ARG C 308 -4.96 35.55 16.82
C ARG C 308 -3.61 35.97 16.25
N GLU C 309 -2.53 35.37 16.75
CA GLU C 309 -1.22 35.67 16.17
C GLU C 309 -0.90 34.69 15.04
N PRO C 310 -0.36 35.21 13.93
CA PRO C 310 0.01 34.39 12.77
C PRO C 310 0.91 33.22 13.17
N ILE C 311 0.78 32.07 12.52
CA ILE C 311 1.65 30.95 12.87
C ILE C 311 3.06 31.21 12.36
N VAL C 312 3.18 32.11 11.39
CA VAL C 312 4.49 32.55 10.89
C VAL C 312 4.62 34.07 11.05
N GLY C 313 4.73 34.52 12.30
CA GLY C 313 4.89 35.94 12.58
C GLY C 313 6.29 36.46 12.34
N GLY C 314 6.51 37.73 12.70
CA GLY C 314 7.80 38.36 12.55
C GLY C 314 8.90 37.61 13.28
N ASP C 315 8.55 37.01 14.42
CA ASP C 315 9.53 36.27 15.19
C ASP C 315 10.01 35.03 14.42
N ASP C 316 9.17 34.48 13.53
CA ASP C 316 9.61 33.36 12.70
C ASP C 316 10.66 33.83 11.70
N GLY C 317 10.41 34.99 11.09
CA GLY C 317 11.36 35.59 10.18
C GLY C 317 12.67 35.92 10.87
N LEU C 318 12.57 36.44 12.09
CA LEU C 318 13.74 36.82 12.89
C LEU C 318 14.59 35.61 13.22
N LYS C 319 13.94 34.53 13.62
CA LYS C 319 14.63 33.31 13.98
C LYS C 319 15.46 32.77 12.81
N ASP C 320 14.90 32.82 11.60
CA ASP C 320 15.67 32.45 10.42
C ASP C 320 16.89 33.37 10.21
N LEU C 321 16.71 34.68 10.33
CA LEU C 321 17.83 35.59 10.09
C LEU C 321 18.94 35.37 11.13
N ARG C 322 18.56 35.02 12.36
CA ARG C 322 19.57 34.72 13.37
C ARG C 322 20.43 33.52 12.95
N VAL C 323 19.78 32.48 12.46
CA VAL C 323 20.53 31.30 12.05
C VAL C 323 21.32 31.57 10.78
N ILE C 324 20.74 32.35 9.86
CA ILE C 324 21.45 32.72 8.64
C ILE C 324 22.74 33.50 8.95
N GLU C 325 22.67 34.42 9.89
CA GLU C 325 23.90 35.13 10.32
C GLU C 325 24.93 34.14 10.88
N ALA C 326 24.48 33.15 11.65
CA ALA C 326 25.39 32.14 12.20
C ALA C 326 25.96 31.25 11.09
N ILE C 327 25.14 30.93 10.08
CA ILE C 327 25.60 30.13 8.95
C ILE C 327 26.73 30.82 8.17
N TYR C 328 26.52 32.10 7.85
CA TYR C 328 27.58 32.87 7.21
C TYR C 328 28.83 32.93 8.09
N ARG C 329 28.65 33.11 9.40
CA ARG C 329 29.79 33.19 10.31
C ARG C 329 30.55 31.86 10.36
N ALA C 330 29.81 30.75 10.35
CA ALA C 330 30.43 29.43 10.43
C ALA C 330 31.28 29.13 9.19
N ALA C 331 30.79 29.54 8.02
CA ALA C 331 31.52 29.35 6.76
C ALA C 331 32.73 30.29 6.71
N ARG C 332 32.54 31.49 7.22
CA ARG C 332 33.60 32.49 7.21
C ARG C 332 34.74 32.09 8.16
N GLU C 333 34.38 31.63 9.35
CA GLU C 333 35.37 31.32 10.37
C GLU C 333 35.82 29.86 10.38
N GLY C 334 35.12 29.00 9.63
CA GLY C 334 35.50 27.59 9.59
C GLY C 334 35.41 26.92 10.96
N ARG C 335 34.30 27.17 11.64
CA ARG C 335 34.08 26.57 12.95
C ARG C 335 32.59 26.41 13.21
N THR C 336 32.28 25.54 14.16
CA THR C 336 30.91 25.33 14.62
C THR C 336 30.50 26.53 15.45
N VAL C 337 29.47 27.25 15.02
CA VAL C 337 29.00 28.42 15.74
C VAL C 337 27.89 27.98 16.67
N LYS C 338 27.96 28.41 17.93
CA LYS C 338 26.94 28.03 18.91
C LYS C 338 25.84 29.08 18.99
N LEU C 339 24.60 28.61 19.12
CA LEU C 339 23.43 29.49 19.18
C LEU C 339 22.67 29.31 20.50
N ARG D 5 -19.93 21.08 34.12
CA ARG D 5 -20.41 20.05 35.04
C ARG D 5 -19.42 18.88 35.11
N LYS D 6 -18.62 18.85 36.18
CA LYS D 6 -17.56 17.87 36.31
C LYS D 6 -17.73 17.00 37.56
N LEU D 7 -17.52 15.70 37.40
CA LEU D 7 -17.54 14.79 38.55
C LEU D 7 -16.14 14.60 39.08
N GLY D 8 -16.03 14.48 40.40
CA GLY D 8 -14.74 14.40 41.05
C GLY D 8 -14.23 12.98 41.22
N TYR D 9 -12.98 12.77 40.82
CA TYR D 9 -12.32 11.47 40.93
C TYR D 9 -11.40 11.42 42.13
N ALA D 10 -11.47 10.32 42.88
CA ALA D 10 -10.44 10.01 43.86
C ALA D 10 -9.57 8.92 43.25
N ILE D 11 -8.28 9.19 43.10
CA ILE D 11 -7.38 8.20 42.52
C ILE D 11 -6.77 7.38 43.64
N LEU D 12 -6.96 6.06 43.58
CA LEU D 12 -6.51 5.17 44.65
C LEU D 12 -5.38 4.26 44.20
N GLY D 13 -4.22 4.38 44.85
CA GLY D 13 -3.05 3.59 44.52
C GLY D 13 -2.17 4.40 43.59
N LEU D 14 -1.22 5.14 44.15
CA LEU D 14 -0.44 6.09 43.34
C LEU D 14 0.83 5.47 42.79
N GLY D 15 0.66 4.50 41.89
CA GLY D 15 1.79 3.83 41.28
C GLY D 15 2.02 4.38 39.90
N TYR D 16 2.69 3.59 39.05
CA TYR D 16 3.06 4.00 37.71
C TYR D 16 1.89 4.48 36.88
N TYR D 17 0.86 3.65 36.76
CA TYR D 17 -0.23 3.98 35.86
C TYR D 17 -0.99 5.18 36.35
N ALA D 18 -1.21 5.24 37.67
CA ALA D 18 -1.95 6.36 38.24
C ALA D 18 -1.22 7.68 38.01
N THR D 19 0.07 7.71 38.31
CA THR D 19 0.79 8.97 38.37
C THR D 19 1.43 9.38 37.04
N ARG D 20 1.91 8.41 36.27
CA ARG D 20 2.59 8.73 35.00
C ARG D 20 1.61 8.85 33.83
N ILE D 21 0.54 8.05 33.85
CA ILE D 21 -0.35 7.98 32.71
C ILE D 21 -1.70 8.66 32.95
N ILE D 22 -2.39 8.29 34.03
CA ILE D 22 -3.77 8.75 34.22
C ILE D 22 -3.90 10.21 34.70
N MET D 23 -3.24 10.52 35.81
CA MET D 23 -3.43 11.81 36.44
C MET D 23 -3.11 13.01 35.52
N PRO D 24 -2.05 12.93 34.70
CA PRO D 24 -1.84 14.03 33.75
C PRO D 24 -2.99 14.22 32.75
N ARG D 25 -3.82 13.20 32.56
CA ARG D 25 -4.85 13.28 31.53
C ARG D 25 -6.19 13.87 32.00
N PHE D 26 -6.28 14.32 33.24
CA PHE D 26 -7.47 15.07 33.63
C PHE D 26 -7.51 16.41 32.90
N ALA D 27 -6.35 16.86 32.44
CA ALA D 27 -6.22 18.11 31.69
C ALA D 27 -7.20 18.19 30.53
N GLU D 28 -7.32 17.10 29.77
CA GLU D 28 -8.20 17.11 28.60
C GLU D 28 -9.65 16.67 28.89
N CYS D 29 -9.93 16.27 30.13
CA CYS D 29 -11.31 15.90 30.47
C CYS D 29 -12.23 17.11 30.47
N GLU D 30 -13.46 16.90 30.00
CA GLU D 30 -14.48 17.93 30.00
C GLU D 30 -15.52 17.72 31.10
N HIS D 31 -15.58 16.51 31.64
CA HIS D 31 -16.61 16.18 32.61
C HIS D 31 -16.06 15.51 33.84
N SER D 32 -14.75 15.58 34.00
CA SER D 32 -14.08 14.91 35.11
C SER D 32 -13.00 15.80 35.66
N ARG D 33 -12.86 15.82 36.98
CA ARG D 33 -11.76 16.52 37.63
C ARG D 33 -11.12 15.65 38.70
N LEU D 34 -9.85 15.89 38.96
CA LEU D 34 -9.15 15.20 40.04
C LEU D 34 -9.47 15.88 41.36
N ALA D 35 -10.03 15.12 42.31
CA ALA D 35 -10.55 15.73 43.53
C ALA D 35 -9.93 15.20 44.82
N ALA D 36 -9.40 13.97 44.78
CA ALA D 36 -8.84 13.37 45.99
C ALA D 36 -7.78 12.34 45.66
N LEU D 37 -6.92 12.08 46.62
CA LEU D 37 -5.87 11.07 46.51
C LEU D 37 -5.99 10.06 47.65
N VAL D 38 -5.78 8.79 47.33
CA VAL D 38 -5.80 7.71 48.33
C VAL D 38 -4.56 6.85 48.15
N SER D 39 -3.74 6.77 49.20
CA SER D 39 -2.43 6.14 49.06
C SER D 39 -1.93 5.51 50.35
N GLY D 40 -1.14 4.46 50.22
CA GLY D 40 -0.50 3.85 51.38
C GLY D 40 0.86 4.43 51.64
N THR D 41 1.22 5.47 50.88
CA THR D 41 2.52 6.11 51.01
C THR D 41 2.36 7.60 51.30
N PRO D 42 2.63 8.01 52.55
CA PRO D 42 2.40 9.40 52.96
C PRO D 42 3.18 10.40 52.12
N GLU D 43 4.40 10.05 51.75
CA GLU D 43 5.24 10.92 50.92
C GLU D 43 4.53 11.22 49.60
N LYS D 44 3.89 10.20 49.02
CA LYS D 44 3.19 10.35 47.74
C LYS D 44 2.00 11.30 47.85
N LEU D 45 1.29 11.22 48.96
CA LEU D 45 0.17 12.10 49.19
C LEU D 45 0.62 13.57 49.25
N LYS D 46 1.77 13.82 49.87
CA LYS D 46 2.23 15.19 49.94
C LYS D 46 2.71 15.64 48.54
N THR D 47 3.49 14.79 47.87
CA THR D 47 4.04 15.13 46.56
C THR D 47 2.97 15.44 45.51
N TYR D 48 2.08 14.50 45.26
CA TYR D 48 1.05 14.70 44.23
C TYR D 48 -0.05 15.62 44.71
N GLY D 49 -0.22 15.70 46.03
CA GLY D 49 -1.22 16.60 46.59
C GLY D 49 -0.80 18.03 46.31
N GLU D 50 0.48 18.32 46.51
CA GLU D 50 1.00 19.65 46.26
C GLU D 50 1.08 19.91 44.77
N GLN D 51 1.58 18.94 44.02
CA GLN D 51 1.68 19.07 42.57
C GLN D 51 0.33 19.32 41.90
N TYR D 52 -0.72 18.64 42.34
CA TYR D 52 -2.03 18.77 41.69
C TYR D 52 -3.00 19.66 42.45
N GLY D 53 -2.53 20.26 43.53
CA GLY D 53 -3.34 21.18 44.30
C GLY D 53 -4.47 20.48 45.02
N ILE D 54 -4.17 19.32 45.59
CA ILE D 54 -5.16 18.57 46.36
C ILE D 54 -4.96 18.86 47.85
N PRO D 55 -5.94 19.53 48.48
CA PRO D 55 -5.83 19.89 49.89
C PRO D 55 -5.70 18.66 50.79
N GLU D 56 -5.06 18.83 51.95
CA GLU D 56 -4.83 17.73 52.89
C GLU D 56 -6.12 17.06 53.34
N THR D 57 -7.22 17.82 53.32
CA THR D 57 -8.52 17.27 53.67
C THR D 57 -9.03 16.29 52.62
N HIS D 58 -8.42 16.31 51.44
CA HIS D 58 -8.83 15.44 50.35
C HIS D 58 -7.75 14.39 50.06
N ARG D 59 -6.89 14.15 51.05
CA ARG D 59 -5.87 13.11 50.97
C ARG D 59 -6.17 12.02 52.00
N TYR D 60 -6.18 10.76 51.56
CA TYR D 60 -6.52 9.65 52.45
C TYR D 60 -5.47 8.55 52.42
N SER D 61 -5.27 7.88 53.56
CA SER D 61 -4.52 6.64 53.60
C SER D 61 -5.51 5.49 53.38
N TYR D 62 -5.00 4.27 53.24
CA TYR D 62 -5.90 3.12 53.15
C TYR D 62 -6.60 2.89 54.48
N GLU D 63 -6.05 3.46 55.55
CA GLU D 63 -6.70 3.39 56.87
C GLU D 63 -7.86 4.36 56.99
N THR D 64 -7.74 5.53 56.38
CA THR D 64 -8.77 6.56 56.51
C THR D 64 -9.73 6.59 55.33
N PHE D 65 -9.49 5.71 54.36
CA PHE D 65 -10.23 5.74 53.10
C PHE D 65 -11.74 5.72 53.28
N ASP D 66 -12.25 4.96 54.25
CA ASP D 66 -13.69 4.84 54.41
C ASP D 66 -14.36 6.17 54.79
N ARG D 67 -13.58 7.09 55.35
CA ARG D 67 -14.08 8.42 55.68
C ARG D 67 -14.49 9.19 54.44
N ILE D 68 -14.05 8.73 53.26
CA ILE D 68 -14.33 9.46 52.02
C ILE D 68 -15.83 9.57 51.75
N ILE D 69 -16.63 8.74 52.42
CA ILE D 69 -18.09 8.83 52.35
C ILE D 69 -18.61 10.24 52.69
N ASP D 70 -17.87 10.97 53.51
CA ASP D 70 -18.29 12.29 53.96
C ASP D 70 -17.76 13.41 53.07
N ASN D 71 -17.04 13.04 52.00
CA ASN D 71 -16.48 14.03 51.09
C ASN D 71 -17.33 14.14 49.83
N PRO D 72 -18.13 15.20 49.73
CA PRO D 72 -19.07 15.38 48.61
C PRO D 72 -18.38 15.80 47.31
N ASP D 73 -17.10 16.14 47.39
CA ASP D 73 -16.32 16.49 46.19
C ASP D 73 -15.89 15.25 45.42
N VAL D 74 -16.02 14.08 46.03
CA VAL D 74 -15.66 12.82 45.38
C VAL D 74 -16.90 12.08 44.91
N ASP D 75 -16.98 11.82 43.62
CA ASP D 75 -18.10 11.08 43.06
C ASP D 75 -17.70 9.67 42.66
N ILE D 76 -16.41 9.52 42.35
CA ILE D 76 -15.86 8.31 41.75
C ILE D 76 -14.53 7.94 42.38
N VAL D 77 -14.34 6.67 42.68
CA VAL D 77 -13.04 6.17 43.10
C VAL D 77 -12.47 5.32 41.97
N TYR D 78 -11.24 5.60 41.59
CA TYR D 78 -10.54 4.89 40.52
C TYR D 78 -9.49 4.03 41.20
N VAL D 79 -9.71 2.71 41.18
CA VAL D 79 -8.83 1.78 41.86
C VAL D 79 -7.72 1.32 40.95
N ILE D 80 -6.48 1.64 41.31
CA ILE D 80 -5.33 1.36 40.46
C ILE D 80 -4.23 0.68 41.28
N THR D 81 -4.62 -0.41 41.93
CA THR D 81 -3.74 -1.20 42.78
C THR D 81 -3.37 -2.52 42.12
N PRO D 82 -2.47 -3.30 42.73
CA PRO D 82 -2.29 -4.68 42.26
C PRO D 82 -3.61 -5.44 42.19
N ASN D 83 -3.67 -6.45 41.33
CA ASN D 83 -4.95 -7.08 40.96
C ASN D 83 -5.73 -7.63 42.15
N SER D 84 -5.05 -8.28 43.08
CA SER D 84 -5.71 -8.93 44.21
C SER D 84 -6.37 -7.95 45.17
N LEU D 85 -6.11 -6.66 45.01
CA LEU D 85 -6.71 -5.65 45.89
C LEU D 85 -7.86 -4.90 45.23
N HIS D 86 -8.13 -5.20 43.95
CA HIS D 86 -9.25 -4.55 43.27
C HIS D 86 -10.58 -4.78 43.99
N ARG D 87 -10.85 -6.03 44.38
CA ARG D 87 -12.13 -6.31 45.01
C ARG D 87 -12.33 -5.54 46.32
N PRO D 88 -11.41 -5.68 47.31
CA PRO D 88 -11.70 -4.99 48.57
C PRO D 88 -11.81 -3.47 48.44
N PHE D 89 -10.99 -2.85 47.60
CA PHE D 89 -11.07 -1.39 47.49
C PHE D 89 -12.32 -0.97 46.75
N THR D 90 -12.73 -1.75 45.76
CA THR D 90 -13.99 -1.50 45.07
C THR D 90 -15.19 -1.63 46.02
N GLU D 91 -15.20 -2.67 46.83
CA GLU D 91 -16.30 -2.85 47.77
C GLU D 91 -16.35 -1.71 48.78
N ARG D 92 -15.19 -1.33 49.32
CA ARG D 92 -15.13 -0.22 50.27
C ARG D 92 -15.58 1.09 49.64
N ALA D 93 -15.21 1.30 48.38
CA ALA D 93 -15.67 2.49 47.66
C ALA D 93 -17.18 2.51 47.51
N ALA D 94 -17.77 1.37 47.13
CA ALA D 94 -19.20 1.31 46.94
C ALA D 94 -19.92 1.57 48.26
N ARG D 95 -19.41 0.97 49.34
CA ARG D 95 -20.02 1.19 50.64
C ARG D 95 -19.85 2.64 51.11
N ALA D 96 -18.86 3.34 50.57
CA ALA D 96 -18.71 4.77 50.85
C ALA D 96 -19.53 5.62 49.89
N GLY D 97 -20.43 4.98 49.14
CA GLY D 97 -21.36 5.69 48.29
C GLY D 97 -20.75 6.26 47.01
N LYS D 98 -19.60 5.73 46.61
CA LYS D 98 -18.92 6.21 45.41
C LYS D 98 -19.12 5.28 44.22
N HIS D 99 -19.15 5.86 43.02
CA HIS D 99 -19.06 5.08 41.80
C HIS D 99 -17.63 4.60 41.65
N VAL D 100 -17.42 3.57 40.84
CA VAL D 100 -16.09 2.99 40.77
C VAL D 100 -15.60 2.78 39.34
N MET D 101 -14.39 3.26 39.09
CA MET D 101 -13.61 2.86 37.94
C MET D 101 -12.57 1.87 38.47
N CYS D 102 -12.58 0.64 37.95
CA CYS D 102 -11.60 -0.34 38.41
C CYS D 102 -10.69 -0.76 37.27
N GLU D 103 -9.39 -0.79 37.51
CA GLU D 103 -8.47 -1.22 36.47
C GLU D 103 -8.62 -2.70 36.12
N LYS D 104 -8.20 -3.07 34.92
CA LYS D 104 -8.11 -4.47 34.51
C LYS D 104 -6.85 -5.11 35.10
N PRO D 105 -6.84 -6.44 35.26
CA PRO D 105 -8.02 -7.31 35.20
C PRO D 105 -8.91 -6.99 36.41
N MET D 106 -10.21 -7.14 36.22
CA MET D 106 -11.19 -6.73 37.23
C MET D 106 -10.84 -7.33 38.60
N ALA D 107 -10.58 -8.63 38.63
CA ALA D 107 -10.26 -9.33 39.88
C ALA D 107 -9.62 -10.69 39.57
N ASN D 108 -9.27 -11.46 40.60
CA ASN D 108 -8.57 -12.73 40.41
C ASN D 108 -9.43 -13.85 39.86
N THR D 109 -10.74 -13.80 40.16
CA THR D 109 -11.66 -14.89 39.85
C THR D 109 -13.03 -14.38 39.43
N VAL D 110 -13.81 -15.24 38.78
CA VAL D 110 -15.22 -14.97 38.50
C VAL D 110 -16.00 -14.57 39.77
N ALA D 111 -15.84 -15.34 40.85
CA ALA D 111 -16.59 -15.07 42.08
C ALA D 111 -16.26 -13.68 42.62
N ASP D 112 -15.00 -13.30 42.57
CA ASP D 112 -14.60 -11.96 43.03
C ASP D 112 -15.25 -10.86 42.18
N CYS D 113 -15.31 -11.05 40.87
CA CYS D 113 -16.01 -10.11 40.00
C CYS D 113 -17.50 -10.03 40.37
N GLU D 114 -18.12 -11.19 40.59
CA GLU D 114 -19.53 -11.19 40.95
C GLU D 114 -19.77 -10.41 42.24
N ALA D 115 -18.87 -10.58 43.20
CA ALA D 115 -19.01 -9.89 44.49
C ALA D 115 -18.90 -8.37 44.29
N MET D 116 -17.98 -7.94 43.44
CA MET D 116 -17.80 -6.51 43.17
C MET D 116 -19.07 -5.92 42.53
N ILE D 117 -19.59 -6.63 41.55
CA ILE D 117 -20.81 -6.22 40.86
C ILE D 117 -21.97 -6.11 41.86
N ALA D 118 -22.07 -7.09 42.75
CA ALA D 118 -23.14 -7.10 43.75
C ALA D 118 -23.00 -5.94 44.73
N ALA D 119 -21.78 -5.63 45.12
CA ALA D 119 -21.56 -4.53 46.06
C ALA D 119 -21.98 -3.20 45.45
N CYS D 120 -21.64 -2.96 44.18
CA CYS D 120 -22.00 -1.70 43.55
C CYS D 120 -23.49 -1.63 43.25
N LYS D 121 -24.08 -2.76 42.88
CA LYS D 121 -25.52 -2.81 42.67
C LYS D 121 -26.27 -2.49 43.96
N LYS D 122 -25.80 -3.05 45.07
CA LYS D 122 -26.40 -2.79 46.38
C LYS D 122 -26.33 -1.31 46.74
N ALA D 123 -25.22 -0.67 46.40
CA ALA D 123 -25.03 0.74 46.74
C ALA D 123 -25.72 1.68 45.77
N GLY D 124 -26.33 1.13 44.72
CA GLY D 124 -26.88 1.93 43.65
C GLY D 124 -25.83 2.80 42.99
N ARG D 125 -24.65 2.23 42.74
CA ARG D 125 -23.55 2.98 42.14
C ARG D 125 -23.02 2.26 40.89
N LYS D 126 -22.51 3.03 39.92
CA LYS D 126 -22.05 2.44 38.67
C LYS D 126 -20.65 1.89 38.82
N LEU D 127 -20.33 0.89 38.00
CA LEU D 127 -19.03 0.23 38.03
C LEU D 127 -18.52 0.10 36.61
N MET D 128 -17.28 0.54 36.38
CA MET D 128 -16.70 0.49 35.05
C MET D 128 -15.28 -0.05 35.11
N ILE D 129 -14.91 -0.87 34.12
CA ILE D 129 -13.57 -1.41 34.06
C ILE D 129 -12.68 -0.61 33.08
N GLY D 130 -11.41 -0.39 33.44
CA GLY D 130 -10.51 0.44 32.65
C GLY D 130 -10.04 -0.14 31.31
N TYR D 131 -10.98 -0.48 30.45
CA TYR D 131 -10.65 -0.98 29.12
C TYR D 131 -10.54 0.21 28.16
N ARG D 132 -9.47 0.98 28.31
CA ARG D 132 -9.29 2.23 27.57
C ARG D 132 -9.31 2.09 26.06
N SER D 133 -8.91 0.92 25.56
CA SER D 133 -8.85 0.70 24.10
C SER D 133 -10.20 0.90 23.43
N ARG D 134 -11.29 0.75 24.16
CA ARG D 134 -12.62 0.97 23.60
C ARG D 134 -12.87 2.44 23.26
N PHE D 135 -11.95 3.31 23.70
CA PHE D 135 -12.08 4.75 23.46
C PHE D 135 -10.94 5.26 22.59
N GLN D 136 -10.17 4.33 22.04
CA GLN D 136 -8.96 4.67 21.29
C GLN D 136 -9.31 4.68 19.80
N ALA D 137 -8.85 5.69 19.07
CA ALA D 137 -9.35 5.96 17.72
C ALA D 137 -9.21 4.79 16.74
N HIS D 138 -8.04 4.15 16.75
CA HIS D 138 -7.82 3.05 15.81
C HIS D 138 -8.69 1.85 16.15
N ASN D 139 -8.82 1.54 17.43
CA ASN D 139 -9.66 0.43 17.86
C ASN D 139 -11.12 0.69 17.50
N ILE D 140 -11.59 1.91 17.70
CA ILE D 140 -12.95 2.28 17.32
C ILE D 140 -13.18 2.11 15.81
N GLU D 141 -12.17 2.47 15.03
CA GLU D 141 -12.25 2.33 13.57
C GLU D 141 -12.29 0.86 13.15
N ALA D 142 -11.49 0.02 13.80
CA ALA D 142 -11.51 -1.42 13.49
C ALA D 142 -12.90 -2.00 13.78
N ILE D 143 -13.47 -1.66 14.94
CA ILE D 143 -14.81 -2.13 15.29
C ILE D 143 -15.84 -1.66 14.27
N LYS D 144 -15.72 -0.40 13.84
CA LYS D 144 -16.63 0.17 12.84
C LYS D 144 -16.60 -0.61 11.53
N LEU D 145 -15.38 -0.90 11.05
CA LEU D 145 -15.22 -1.65 9.81
C LEU D 145 -15.93 -3.01 9.92
N VAL D 146 -15.71 -3.72 11.02
CA VAL D 146 -16.38 -5.01 11.24
C VAL D 146 -17.91 -4.86 11.17
N ARG D 147 -18.44 -3.92 11.93
CA ARG D 147 -19.88 -3.71 12.02
C ARG D 147 -20.50 -3.25 10.69
N ASP D 148 -19.78 -2.44 9.93
CA ASP D 148 -20.29 -1.97 8.65
C ASP D 148 -20.26 -3.05 7.56
N GLY D 149 -19.75 -4.23 7.91
CA GLY D 149 -19.67 -5.32 6.95
C GLY D 149 -18.54 -5.17 5.96
N ALA D 150 -17.57 -4.31 6.26
CA ALA D 150 -16.47 -4.07 5.33
C ALA D 150 -15.64 -5.32 5.08
N LEU D 151 -15.59 -6.22 6.06
CA LEU D 151 -14.76 -7.42 5.98
C LEU D 151 -15.56 -8.66 5.61
N GLY D 152 -16.88 -8.53 5.57
CA GLY D 152 -17.74 -9.70 5.54
C GLY D 152 -17.84 -10.23 6.95
N PRO D 153 -18.43 -11.43 7.12
CA PRO D 153 -18.52 -11.97 8.49
C PRO D 153 -17.12 -12.21 9.06
N VAL D 154 -16.92 -11.98 10.35
CA VAL D 154 -15.60 -12.22 10.92
C VAL D 154 -15.30 -13.72 10.92
N ARG D 155 -14.13 -14.07 10.40
CA ARG D 155 -13.68 -15.46 10.33
C ARG D 155 -12.55 -15.70 11.32
N THR D 156 -11.57 -14.79 11.32
CA THR D 156 -10.43 -14.92 12.23
C THR D 156 -10.06 -13.61 12.92
N VAL D 157 -9.64 -13.73 14.17
CA VAL D 157 -8.96 -12.68 14.88
C VAL D 157 -7.64 -13.25 15.34
N VAL D 158 -6.53 -12.66 14.91
CA VAL D 158 -5.21 -13.10 15.35
C VAL D 158 -4.58 -11.95 16.14
N THR D 159 -4.33 -12.18 17.42
CA THR D 159 -3.91 -11.09 18.28
C THR D 159 -2.86 -11.55 19.29
N ASP D 160 -1.83 -10.73 19.45
CA ASP D 160 -0.68 -11.09 20.28
C ASP D 160 -0.39 -9.96 21.23
N HIS D 161 -0.31 -10.25 22.52
CA HIS D 161 0.07 -9.24 23.49
C HIS D 161 1.09 -9.83 24.44
N GLY D 162 2.18 -9.11 24.63
CA GLY D 162 3.22 -9.53 25.54
C GLY D 162 4.29 -8.47 25.70
N PHE D 163 5.04 -8.53 26.79
CA PHE D 163 6.23 -7.72 26.89
C PHE D 163 7.28 -8.49 27.67
N THR D 164 8.55 -8.15 27.50
CA THR D 164 9.62 -8.83 28.22
C THR D 164 9.70 -8.29 29.63
N ILE D 165 9.02 -8.96 30.57
CA ILE D 165 8.93 -8.46 31.92
C ILE D 165 10.30 -8.57 32.61
N GLY D 166 10.59 -7.65 33.52
CA GLY D 166 11.93 -7.56 34.09
C GLY D 166 12.08 -8.07 35.53
N ASP D 167 12.03 -7.13 36.47
CA ASP D 167 12.27 -7.40 37.90
C ASP D 167 11.44 -8.56 38.46
N PRO D 168 12.10 -9.66 38.87
CA PRO D 168 11.37 -10.82 39.40
C PRO D 168 10.59 -10.51 40.68
N LYS D 169 10.93 -9.42 41.37
CA LYS D 169 10.33 -9.13 42.67
C LYS D 169 9.06 -8.27 42.59
N GLN D 170 8.72 -7.80 41.39
CA GLN D 170 7.55 -6.93 41.26
C GLN D 170 6.26 -7.72 41.48
N TRP D 171 5.19 -7.01 41.84
CA TRP D 171 3.96 -7.70 42.24
C TRP D 171 3.34 -8.51 41.10
N ARG D 172 3.59 -8.11 39.85
CA ARG D 172 3.01 -8.86 38.71
C ARG D 172 3.53 -10.30 38.66
N LEU D 173 4.68 -10.57 39.26
CA LEU D 173 5.23 -11.93 39.26
C LEU D 173 5.00 -12.67 40.57
N ASN D 174 4.10 -12.12 41.39
CA ASN D 174 3.76 -12.67 42.69
C ASN D 174 2.30 -13.10 42.66
N ARG D 175 2.02 -14.39 42.82
CA ARG D 175 0.65 -14.88 42.61
C ARG D 175 -0.33 -14.25 43.58
N ALA D 176 0.07 -14.05 44.83
CA ALA D 176 -0.83 -13.51 45.84
C ALA D 176 -1.32 -12.10 45.52
N LEU D 177 -0.51 -11.31 44.80
CA LEU D 177 -0.91 -9.95 44.40
C LEU D 177 -1.43 -9.84 42.96
N ALA D 178 -0.94 -10.68 42.08
CA ALA D 178 -1.29 -10.60 40.64
C ALA D 178 -2.45 -11.51 40.22
N GLY D 179 -2.62 -12.64 40.92
CA GLY D 179 -3.65 -13.59 40.59
C GLY D 179 -3.33 -14.50 39.41
N GLY D 180 -2.16 -14.30 38.80
CA GLY D 180 -1.80 -15.11 37.65
C GLY D 180 -0.74 -14.36 36.86
N GLY D 181 -0.28 -14.94 35.76
CA GLY D 181 0.83 -14.37 35.02
C GLY D 181 0.46 -13.45 33.87
N SER D 182 1.06 -13.69 32.71
CA SER D 182 0.89 -12.81 31.57
C SER D 182 -0.58 -12.63 31.18
N LEU D 183 -1.36 -13.70 31.30
CA LEU D 183 -2.76 -13.66 30.87
C LEU D 183 -3.54 -12.62 31.67
N MET D 184 -3.24 -12.53 32.96
CA MET D 184 -3.96 -11.57 33.81
C MET D 184 -3.61 -10.13 33.45
N ASP D 185 -2.35 -9.90 33.11
CA ASP D 185 -1.86 -8.54 32.91
C ASP D 185 -1.91 -8.00 31.48
N ILE D 186 -1.54 -8.84 30.52
CA ILE D 186 -1.32 -8.34 29.18
C ILE D 186 -2.09 -9.20 28.16
N GLY D 187 -2.17 -10.51 28.39
CA GLY D 187 -2.90 -11.37 27.47
C GLY D 187 -4.39 -11.07 27.47
N ILE D 188 -4.84 -10.42 28.54
CA ILE D 188 -6.25 -10.05 28.64
C ILE D 188 -6.62 -9.06 27.52
N TYR D 189 -5.65 -8.30 27.00
CA TYR D 189 -5.94 -7.45 25.84
C TYR D 189 -6.25 -8.27 24.58
N SER D 190 -5.60 -9.42 24.44
CA SER D 190 -5.86 -10.29 23.30
C SER D 190 -7.28 -10.81 23.41
N LEU D 191 -7.63 -11.23 24.61
CA LEU D 191 -8.97 -11.74 24.88
C LEU D 191 -10.04 -10.67 24.69
N ASN D 192 -9.83 -9.50 25.29
CA ASN D 192 -10.81 -8.44 25.26
C ASN D 192 -11.07 -7.99 23.81
N ALA D 193 -10.00 -7.92 23.02
CA ALA D 193 -10.10 -7.55 21.60
C ALA D 193 -10.86 -8.60 20.79
N ALA D 194 -10.58 -9.87 21.01
CA ALA D 194 -11.32 -10.92 20.28
C ALA D 194 -12.81 -10.76 20.53
N ARG D 195 -13.17 -10.48 21.78
CA ARG D 195 -14.55 -10.24 22.16
C ARG D 195 -15.16 -8.98 21.52
N TYR D 196 -14.47 -7.83 21.56
CA TYR D 196 -15.13 -6.65 20.99
C TYR D 196 -15.00 -6.56 19.47
N LEU D 197 -14.06 -7.27 18.87
CA LEU D 197 -13.99 -7.30 17.40
C LEU D 197 -15.06 -8.21 16.79
N THR D 198 -15.30 -9.36 17.43
CA THR D 198 -16.36 -10.26 16.95
C THR D 198 -17.72 -9.75 17.42
N GLY D 199 -17.73 -9.05 18.54
CA GLY D 199 -18.98 -8.69 19.21
C GLY D 199 -19.65 -9.91 19.81
N GLU D 200 -18.89 -10.96 20.08
CA GLU D 200 -19.42 -12.22 20.59
C GLU D 200 -18.71 -12.70 21.85
N GLU D 201 -19.26 -13.76 22.45
CA GLU D 201 -18.65 -14.41 23.60
C GLU D 201 -18.28 -15.83 23.21
N PRO D 202 -17.08 -16.28 23.61
CA PRO D 202 -16.62 -17.59 23.13
C PRO D 202 -17.43 -18.75 23.70
N VAL D 203 -17.46 -19.85 22.97
CA VAL D 203 -18.18 -21.05 23.38
C VAL D 203 -17.23 -22.23 23.57
N ALA D 204 -16.01 -22.10 23.07
CA ALA D 204 -14.99 -23.12 23.30
C ALA D 204 -13.60 -22.51 23.35
N VAL D 205 -12.74 -23.12 24.17
CA VAL D 205 -11.39 -22.62 24.43
C VAL D 205 -10.36 -23.73 24.37
N ASN D 206 -9.27 -23.50 23.65
CA ASN D 206 -8.05 -24.31 23.74
C ASN D 206 -6.93 -23.46 24.32
N ALA D 207 -5.95 -24.08 24.95
CA ALA D 207 -4.80 -23.31 25.42
C ALA D 207 -3.55 -24.15 25.57
N VAL D 208 -2.40 -23.50 25.41
CA VAL D 208 -1.08 -24.12 25.56
C VAL D 208 -0.25 -23.21 26.45
N GLU D 209 0.31 -23.74 27.53
CA GLU D 209 1.13 -22.95 28.42
C GLU D 209 2.60 -23.37 28.32
N SER D 210 3.48 -22.39 28.34
CA SER D 210 4.90 -22.68 28.23
C SER D 210 5.68 -21.72 29.10
N THR D 211 6.29 -22.25 30.16
CA THR D 211 6.96 -21.42 31.14
C THR D 211 8.21 -22.14 31.61
N ASP D 212 9.35 -21.44 31.61
CA ASP D 212 10.60 -22.00 32.12
C ASP D 212 10.69 -21.66 33.60
N ARG D 213 10.43 -22.65 34.44
CA ARG D 213 10.37 -22.46 35.90
C ARG D 213 11.74 -22.27 36.55
N SER D 214 12.81 -22.42 35.76
CA SER D 214 14.15 -22.13 36.24
C SER D 214 14.49 -20.65 36.07
N ASP D 215 13.66 -19.94 35.31
CA ASP D 215 13.79 -18.50 35.16
C ASP D 215 13.38 -17.84 36.48
N PRO D 216 14.21 -16.90 36.99
CA PRO D 216 13.93 -16.26 38.28
C PRO D 216 12.58 -15.53 38.29
N ARG D 217 12.11 -15.17 37.11
CA ARG D 217 10.86 -14.44 36.97
C ARG D 217 9.62 -15.32 37.21
N PHE D 218 9.73 -16.61 36.93
CA PHE D 218 8.52 -17.41 36.76
C PHE D 218 8.37 -18.58 37.75
N GLY D 219 8.75 -18.36 38.99
CA GLY D 219 8.56 -19.38 40.02
C GLY D 219 7.10 -19.54 40.40
N GLU D 220 6.31 -18.47 40.24
CA GLU D 220 4.93 -18.46 40.73
C GLU D 220 3.85 -18.38 39.64
N VAL D 221 4.10 -17.62 38.56
CA VAL D 221 3.06 -17.40 37.54
C VAL D 221 3.56 -17.74 36.13
N GLU D 222 2.65 -17.78 35.16
CA GLU D 222 2.99 -18.30 33.83
C GLU D 222 3.64 -17.24 32.93
N ASP D 223 4.50 -17.69 32.03
CA ASP D 223 5.14 -16.82 31.05
C ASP D 223 4.24 -16.73 29.83
N ILE D 224 4.24 -17.79 29.04
CA ILE D 224 3.42 -17.84 27.82
C ILE D 224 2.20 -18.73 28.03
N ILE D 225 1.03 -18.19 27.71
CA ILE D 225 -0.15 -19.04 27.60
C ILE D 225 -0.93 -18.56 26.38
N ASN D 226 -0.85 -19.34 25.31
CA ASN D 226 -1.54 -19.01 24.07
C ASN D 226 -2.87 -19.74 24.01
N PHE D 227 -3.88 -19.10 23.44
CA PHE D 227 -5.20 -19.72 23.45
C PHE D 227 -5.97 -19.52 22.17
N GLN D 228 -6.91 -20.44 21.94
CA GLN D 228 -7.83 -20.39 20.82
C GLN D 228 -9.24 -20.21 21.32
N LEU D 229 -10.02 -19.39 20.61
CA LEU D 229 -11.42 -19.18 20.94
C LEU D 229 -12.28 -19.54 19.73
N LEU D 230 -13.42 -20.17 20.00
CA LEU D 230 -14.44 -20.40 18.98
C LEU D 230 -15.67 -19.65 19.42
N PHE D 231 -16.32 -18.98 18.47
CA PHE D 231 -17.50 -18.17 18.75
C PHE D 231 -18.73 -18.78 18.08
N PRO D 232 -19.95 -18.42 18.56
CA PRO D 232 -21.18 -18.98 17.99
C PRO D 232 -21.34 -18.79 16.49
N SER D 233 -20.97 -17.62 15.97
CA SER D 233 -21.08 -17.37 14.53
C SER D 233 -20.16 -18.25 13.70
N GLY D 234 -19.20 -18.91 14.32
CA GLY D 234 -18.18 -19.64 13.59
C GLY D 234 -16.86 -18.89 13.55
N ALA D 235 -16.87 -17.63 13.97
CA ALA D 235 -15.63 -16.85 14.08
C ALA D 235 -14.64 -17.55 15.01
N THR D 236 -13.35 -17.40 14.72
CA THR D 236 -12.29 -17.99 15.56
C THR D 236 -11.28 -16.93 15.97
N ALA D 237 -10.56 -17.17 17.06
CA ALA D 237 -9.44 -16.32 17.42
C ALA D 237 -8.23 -17.17 17.82
N ASN D 238 -7.05 -16.73 17.39
CA ASN D 238 -5.77 -17.27 17.86
C ASN D 238 -5.09 -16.18 18.64
N CYS D 239 -4.72 -16.44 19.90
CA CYS D 239 -4.23 -15.37 20.76
C CYS D 239 -2.93 -15.77 21.44
N VAL D 240 -2.02 -14.81 21.52
CA VAL D 240 -0.80 -14.96 22.30
C VAL D 240 -0.82 -14.07 23.55
N SER D 241 -0.38 -14.64 24.66
CA SER D 241 -0.16 -13.90 25.90
C SER D 241 1.24 -14.26 26.39
N ALA D 242 2.10 -13.26 26.60
CA ALA D 242 3.50 -13.57 26.90
C ALA D 242 4.18 -12.56 27.82
N TYR D 243 5.13 -13.06 28.59
CA TYR D 243 5.96 -12.24 29.47
C TYR D 243 7.42 -12.30 29.04
N SER D 244 7.70 -12.99 27.93
CA SER D 244 9.09 -13.12 27.48
C SER D 244 9.34 -12.69 26.03
N VAL D 245 8.32 -12.12 25.37
CA VAL D 245 8.51 -11.51 24.04
C VAL D 245 7.70 -10.24 23.99
N ASN D 246 8.01 -9.37 23.03
CA ASN D 246 7.26 -8.13 22.88
C ASN D 246 6.33 -8.21 21.68
N CYS D 247 5.06 -7.97 21.94
CA CYS D 247 4.08 -7.94 20.86
C CYS D 247 2.88 -7.17 21.33
N ASN D 248 2.27 -6.46 20.41
CA ASN D 248 1.05 -5.76 20.71
C ASN D 248 0.32 -5.50 19.42
N ARG D 249 -0.62 -6.37 19.05
CA ARG D 249 -1.25 -6.23 17.75
C ARG D 249 -2.51 -7.07 17.63
N TYR D 250 -3.36 -6.70 16.67
CA TYR D 250 -4.33 -7.67 16.18
C TYR D 250 -4.65 -7.46 14.73
N ARG D 251 -5.06 -8.53 14.07
CA ARG D 251 -5.71 -8.44 12.76
C ARG D 251 -7.02 -9.18 12.83
N VAL D 252 -8.10 -8.53 12.38
CA VAL D 252 -9.37 -9.23 12.24
C VAL D 252 -9.67 -9.35 10.73
N SER D 253 -10.09 -10.54 10.31
CA SER D 253 -10.25 -10.85 8.89
C SER D 253 -11.58 -11.51 8.59
N GLY D 254 -12.14 -11.19 7.43
CA GLY D 254 -13.31 -11.86 6.89
C GLY D 254 -13.06 -12.15 5.42
N PRO D 255 -14.05 -12.75 4.75
CA PRO D 255 -13.87 -13.10 3.34
C PRO D 255 -13.64 -11.90 2.42
N LYS D 256 -14.03 -10.69 2.81
CA LYS D 256 -13.83 -9.54 1.92
C LYS D 256 -12.56 -8.75 2.21
N GLY D 257 -11.98 -8.96 3.38
CA GLY D 257 -10.77 -8.22 3.70
C GLY D 257 -10.38 -8.29 5.16
N TRP D 258 -9.44 -7.45 5.54
CA TRP D 258 -8.97 -7.45 6.92
C TRP D 258 -8.47 -6.08 7.34
N VAL D 259 -8.42 -5.86 8.66
CA VAL D 259 -7.82 -4.64 9.17
C VAL D 259 -6.94 -5.03 10.37
N GLU D 260 -5.78 -4.40 10.49
CA GLU D 260 -4.88 -4.71 11.58
C GLU D 260 -4.35 -3.44 12.23
N ILE D 261 -3.99 -3.54 13.51
CA ILE D 261 -3.35 -2.42 14.20
C ILE D 261 -2.11 -2.96 14.93
N ASP D 262 -0.99 -2.26 14.79
CA ASP D 262 0.28 -2.71 15.39
C ASP D 262 1.17 -1.48 15.55
N PRO D 263 1.37 -1.02 16.79
CA PRO D 263 0.83 -1.53 18.07
C PRO D 263 -0.67 -1.27 18.17
N ALA D 264 -1.40 -2.15 18.84
CA ALA D 264 -2.85 -2.06 18.83
C ALA D 264 -3.42 -1.38 20.08
N THR D 265 -2.92 -1.74 21.26
CA THR D 265 -3.52 -1.29 22.51
C THR D 265 -2.52 -0.59 23.44
N SER D 266 -1.45 -0.07 22.85
CA SER D 266 -0.46 0.68 23.60
C SER D 266 -0.98 2.06 24.05
N TYR D 267 -0.22 2.76 24.87
CA TYR D 267 -0.59 4.09 25.34
C TYR D 267 -0.63 5.08 24.17
N GLN D 268 0.26 4.88 23.22
CA GLN D 268 0.31 5.71 22.02
C GLN D 268 1.02 4.94 20.91
N GLY D 269 1.03 5.50 19.69
CA GLY D 269 1.81 4.92 18.62
C GLY D 269 1.07 3.98 17.68
N GLN D 270 -0.23 3.80 17.91
CA GLN D 270 -1.07 2.95 17.06
C GLN D 270 -0.88 3.26 15.59
N ALA D 271 -0.74 2.20 14.78
CA ALA D 271 -0.71 2.33 13.32
C ALA D 271 -1.62 1.27 12.72
N MET D 272 -2.40 1.64 11.73
CA MET D 272 -3.39 0.75 11.14
C MET D 272 -3.15 0.49 9.66
N ARG D 273 -3.40 -0.74 9.24
CA ARG D 273 -3.28 -1.12 7.84
C ARG D 273 -4.50 -1.99 7.51
N ALA D 274 -5.02 -1.89 6.29
CA ALA D 274 -6.19 -2.65 5.92
C ALA D 274 -6.15 -3.11 4.46
N GLN D 275 -6.77 -4.25 4.20
CA GLN D 275 -6.93 -4.71 2.83
C GLN D 275 -8.42 -4.87 2.55
N LEU D 276 -8.91 -4.06 1.62
CA LEU D 276 -10.35 -4.00 1.32
C LEU D 276 -10.61 -3.93 -0.18
N GLY D 277 -10.30 -5.01 -0.90
CA GLY D 277 -10.58 -5.03 -2.33
C GLY D 277 -9.35 -4.82 -3.20
N GLY D 278 -8.44 -3.96 -2.75
CA GLY D 278 -7.15 -3.81 -3.40
C GLY D 278 -6.01 -4.31 -2.53
N PRO D 279 -4.78 -3.88 -2.82
CA PRO D 279 -3.64 -4.27 -1.97
C PRO D 279 -3.73 -3.67 -0.57
N PRO D 280 -2.97 -4.23 0.39
CA PRO D 280 -2.99 -3.64 1.74
C PRO D 280 -2.53 -2.18 1.69
N ALA D 281 -3.15 -1.33 2.48
CA ALA D 281 -2.76 0.07 2.53
C ALA D 281 -2.85 0.62 3.96
N PRO D 282 -1.99 1.60 4.27
CA PRO D 282 -2.14 2.29 5.56
C PRO D 282 -3.52 2.92 5.62
N ARG D 283 -4.07 3.05 6.82
CA ARG D 283 -5.36 3.70 6.99
C ARG D 283 -5.31 4.58 8.23
N GLU D 284 -5.72 5.84 8.07
CA GLU D 284 -5.90 6.74 9.20
C GLU D 284 -7.33 6.60 9.70
N PRO D 285 -7.49 6.36 11.01
CA PRO D 285 -8.84 6.23 11.56
C PRO D 285 -9.52 7.59 11.65
N ALA D 286 -10.85 7.60 11.73
CA ALA D 286 -11.57 8.81 12.04
C ALA D 286 -11.07 9.37 13.37
N PRO D 287 -10.86 10.70 13.44
CA PRO D 287 -10.33 11.31 14.66
C PRO D 287 -11.32 11.27 15.81
N GLN D 288 -10.80 11.19 17.03
CA GLN D 288 -11.62 11.25 18.23
C GLN D 288 -11.40 12.59 18.90
N PRO D 289 -12.43 13.11 19.60
CA PRO D 289 -12.34 14.38 20.33
C PRO D 289 -11.23 14.42 21.37
N LYS D 290 -11.05 13.30 22.08
CA LYS D 290 -10.10 13.23 23.20
C LYS D 290 -9.26 11.97 23.13
N ASN D 291 -8.06 12.01 23.72
CA ASN D 291 -7.24 10.82 23.86
C ASN D 291 -8.00 9.73 24.65
N GLN D 292 -7.49 8.51 24.59
CA GLN D 292 -8.22 7.36 25.10
C GLN D 292 -8.39 7.38 26.63
N PHE D 293 -7.42 7.98 27.32
CA PHE D 293 -7.44 8.07 28.77
C PHE D 293 -8.48 9.06 29.25
N SER D 294 -8.41 10.30 28.73
CA SER D 294 -9.40 11.32 29.08
C SER D 294 -10.79 10.88 28.67
N ALA D 295 -10.91 10.21 27.52
CA ALA D 295 -12.21 9.74 27.05
C ALA D 295 -12.79 8.68 27.98
N GLN D 296 -11.93 7.77 28.44
CA GLN D 296 -12.34 6.73 29.39
C GLN D 296 -12.87 7.36 30.67
N LEU D 297 -12.09 8.29 31.23
CA LEU D 297 -12.48 8.99 32.45
C LEU D 297 -13.82 9.72 32.27
N ASP D 298 -13.96 10.46 31.17
CA ASP D 298 -15.20 11.19 30.88
C ASP D 298 -16.38 10.28 30.62
N HIS D 299 -16.13 9.08 30.10
CA HIS D 299 -17.23 8.20 29.77
C HIS D 299 -18.02 7.82 31.03
N LEU D 300 -17.31 7.53 32.11
CA LEU D 300 -17.98 7.15 33.35
C LEU D 300 -18.74 8.35 33.88
N SER D 301 -18.09 9.51 33.87
CA SER D 301 -18.70 10.73 34.37
C SER D 301 -19.99 11.03 33.61
N GLU D 302 -19.95 10.92 32.28
CA GLU D 302 -21.13 11.18 31.46
C GLU D 302 -22.21 10.14 31.70
N CYS D 303 -21.81 8.89 31.89
CA CYS D 303 -22.78 7.84 32.20
C CYS D 303 -23.53 8.18 33.48
N ILE D 304 -22.81 8.65 34.49
CA ILE D 304 -23.42 9.02 35.76
C ILE D 304 -24.35 10.22 35.58
N LEU D 305 -23.89 11.24 34.87
CA LEU D 305 -24.69 12.44 34.62
C LEU D 305 -25.97 12.17 33.82
N THR D 306 -25.90 11.26 32.85
CA THR D 306 -27.05 10.99 31.99
C THR D 306 -27.81 9.73 32.40
N GLY D 307 -27.30 9.04 33.42
CA GLY D 307 -27.91 7.80 33.87
C GLY D 307 -27.88 6.69 32.83
N ARG D 308 -26.72 6.50 32.19
CA ARG D 308 -26.54 5.42 31.23
C ARG D 308 -25.54 4.40 31.75
N GLU D 309 -25.59 3.18 31.21
CA GLU D 309 -24.65 2.13 31.59
C GLU D 309 -23.36 2.28 30.79
N PRO D 310 -22.21 2.17 31.45
CA PRO D 310 -20.90 2.21 30.79
C PRO D 310 -20.80 1.15 29.69
N ILE D 311 -20.06 1.42 28.62
CA ILE D 311 -19.97 0.44 27.54
C ILE D 311 -19.05 -0.71 27.94
N VAL D 312 -18.22 -0.49 28.95
CA VAL D 312 -17.40 -1.55 29.56
C VAL D 312 -17.69 -1.64 31.06
N GLY D 313 -18.88 -2.17 31.37
CA GLY D 313 -19.29 -2.28 32.77
C GLY D 313 -18.60 -3.42 33.49
N GLY D 314 -19.00 -3.66 34.74
CA GLY D 314 -18.46 -4.77 35.49
C GLY D 314 -18.72 -6.10 34.81
N ASP D 315 -19.83 -6.22 34.08
CA ASP D 315 -20.14 -7.45 33.37
C ASP D 315 -19.09 -7.75 32.30
N ASP D 316 -18.51 -6.69 31.72
CA ASP D 316 -17.46 -6.89 30.73
C ASP D 316 -16.21 -7.49 31.37
N GLY D 317 -15.86 -6.98 32.55
CA GLY D 317 -14.72 -7.50 33.31
C GLY D 317 -14.96 -8.95 33.70
N LEU D 318 -16.18 -9.24 34.12
CA LEU D 318 -16.59 -10.59 34.51
C LEU D 318 -16.50 -11.58 33.34
N LYS D 319 -16.98 -11.15 32.16
CA LYS D 319 -16.95 -12.02 30.99
C LYS D 319 -15.51 -12.38 30.64
N ASP D 320 -14.59 -11.43 30.79
CA ASP D 320 -13.17 -11.73 30.59
C ASP D 320 -12.67 -12.76 31.61
N LEU D 321 -13.03 -12.61 32.88
CA LEU D 321 -12.54 -13.55 33.89
C LEU D 321 -13.11 -14.95 33.69
N ARG D 322 -14.34 -15.04 33.19
CA ARG D 322 -14.92 -16.34 32.83
C ARG D 322 -14.07 -17.10 31.81
N VAL D 323 -13.66 -16.38 30.76
CA VAL D 323 -12.84 -17.00 29.73
C VAL D 323 -11.43 -17.29 30.24
N ILE D 324 -10.88 -16.38 31.05
CA ILE D 324 -9.57 -16.58 31.63
C ILE D 324 -9.55 -17.85 32.49
N GLU D 325 -10.60 -18.06 33.27
CA GLU D 325 -10.70 -19.32 34.04
C GLU D 325 -10.69 -20.53 33.11
N ALA D 326 -11.42 -20.47 32.00
CA ALA D 326 -11.45 -21.58 31.05
C ALA D 326 -10.12 -21.75 30.31
N ILE D 327 -9.43 -20.65 30.04
CA ILE D 327 -8.12 -20.72 29.40
C ILE D 327 -7.12 -21.45 30.30
N TYR D 328 -7.08 -21.08 31.58
CA TYR D 328 -6.17 -21.78 32.48
C TYR D 328 -6.53 -23.26 32.58
N ARG D 329 -7.82 -23.56 32.65
CA ARG D 329 -8.28 -24.94 32.77
CA ARG D 329 -8.29 -24.94 32.77
C ARG D 329 -7.91 -25.75 31.53
N ALA D 330 -8.07 -25.15 30.35
CA ALA D 330 -7.78 -25.83 29.09
C ALA D 330 -6.31 -26.20 28.96
N ALA D 331 -5.44 -25.31 29.45
CA ALA D 331 -4.00 -25.57 29.43
C ALA D 331 -3.65 -26.64 30.46
N ARG D 332 -4.30 -26.57 31.61
CA ARG D 332 -4.04 -27.53 32.69
C ARG D 332 -4.51 -28.93 32.31
N GLU D 333 -5.70 -29.03 31.73
CA GLU D 333 -6.27 -30.34 31.45
C GLU D 333 -5.99 -30.82 30.03
N GLY D 334 -5.43 -29.96 29.18
CA GLY D 334 -5.10 -30.38 27.82
C GLY D 334 -6.32 -30.80 27.04
N ARG D 335 -7.38 -30.00 27.13
CA ARG D 335 -8.59 -30.29 26.40
C ARG D 335 -9.32 -29.00 26.06
N THR D 336 -10.25 -29.12 25.11
CA THR D 336 -11.11 -28.01 24.75
C THR D 336 -12.15 -27.82 25.83
N VAL D 337 -12.22 -26.63 26.40
CA VAL D 337 -13.18 -26.33 27.47
C VAL D 337 -14.38 -25.61 26.85
N LYS D 338 -15.58 -26.07 27.15
CA LYS D 338 -16.77 -25.45 26.59
C LYS D 338 -17.34 -24.42 27.55
N LEU D 339 -17.83 -23.32 27.01
CA LEU D 339 -18.42 -22.25 27.81
C LEU D 339 -19.90 -22.06 27.45
N ARG E 5 -45.28 13.08 16.43
CA ARG E 5 -46.36 12.11 16.26
C ARG E 5 -46.10 11.17 15.09
N LYS E 6 -46.86 10.07 15.04
CA LYS E 6 -46.58 9.00 14.10
C LYS E 6 -47.77 8.67 13.22
N LEU E 7 -47.51 8.45 11.93
CA LEU E 7 -48.57 8.04 11.01
C LEU E 7 -48.61 6.52 10.88
N GLY E 8 -49.80 5.96 10.74
CA GLY E 8 -49.94 4.52 10.75
C GLY E 8 -49.81 3.90 9.36
N TYR E 9 -48.94 2.91 9.23
CA TYR E 9 -48.82 2.16 7.98
C TYR E 9 -49.67 0.91 7.97
N ALA E 10 -50.35 0.68 6.87
CA ALA E 10 -50.85 -0.63 6.52
C ALA E 10 -49.89 -1.27 5.56
N ILE E 11 -49.43 -2.48 5.86
CA ILE E 11 -48.53 -3.16 4.95
C ILE E 11 -49.32 -4.18 4.14
N LEU E 12 -49.22 -4.08 2.82
CA LEU E 12 -50.06 -4.87 1.94
C LEU E 12 -49.18 -5.79 1.09
N GLY E 13 -49.38 -7.09 1.24
CA GLY E 13 -48.60 -8.08 0.54
C GLY E 13 -47.46 -8.56 1.44
N LEU E 14 -47.76 -9.55 2.27
CA LEU E 14 -46.79 -9.96 3.29
C LEU E 14 -45.82 -10.98 2.73
N GLY E 15 -45.00 -10.54 1.78
CA GLY E 15 -44.02 -11.43 1.18
C GLY E 15 -42.64 -11.19 1.76
N TYR E 16 -41.60 -11.60 1.02
CA TYR E 16 -40.23 -11.50 1.52
C TYR E 16 -39.85 -10.09 1.94
N TYR E 17 -40.03 -9.11 1.05
CA TYR E 17 -39.56 -7.75 1.36
C TYR E 17 -40.36 -7.15 2.50
N ALA E 18 -41.67 -7.38 2.49
CA ALA E 18 -42.52 -6.84 3.54
C ALA E 18 -42.15 -7.39 4.92
N THR E 19 -42.01 -8.72 5.02
CA THR E 19 -41.85 -9.36 6.32
C THR E 19 -40.42 -9.45 6.80
N ARG E 20 -39.46 -9.67 5.90
CA ARG E 20 -38.07 -9.83 6.32
C ARG E 20 -37.32 -8.52 6.38
N ILE E 21 -37.69 -7.57 5.53
CA ILE E 21 -36.88 -6.37 5.43
C ILE E 21 -37.58 -5.14 6.01
N ILE E 22 -38.84 -4.89 5.60
CA ILE E 22 -39.47 -3.62 5.96
C ILE E 22 -40.08 -3.59 7.37
N MET E 23 -40.85 -4.61 7.71
CA MET E 23 -41.61 -4.53 8.95
C MET E 23 -40.72 -4.46 10.21
N PRO E 24 -39.58 -5.19 10.24
CA PRO E 24 -38.69 -4.96 11.39
C PRO E 24 -38.17 -3.54 11.52
N ARG E 25 -38.19 -2.76 10.44
CA ARG E 25 -37.53 -1.46 10.48
C ARG E 25 -38.42 -0.35 11.02
N PHE E 26 -39.64 -0.67 11.43
CA PHE E 26 -40.48 0.35 12.05
C PHE E 26 -39.88 0.70 13.41
N ALA E 27 -39.07 -0.21 13.95
CA ALA E 27 -38.43 -0.01 15.25
C ALA E 27 -37.69 1.32 15.31
N GLU E 28 -36.94 1.65 14.26
CA GLU E 28 -36.13 2.87 14.27
C GLU E 28 -36.85 4.09 13.71
N CYS E 29 -38.09 3.92 13.24
CA CYS E 29 -38.85 5.06 12.75
C CYS E 29 -39.22 6.00 13.89
N GLU E 30 -39.23 7.30 13.59
CA GLU E 30 -39.61 8.29 14.57
C GLU E 30 -40.99 8.90 14.29
N HIS E 31 -41.50 8.71 13.08
CA HIS E 31 -42.80 9.30 12.71
C HIS E 31 -43.70 8.30 12.01
N SER E 32 -43.39 7.02 12.18
CA SER E 32 -44.09 5.95 11.50
C SER E 32 -44.31 4.79 12.43
N ARG E 33 -45.46 4.14 12.30
CA ARG E 33 -45.75 2.94 13.08
C ARG E 33 -46.56 1.96 12.25
N LEU E 34 -46.37 0.68 12.54
CA LEU E 34 -47.14 -0.37 11.90
C LEU E 34 -48.52 -0.40 12.53
N ALA E 35 -49.56 -0.21 11.72
CA ALA E 35 -50.93 -0.12 12.24
C ALA E 35 -51.85 -1.21 11.69
N ALA E 36 -51.58 -1.68 10.47
CA ALA E 36 -52.45 -2.70 9.88
C ALA E 36 -51.71 -3.64 8.95
N LEU E 37 -52.34 -4.79 8.69
CA LEU E 37 -51.82 -5.80 7.79
C LEU E 37 -52.88 -6.16 6.76
N VAL E 38 -52.49 -6.25 5.49
CA VAL E 38 -53.40 -6.64 4.41
C VAL E 38 -52.76 -7.78 3.63
N SER E 39 -53.46 -8.90 3.51
CA SER E 39 -52.86 -10.12 2.99
C SER E 39 -53.88 -11.05 2.34
N GLY E 40 -53.45 -11.79 1.33
CA GLY E 40 -54.28 -12.81 0.72
C GLY E 40 -54.12 -14.18 1.40
N THR E 41 -53.38 -14.21 2.51
CA THR E 41 -53.10 -15.45 3.22
C THR E 41 -53.51 -15.34 4.69
N PRO E 42 -54.62 -16.00 5.06
CA PRO E 42 -55.12 -15.92 6.44
C PRO E 42 -54.06 -16.23 7.49
N GLU E 43 -53.23 -17.25 7.26
CA GLU E 43 -52.20 -17.67 8.21
C GLU E 43 -51.21 -16.54 8.51
N LYS E 44 -50.84 -15.79 7.48
CA LYS E 44 -49.86 -14.71 7.64
C LYS E 44 -50.42 -13.59 8.51
N LEU E 45 -51.71 -13.31 8.34
CA LEU E 45 -52.36 -12.28 9.13
C LEU E 45 -52.33 -12.67 10.60
N LYS E 46 -52.50 -13.95 10.87
CA LYS E 46 -52.44 -14.46 12.24
C LYS E 46 -51.01 -14.37 12.76
N THR E 47 -50.09 -14.98 12.04
CA THR E 47 -48.68 -14.96 12.41
C THR E 47 -48.16 -13.56 12.68
N TYR E 48 -48.22 -12.68 11.69
CA TYR E 48 -47.64 -11.36 11.83
C TYR E 48 -48.49 -10.44 12.68
N GLY E 49 -49.80 -10.69 12.70
CA GLY E 49 -50.68 -9.94 13.58
C GLY E 49 -50.30 -10.18 15.03
N GLU E 50 -50.10 -11.44 15.39
CA GLU E 50 -49.68 -11.80 16.74
C GLU E 50 -48.29 -11.24 17.04
N GLN E 51 -47.34 -11.53 16.15
CA GLN E 51 -45.96 -11.09 16.35
C GLN E 51 -45.83 -9.59 16.59
N TYR E 52 -46.61 -8.80 15.85
CA TYR E 52 -46.45 -7.34 15.90
C TYR E 52 -47.53 -6.64 16.71
N GLY E 53 -48.44 -7.42 17.29
CA GLY E 53 -49.47 -6.87 18.14
C GLY E 53 -50.49 -6.07 17.35
N ILE E 54 -50.83 -6.57 16.17
CA ILE E 54 -51.85 -5.95 15.34
C ILE E 54 -53.17 -6.66 15.58
N PRO E 55 -54.16 -5.94 16.13
CA PRO E 55 -55.47 -6.52 16.46
C PRO E 55 -56.21 -7.03 15.24
N GLU E 56 -57.04 -8.05 15.43
CA GLU E 56 -57.79 -8.68 14.36
C GLU E 56 -58.64 -7.67 13.58
N THR E 57 -59.04 -6.59 14.25
CA THR E 57 -59.80 -5.53 13.60
C THR E 57 -58.94 -4.72 12.62
N HIS E 58 -57.63 -4.89 12.72
CA HIS E 58 -56.71 -4.15 11.84
C HIS E 58 -56.05 -5.10 10.86
N ARG E 59 -56.65 -6.27 10.67
CA ARG E 59 -56.17 -7.21 9.70
C ARG E 59 -57.18 -7.36 8.56
N TYR E 60 -56.72 -7.19 7.33
CA TYR E 60 -57.60 -7.24 6.16
C TYR E 60 -57.14 -8.30 5.16
N SER E 61 -58.09 -8.83 4.40
CA SER E 61 -57.74 -9.64 3.24
C SER E 61 -57.84 -8.73 2.03
N TYR E 62 -57.54 -9.24 0.85
CA TYR E 62 -57.71 -8.44 -0.36
C TYR E 62 -59.20 -8.23 -0.67
N GLU E 63 -60.06 -9.09 -0.13
CA GLU E 63 -61.52 -8.93 -0.28
C GLU E 63 -62.09 -7.82 0.60
N THR E 64 -61.53 -7.66 1.79
CA THR E 64 -62.09 -6.69 2.72
C THR E 64 -61.28 -5.40 2.78
N PHE E 65 -60.21 -5.34 1.98
CA PHE E 65 -59.27 -4.21 2.03
C PHE E 65 -59.95 -2.84 1.89
N ASP E 66 -61.01 -2.77 1.09
CA ASP E 66 -61.63 -1.47 0.87
C ASP E 66 -62.25 -0.90 2.16
N ARG E 67 -62.56 -1.79 3.10
CA ARG E 67 -63.13 -1.36 4.37
C ARG E 67 -62.15 -0.54 5.22
N ILE E 68 -60.88 -0.54 4.83
CA ILE E 68 -59.84 0.16 5.58
C ILE E 68 -60.12 1.66 5.61
N ILE E 69 -61.00 2.11 4.72
CA ILE E 69 -61.42 3.49 4.65
C ILE E 69 -61.97 3.97 6.01
N ASP E 70 -62.54 3.03 6.77
CA ASP E 70 -63.15 3.36 8.06
C ASP E 70 -62.18 3.25 9.22
N ASN E 71 -60.93 2.90 8.93
CA ASN E 71 -59.90 2.73 9.97
C ASN E 71 -59.01 3.97 10.06
N PRO E 72 -59.24 4.81 11.09
CA PRO E 72 -58.51 6.06 11.21
C PRO E 72 -57.08 5.87 11.75
N ASP E 73 -56.75 4.66 12.17
CA ASP E 73 -55.38 4.37 12.59
C ASP E 73 -54.46 4.20 11.39
N VAL E 74 -55.06 4.06 10.20
CA VAL E 74 -54.28 3.87 8.98
C VAL E 74 -54.21 5.15 8.16
N ASP E 75 -53.00 5.66 7.99
CA ASP E 75 -52.79 6.86 7.18
C ASP E 75 -52.22 6.53 5.81
N ILE E 76 -51.49 5.43 5.74
CA ILE E 76 -50.66 5.11 4.58
C ILE E 76 -50.77 3.64 4.27
N VAL E 77 -50.95 3.30 2.99
CA VAL E 77 -50.89 1.91 2.56
C VAL E 77 -49.59 1.69 1.80
N TYR E 78 -48.81 0.70 2.22
CA TYR E 78 -47.55 0.40 1.57
C TYR E 78 -47.76 -0.86 0.74
N VAL E 79 -47.78 -0.70 -0.58
CA VAL E 79 -48.05 -1.79 -1.50
C VAL E 79 -46.78 -2.56 -1.87
N ILE E 80 -46.71 -3.84 -1.49
CA ILE E 80 -45.50 -4.63 -1.70
C ILE E 80 -45.85 -5.98 -2.35
N THR E 81 -46.52 -5.89 -3.49
CA THR E 81 -46.97 -7.06 -4.23
C THR E 81 -46.14 -7.27 -5.49
N PRO E 82 -46.39 -8.36 -6.24
CA PRO E 82 -45.83 -8.42 -7.60
C PRO E 82 -46.20 -7.17 -8.39
N ASN E 83 -45.35 -6.83 -9.36
CA ASN E 83 -45.43 -5.55 -10.06
C ASN E 83 -46.78 -5.26 -10.72
N SER E 84 -47.40 -6.27 -11.33
CA SER E 84 -48.65 -6.04 -12.06
C SER E 84 -49.82 -5.69 -11.15
N LEU E 85 -49.63 -5.86 -9.84
CA LEU E 85 -50.71 -5.58 -8.90
C LEU E 85 -50.51 -4.25 -8.19
N HIS E 86 -49.41 -3.56 -8.47
CA HIS E 86 -49.19 -2.24 -7.89
C HIS E 86 -50.30 -1.25 -8.23
N ARG E 87 -50.70 -1.21 -9.49
CA ARG E 87 -51.70 -0.23 -9.91
C ARG E 87 -53.06 -0.47 -9.20
N PRO E 88 -53.64 -1.69 -9.30
CA PRO E 88 -54.97 -1.82 -8.69
C PRO E 88 -54.97 -1.60 -7.17
N PHE E 89 -53.96 -2.09 -6.45
CA PHE E 89 -53.96 -1.86 -5.01
C PHE E 89 -53.71 -0.40 -4.66
N THR E 90 -52.87 0.29 -5.45
CA THR E 90 -52.65 1.71 -5.22
C THR E 90 -53.95 2.51 -5.42
N GLU E 91 -54.68 2.20 -6.49
CA GLU E 91 -55.93 2.90 -6.77
C GLU E 91 -56.97 2.66 -5.67
N ARG E 92 -57.08 1.43 -5.21
CA ARG E 92 -58.01 1.11 -4.13
C ARG E 92 -57.63 1.83 -2.83
N ALA E 93 -56.33 1.93 -2.57
CA ALA E 93 -55.85 2.62 -1.38
C ALA E 93 -56.20 4.09 -1.44
N ALA E 94 -56.01 4.70 -2.60
CA ALA E 94 -56.33 6.11 -2.78
C ALA E 94 -57.85 6.35 -2.64
N ARG E 95 -58.65 5.48 -3.23
CA ARG E 95 -60.10 5.58 -3.07
C ARG E 95 -60.53 5.28 -1.62
N ALA E 96 -59.69 4.58 -0.86
CA ALA E 96 -59.96 4.37 0.56
C ALA E 96 -59.44 5.54 1.42
N GLY E 97 -59.07 6.63 0.76
CA GLY E 97 -58.59 7.82 1.44
C GLY E 97 -57.19 7.75 2.05
N LYS E 98 -56.38 6.80 1.60
CA LYS E 98 -55.04 6.62 2.18
C LYS E 98 -53.93 7.14 1.28
N HIS E 99 -52.88 7.70 1.89
CA HIS E 99 -51.66 8.00 1.16
C HIS E 99 -51.00 6.67 0.80
N VAL E 100 -50.10 6.68 -0.19
CA VAL E 100 -49.59 5.41 -0.71
C VAL E 100 -48.07 5.41 -0.85
N MET E 101 -47.45 4.39 -0.26
CA MET E 101 -46.08 4.04 -0.59
C MET E 101 -46.16 2.85 -1.55
N CYS E 102 -45.61 2.97 -2.75
CA CYS E 102 -45.66 1.86 -3.70
C CYS E 102 -44.25 1.38 -4.03
N GLU E 103 -44.02 0.08 -3.98
CA GLU E 103 -42.69 -0.44 -4.30
C GLU E 103 -42.34 -0.26 -5.78
N LYS E 104 -41.05 -0.27 -6.07
CA LYS E 104 -40.56 -0.28 -7.45
C LYS E 104 -40.67 -1.69 -8.03
N PRO E 105 -40.71 -1.81 -9.38
CA PRO E 105 -40.96 -0.72 -10.31
C PRO E 105 -42.40 -0.25 -10.10
N MET E 106 -42.69 1.01 -10.42
CA MET E 106 -43.98 1.57 -10.05
C MET E 106 -45.15 0.75 -10.63
N ALA E 107 -45.06 0.42 -11.91
CA ALA E 107 -46.09 -0.35 -12.60
C ALA E 107 -45.54 -0.88 -13.92
N ASN E 108 -46.35 -1.60 -14.69
CA ASN E 108 -45.86 -2.24 -15.91
C ASN E 108 -45.56 -1.27 -17.04
N THR E 109 -46.31 -0.17 -17.09
CA THR E 109 -46.29 0.74 -18.24
C THR E 109 -46.41 2.19 -17.81
N VAL E 110 -46.05 3.09 -18.72
CA VAL E 110 -46.23 4.51 -18.52
C VAL E 110 -47.70 4.85 -18.21
N ALA E 111 -48.61 4.28 -18.99
CA ALA E 111 -50.04 4.53 -18.79
C ALA E 111 -50.51 4.11 -17.39
N ASP E 112 -50.02 2.97 -16.91
CA ASP E 112 -50.40 2.51 -15.58
C ASP E 112 -49.89 3.48 -14.51
N CYS E 113 -48.67 3.99 -14.67
CA CYS E 113 -48.14 4.97 -13.72
C CYS E 113 -49.00 6.23 -13.72
N GLU E 114 -49.36 6.70 -14.92
CA GLU E 114 -50.16 7.91 -15.02
C GLU E 114 -51.50 7.74 -14.33
N ALA E 115 -52.07 6.55 -14.46
CA ALA E 115 -53.34 6.23 -13.82
C ALA E 115 -53.24 6.23 -12.29
N MET E 116 -52.15 5.70 -11.76
CA MET E 116 -51.94 5.71 -10.30
C MET E 116 -51.78 7.12 -9.79
N ILE E 117 -51.01 7.93 -10.51
CA ILE E 117 -50.81 9.33 -10.16
C ILE E 117 -52.14 10.10 -10.16
N ALA E 118 -52.95 9.92 -11.19
CA ALA E 118 -54.25 10.59 -11.24
C ALA E 118 -55.16 10.14 -10.10
N ALA E 119 -55.13 8.86 -9.74
CA ALA E 119 -55.97 8.34 -8.66
C ALA E 119 -55.61 9.02 -7.35
N CYS E 120 -54.31 9.14 -7.05
CA CYS E 120 -53.90 9.75 -5.79
C CYS E 120 -54.17 11.26 -5.77
N LYS E 121 -53.95 11.92 -6.91
CA LYS E 121 -54.26 13.34 -7.05
C LYS E 121 -55.75 13.61 -6.85
N LYS E 122 -56.59 12.75 -7.40
CA LYS E 122 -58.03 12.87 -7.23
C LYS E 122 -58.43 12.69 -5.77
N ALA E 123 -57.74 11.80 -5.06
CA ALA E 123 -58.05 11.54 -3.66
C ALA E 123 -57.46 12.59 -2.73
N GLY E 124 -56.65 13.50 -3.28
CA GLY E 124 -55.91 14.45 -2.47
C GLY E 124 -54.91 13.78 -1.53
N ARG E 125 -54.29 12.70 -2.00
CA ARG E 125 -53.36 11.92 -1.18
C ARG E 125 -51.99 11.80 -1.84
N LYS E 126 -50.94 11.71 -1.03
CA LYS E 126 -49.58 11.69 -1.55
C LYS E 126 -49.19 10.29 -2.02
N LEU E 127 -48.28 10.23 -2.99
CA LEU E 127 -47.80 8.98 -3.56
C LEU E 127 -46.29 9.00 -3.59
N MET E 128 -45.67 7.96 -3.06
CA MET E 128 -44.22 7.86 -3.04
C MET E 128 -43.81 6.46 -3.52
N ILE E 129 -42.70 6.41 -4.25
CA ILE E 129 -42.17 5.15 -4.72
C ILE E 129 -40.99 4.74 -3.84
N GLY E 130 -40.85 3.45 -3.59
CA GLY E 130 -39.87 2.93 -2.65
C GLY E 130 -38.44 2.88 -3.17
N TYR E 131 -37.89 4.04 -3.52
CA TYR E 131 -36.50 4.13 -3.95
C TYR E 131 -35.63 4.42 -2.72
N ARG E 132 -35.41 3.39 -1.92
CA ARG E 132 -34.74 3.54 -0.62
C ARG E 132 -33.32 4.08 -0.74
N SER E 133 -32.70 3.89 -1.90
CA SER E 133 -31.29 4.25 -2.06
C SER E 133 -31.10 5.75 -1.92
N ARG E 134 -32.17 6.51 -2.12
CA ARG E 134 -32.11 7.95 -1.96
C ARG E 134 -31.96 8.34 -0.48
N PHE E 135 -32.13 7.37 0.42
CA PHE E 135 -32.01 7.63 1.84
C PHE E 135 -30.82 6.88 2.44
N GLN E 136 -30.01 6.30 1.57
CA GLN E 136 -28.87 5.48 2.01
C GLN E 136 -27.59 6.35 2.04
N ALA E 137 -26.80 6.23 3.10
CA ALA E 137 -25.70 7.17 3.35
C ALA E 137 -24.68 7.31 2.22
N HIS E 138 -24.23 6.19 1.68
CA HIS E 138 -23.22 6.22 0.61
C HIS E 138 -23.78 6.87 -0.64
N ASN E 139 -25.03 6.55 -0.97
CA ASN E 139 -25.66 7.14 -2.14
C ASN E 139 -25.83 8.64 -1.97
N ILE E 140 -26.23 9.06 -0.78
CA ILE E 140 -26.39 10.49 -0.50
C ILE E 140 -25.03 11.21 -0.65
N GLU E 141 -23.97 10.56 -0.18
CA GLU E 141 -22.62 11.11 -0.28
C GLU E 141 -22.18 11.25 -1.74
N ALA E 142 -22.52 10.27 -2.56
CA ALA E 142 -22.16 10.33 -3.99
C ALA E 142 -22.88 11.48 -4.68
N ILE E 143 -24.19 11.62 -4.43
CA ILE E 143 -24.96 12.74 -4.97
C ILE E 143 -24.37 14.07 -4.51
N LYS E 144 -23.94 14.12 -3.25
CA LYS E 144 -23.40 15.37 -2.70
C LYS E 144 -22.10 15.77 -3.38
N LEU E 145 -21.20 14.81 -3.56
CA LEU E 145 -19.96 15.07 -4.27
C LEU E 145 -20.24 15.62 -5.68
N VAL E 146 -21.22 15.05 -6.38
CA VAL E 146 -21.59 15.55 -7.71
C VAL E 146 -22.08 17.00 -7.63
N ARG E 147 -23.06 17.24 -6.75
CA ARG E 147 -23.68 18.56 -6.67
CA ARG E 147 -23.68 18.55 -6.62
C ARG E 147 -22.70 19.61 -6.11
N ASP E 148 -21.79 19.21 -5.24
CA ASP E 148 -20.78 20.16 -4.72
C ASP E 148 -19.69 20.48 -5.76
N GLY E 149 -19.70 19.77 -6.89
CA GLY E 149 -18.73 20.03 -7.93
C GLY E 149 -17.38 19.35 -7.74
N ALA E 150 -17.32 18.36 -6.85
CA ALA E 150 -16.07 17.64 -6.58
C ALA E 150 -15.52 16.94 -7.81
N LEU E 151 -16.39 16.52 -8.73
CA LEU E 151 -15.97 15.74 -9.88
C LEU E 151 -15.84 16.57 -11.15
N GLY E 152 -16.27 17.82 -11.11
CA GLY E 152 -16.46 18.59 -12.32
C GLY E 152 -17.80 18.17 -12.92
N PRO E 153 -18.10 18.60 -14.16
CA PRO E 153 -19.37 18.16 -14.73
C PRO E 153 -19.38 16.65 -14.90
N VAL E 154 -20.51 16.00 -14.66
CA VAL E 154 -20.59 14.56 -14.84
C VAL E 154 -20.40 14.24 -16.32
N ARG E 155 -19.48 13.33 -16.61
CA ARG E 155 -19.26 12.90 -17.98
C ARG E 155 -19.76 11.46 -18.20
N THR E 156 -19.45 10.56 -17.28
CA THR E 156 -19.92 9.19 -17.41
C THR E 156 -20.48 8.64 -16.10
N VAL E 157 -21.50 7.81 -16.24
CA VAL E 157 -21.98 6.96 -15.17
C VAL E 157 -21.94 5.52 -15.69
N VAL E 158 -21.27 4.63 -14.96
CA VAL E 158 -21.18 3.24 -15.37
C VAL E 158 -21.76 2.43 -14.24
N THR E 159 -22.86 1.72 -14.48
CA THR E 159 -23.57 1.10 -13.38
C THR E 159 -24.14 -0.25 -13.80
N ASP E 160 -23.96 -1.25 -12.93
CA ASP E 160 -24.38 -2.61 -13.23
C ASP E 160 -25.23 -3.17 -12.10
N HIS E 161 -26.41 -3.67 -12.43
CA HIS E 161 -27.23 -4.33 -11.43
C HIS E 161 -27.74 -5.65 -11.97
N GLY E 162 -27.54 -6.69 -11.19
CA GLY E 162 -28.02 -7.99 -11.61
C GLY E 162 -27.90 -8.99 -10.50
N PHE E 163 -28.70 -10.05 -10.56
CA PHE E 163 -28.42 -11.19 -9.70
C PHE E 163 -28.75 -12.46 -10.45
N THR E 164 -28.17 -13.57 -10.02
CA THR E 164 -28.44 -14.86 -10.63
C THR E 164 -29.76 -15.37 -10.08
N ILE E 165 -30.85 -15.17 -10.82
CA ILE E 165 -32.18 -15.52 -10.32
C ILE E 165 -32.35 -17.06 -10.34
N GLY E 166 -33.16 -17.58 -9.41
CA GLY E 166 -33.26 -19.02 -9.25
C GLY E 166 -34.48 -19.70 -9.86
N ASP E 167 -35.44 -20.00 -8.99
CA ASP E 167 -36.65 -20.76 -9.34
C ASP E 167 -37.43 -20.17 -10.51
N PRO E 168 -37.53 -20.92 -11.63
CA PRO E 168 -38.25 -20.46 -12.82
C PRO E 168 -39.74 -20.21 -12.59
N LYS E 169 -40.30 -20.75 -11.51
CA LYS E 169 -41.74 -20.64 -11.29
C LYS E 169 -42.14 -19.36 -10.54
N GLN E 170 -41.16 -18.58 -10.09
CA GLN E 170 -41.48 -17.41 -9.28
C GLN E 170 -42.09 -16.29 -10.14
N TRP E 171 -42.83 -15.38 -9.51
CA TRP E 171 -43.56 -14.38 -10.27
C TRP E 171 -42.65 -13.46 -11.08
N ARG E 172 -41.41 -13.24 -10.64
CA ARG E 172 -40.52 -12.35 -11.39
C ARG E 172 -40.23 -12.87 -12.79
N LEU E 173 -40.37 -14.18 -13.01
CA LEU E 173 -40.10 -14.77 -14.32
C LEU E 173 -41.39 -15.07 -15.09
N ASN E 174 -42.48 -14.48 -14.60
CA ASN E 174 -43.82 -14.64 -15.18
C ASN E 174 -44.27 -13.28 -15.73
N ARG E 175 -44.40 -13.14 -17.05
CA ARG E 175 -44.66 -11.80 -17.60
C ARG E 175 -45.94 -11.18 -17.05
N ALA E 176 -46.98 -12.00 -16.87
CA ALA E 176 -48.27 -11.49 -16.43
C ALA E 176 -48.18 -10.77 -15.09
N LEU E 177 -47.31 -11.25 -14.21
CA LEU E 177 -47.17 -10.67 -12.88
C LEU E 177 -45.98 -9.73 -12.71
N ALA E 178 -44.93 -9.92 -13.51
CA ALA E 178 -43.71 -9.11 -13.40
C ALA E 178 -43.67 -7.91 -14.36
N GLY E 179 -44.34 -8.02 -15.50
CA GLY E 179 -44.37 -6.95 -16.47
C GLY E 179 -43.10 -6.82 -17.33
N GLY E 180 -42.13 -7.68 -17.07
CA GLY E 180 -40.87 -7.66 -17.79
C GLY E 180 -39.81 -8.37 -16.95
N GLY E 181 -38.60 -8.46 -17.48
CA GLY E 181 -37.55 -9.24 -16.84
C GLY E 181 -36.63 -8.43 -15.95
N SER E 182 -35.32 -8.65 -16.12
CA SER E 182 -34.34 -8.05 -15.22
C SER E 182 -34.47 -6.53 -15.14
N LEU E 183 -34.82 -5.89 -16.25
CA LEU E 183 -34.90 -4.43 -16.25
C LEU E 183 -35.96 -3.93 -15.26
N MET E 184 -37.07 -4.66 -15.16
CA MET E 184 -38.16 -4.23 -14.29
C MET E 184 -37.75 -4.34 -12.82
N ASP E 185 -37.01 -5.39 -12.50
CA ASP E 185 -36.74 -5.74 -11.11
C ASP E 185 -35.43 -5.18 -10.54
N ILE E 186 -34.36 -5.28 -11.31
CA ILE E 186 -33.03 -4.96 -10.77
C ILE E 186 -32.31 -3.93 -11.65
N GLY E 187 -32.54 -3.99 -12.96
CA GLY E 187 -31.92 -3.02 -13.86
C GLY E 187 -32.41 -1.61 -13.62
N ILE E 188 -33.61 -1.50 -13.05
CA ILE E 188 -34.19 -0.21 -12.74
C ILE E 188 -33.29 0.56 -11.75
N TYR E 189 -32.52 -0.14 -10.90
CA TYR E 189 -31.56 0.57 -10.03
C TYR E 189 -30.44 1.27 -10.82
N SER E 190 -29.98 0.65 -11.90
CA SER E 190 -28.99 1.29 -12.78
C SER E 190 -29.56 2.57 -13.40
N LEU E 191 -30.78 2.46 -13.89
CA LEU E 191 -31.47 3.58 -14.51
C LEU E 191 -31.71 4.69 -13.50
N ASN E 192 -32.26 4.33 -12.35
CA ASN E 192 -32.61 5.31 -11.33
C ASN E 192 -31.36 6.03 -10.84
N ALA E 193 -30.26 5.30 -10.71
CA ALA E 193 -28.99 5.88 -10.29
C ALA E 193 -28.41 6.84 -11.36
N ALA E 194 -28.45 6.44 -12.62
CA ALA E 194 -28.02 7.33 -13.71
C ALA E 194 -28.72 8.67 -13.61
N ARG E 195 -30.02 8.61 -13.31
CA ARG E 195 -30.86 9.80 -13.23
C ARG E 195 -30.55 10.65 -12.00
N TYR E 196 -30.44 10.04 -10.81
CA TYR E 196 -30.17 10.88 -9.64
C TYR E 196 -28.68 11.31 -9.50
N LEU E 197 -27.75 10.59 -10.13
CA LEU E 197 -26.36 11.04 -10.10
C LEU E 197 -26.12 12.19 -11.07
N THR E 198 -26.70 12.12 -12.28
CA THR E 198 -26.58 13.25 -13.20
C THR E 198 -27.49 14.38 -12.76
N GLY E 199 -28.61 14.02 -12.15
CA GLY E 199 -29.68 14.96 -11.87
C GLY E 199 -30.38 15.40 -13.15
N GLU E 200 -30.29 14.57 -14.18
CA GLU E 200 -30.91 14.88 -15.47
C GLU E 200 -31.84 13.77 -15.96
N GLU E 201 -32.59 14.06 -17.01
CA GLU E 201 -33.38 13.02 -17.68
C GLU E 201 -32.80 12.73 -19.06
N PRO E 202 -32.74 11.46 -19.47
CA PRO E 202 -32.08 11.16 -20.74
C PRO E 202 -32.87 11.64 -21.96
N VAL E 203 -32.14 11.99 -23.01
CA VAL E 203 -32.73 12.38 -24.29
C VAL E 203 -32.53 11.34 -25.39
N ALA E 204 -31.67 10.34 -25.16
CA ALA E 204 -31.46 9.27 -26.13
C ALA E 204 -31.07 7.97 -25.44
N VAL E 205 -31.49 6.86 -26.05
CA VAL E 205 -31.33 5.54 -25.46
C VAL E 205 -30.89 4.51 -26.50
N ASN E 206 -29.82 3.77 -26.21
CA ASN E 206 -29.47 2.55 -26.93
C ASN E 206 -29.68 1.33 -26.04
N ALA E 207 -29.94 0.16 -26.62
CA ALA E 207 -29.99 -1.05 -25.80
C ALA E 207 -29.65 -2.31 -26.59
N VAL E 208 -29.12 -3.29 -25.87
CA VAL E 208 -28.80 -4.61 -26.41
C VAL E 208 -29.42 -5.64 -25.45
N GLU E 209 -30.21 -6.56 -25.98
CA GLU E 209 -30.82 -7.58 -25.14
C GLU E 209 -30.21 -8.94 -25.51
N SER E 210 -29.91 -9.76 -24.51
CA SER E 210 -29.38 -11.10 -24.76
C SER E 210 -29.97 -12.09 -23.77
N THR E 211 -30.75 -13.04 -24.28
CA THR E 211 -31.45 -13.98 -23.42
C THR E 211 -31.42 -15.37 -24.05
N ASP E 212 -31.02 -16.38 -23.28
CA ASP E 212 -31.04 -17.76 -23.75
C ASP E 212 -32.43 -18.34 -23.48
N ARG E 213 -33.22 -18.43 -24.54
CA ARG E 213 -34.62 -18.86 -24.41
C ARG E 213 -34.74 -20.38 -24.15
N SER E 214 -33.61 -21.08 -24.20
CA SER E 214 -33.63 -22.50 -23.85
C SER E 214 -33.39 -22.68 -22.35
N ASP E 215 -33.09 -21.58 -21.66
CA ASP E 215 -32.96 -21.59 -20.21
C ASP E 215 -34.36 -21.63 -19.60
N PRO E 216 -34.61 -22.55 -18.66
CA PRO E 216 -35.91 -22.71 -18.02
C PRO E 216 -36.41 -21.43 -17.34
N ARG E 217 -35.50 -20.53 -17.02
CA ARG E 217 -35.89 -19.30 -16.33
C ARG E 217 -36.51 -18.26 -17.28
N PHE E 218 -36.15 -18.33 -18.56
CA PHE E 218 -36.34 -17.19 -19.45
C PHE E 218 -37.26 -17.47 -20.64
N GLY E 219 -38.35 -18.20 -20.39
CA GLY E 219 -39.32 -18.45 -21.44
C GLY E 219 -40.15 -17.21 -21.74
N GLU E 220 -40.31 -16.36 -20.73
CA GLU E 220 -41.28 -15.26 -20.82
C GLU E 220 -40.65 -13.85 -20.75
N VAL E 221 -39.57 -13.70 -19.98
CA VAL E 221 -39.00 -12.36 -19.78
C VAL E 221 -37.50 -12.34 -20.06
N GLU E 222 -36.91 -11.16 -20.16
CA GLU E 222 -35.53 -11.04 -20.60
C GLU E 222 -34.52 -11.24 -19.46
N ASP E 223 -33.34 -11.73 -19.82
CA ASP E 223 -32.24 -11.94 -18.89
C ASP E 223 -31.38 -10.67 -18.85
N ILE E 224 -30.56 -10.50 -19.88
CA ILE E 224 -29.69 -9.34 -19.95
C ILE E 224 -30.26 -8.30 -20.89
N ILE E 225 -30.35 -7.06 -20.43
CA ILE E 225 -30.60 -5.96 -21.36
C ILE E 225 -29.77 -4.76 -20.91
N ASN E 226 -28.75 -4.48 -21.69
CA ASN E 226 -27.82 -3.42 -21.35
C ASN E 226 -28.18 -2.18 -22.14
N PHE E 227 -28.01 -1.01 -21.54
CA PHE E 227 -28.45 0.19 -22.22
C PHE E 227 -27.50 1.38 -22.05
N GLN E 228 -27.60 2.31 -23.00
CA GLN E 228 -26.84 3.53 -22.97
C GLN E 228 -27.78 4.71 -22.89
N LEU E 229 -27.40 5.72 -22.11
CA LEU E 229 -28.19 6.93 -21.98
C LEU E 229 -27.35 8.13 -22.34
N LEU E 230 -27.95 9.07 -23.06
CA LEU E 230 -27.35 10.37 -23.30
C LEU E 230 -28.20 11.42 -22.60
N PHE E 231 -27.56 12.35 -21.89
CA PHE E 231 -28.27 13.42 -21.19
C PHE E 231 -28.02 14.79 -21.85
N PRO E 232 -28.89 15.78 -21.60
CA PRO E 232 -28.75 17.12 -22.22
C PRO E 232 -27.40 17.76 -22.00
N SER E 233 -26.81 17.58 -20.83
CA SER E 233 -25.53 18.22 -20.54
C SER E 233 -24.39 17.64 -21.35
N GLY E 234 -24.61 16.46 -21.96
CA GLY E 234 -23.53 15.71 -22.61
C GLY E 234 -23.10 14.51 -21.76
N ALA E 235 -23.59 14.44 -20.52
CA ALA E 235 -23.28 13.30 -19.67
C ALA E 235 -23.79 12.02 -20.34
N THR E 236 -23.09 10.92 -20.10
CA THR E 236 -23.46 9.61 -20.63
C THR E 236 -23.57 8.57 -19.54
N ALA E 237 -24.35 7.53 -19.78
CA ALA E 237 -24.36 6.37 -18.90
C ALA E 237 -24.33 5.07 -19.69
N ASN E 238 -23.59 4.10 -19.17
CA ASN E 238 -23.55 2.73 -19.65
C ASN E 238 -24.08 1.88 -18.52
N CYS E 239 -25.15 1.11 -18.79
CA CYS E 239 -25.85 0.37 -17.74
C CYS E 239 -26.02 -1.11 -18.07
N VAL E 240 -25.82 -1.95 -17.05
CA VAL E 240 -26.12 -3.38 -17.16
C VAL E 240 -27.35 -3.71 -16.32
N SER E 241 -28.22 -4.54 -16.87
CA SER E 241 -29.35 -5.14 -16.17
C SER E 241 -29.28 -6.64 -16.46
N ALA E 242 -29.23 -7.49 -15.43
CA ALA E 242 -29.07 -8.92 -15.69
C ALA E 242 -29.76 -9.83 -14.69
N TYR E 243 -30.22 -10.99 -15.17
CA TYR E 243 -30.73 -12.06 -14.31
C TYR E 243 -29.81 -13.29 -14.31
N SER E 244 -28.66 -13.20 -14.98
CA SER E 244 -27.74 -14.33 -14.98
C SER E 244 -26.31 -14.02 -14.49
N VAL E 245 -26.09 -12.81 -13.97
CA VAL E 245 -24.83 -12.51 -13.28
C VAL E 245 -25.11 -11.70 -12.04
N ASN E 246 -24.15 -11.67 -11.13
CA ASN E 246 -24.25 -10.85 -9.95
C ASN E 246 -23.41 -9.58 -10.06
N CYS E 247 -24.07 -8.44 -9.92
CA CYS E 247 -23.40 -7.15 -9.87
C CYS E 247 -24.30 -6.14 -9.17
N ASN E 248 -23.68 -5.19 -8.49
CA ASN E 248 -24.42 -4.13 -7.83
C ASN E 248 -23.47 -2.98 -7.55
N ARG E 249 -23.41 -2.02 -8.48
CA ARG E 249 -22.40 -0.99 -8.38
C ARG E 249 -22.68 0.20 -9.29
N TYR E 250 -22.06 1.31 -8.97
CA TYR E 250 -21.93 2.36 -9.96
C TYR E 250 -20.68 3.21 -9.71
N ARG E 251 -20.18 3.81 -10.77
CA ARG E 251 -19.17 4.84 -10.67
C ARG E 251 -19.63 6.03 -11.48
N VAL E 252 -19.57 7.22 -10.89
CA VAL E 252 -19.82 8.45 -11.64
C VAL E 252 -18.50 9.22 -11.73
N SER E 253 -18.19 9.71 -12.94
CA SER E 253 -16.89 10.35 -13.22
C SER E 253 -17.02 11.69 -13.93
N GLY E 254 -16.14 12.61 -13.57
CA GLY E 254 -15.98 13.86 -14.29
C GLY E 254 -14.51 14.15 -14.45
N PRO E 255 -14.16 15.29 -15.06
CA PRO E 255 -12.76 15.59 -15.31
C PRO E 255 -11.92 15.80 -14.03
N LYS E 256 -12.56 16.05 -12.88
CA LYS E 256 -11.77 16.28 -11.65
C LYS E 256 -11.65 15.03 -10.80
N GLY E 257 -12.44 14.01 -11.10
CA GLY E 257 -12.31 12.76 -10.38
C GLY E 257 -13.53 11.88 -10.47
N TRP E 258 -13.55 10.83 -9.66
CA TRP E 258 -14.72 9.95 -9.66
C TRP E 258 -15.01 9.36 -8.30
N VAL E 259 -16.23 8.88 -8.13
CA VAL E 259 -16.60 8.17 -6.91
C VAL E 259 -17.42 6.94 -7.29
N GLU E 260 -17.22 5.83 -6.58
CA GLU E 260 -17.94 4.62 -6.89
C GLU E 260 -18.41 3.94 -5.62
N ILE E 261 -19.46 3.16 -5.75
CA ILE E 261 -19.97 2.38 -4.63
C ILE E 261 -20.20 0.96 -5.10
N ASP E 262 -19.75 -0.02 -4.32
CA ASP E 262 -19.87 -1.42 -4.71
C ASP E 262 -19.73 -2.28 -3.45
N PRO E 263 -20.84 -2.88 -2.98
CA PRO E 263 -22.20 -2.84 -3.53
C PRO E 263 -22.82 -1.46 -3.34
N ALA E 264 -23.67 -1.05 -4.27
CA ALA E 264 -24.17 0.32 -4.27
C ALA E 264 -25.56 0.45 -3.64
N THR E 265 -26.46 -0.46 -3.99
CA THR E 265 -27.86 -0.30 -3.62
C THR E 265 -28.38 -1.54 -2.90
N SER E 266 -27.46 -2.27 -2.27
CA SER E 266 -27.82 -3.43 -1.47
C SER E 266 -28.49 -3.00 -0.18
N TYR E 267 -29.06 -3.96 0.55
CA TYR E 267 -29.68 -3.69 1.84
C TYR E 267 -28.63 -3.18 2.83
N GLN E 268 -27.42 -3.73 2.77
CA GLN E 268 -26.34 -3.28 3.63
C GLN E 268 -24.98 -3.62 3.00
N GLY E 269 -23.90 -3.19 3.65
CA GLY E 269 -22.57 -3.57 3.21
C GLY E 269 -21.96 -2.67 2.13
N GLN E 270 -22.62 -1.56 1.82
CA GLN E 270 -22.07 -0.57 0.89
C GLN E 270 -20.62 -0.21 1.21
N ALA E 271 -19.80 -0.11 0.17
CA ALA E 271 -18.43 0.39 0.32
C ALA E 271 -18.18 1.40 -0.81
N MET E 272 -17.51 2.49 -0.47
CA MET E 272 -17.26 3.57 -1.42
C MET E 272 -15.76 3.80 -1.61
N ARG E 273 -15.36 4.04 -2.85
CA ARG E 273 -13.97 4.40 -3.17
C ARG E 273 -14.05 5.67 -4.01
N ALA E 274 -13.08 6.58 -3.87
CA ALA E 274 -13.12 7.78 -4.68
C ALA E 274 -11.73 8.14 -5.15
N GLN E 275 -11.66 8.74 -6.32
CA GLN E 275 -10.41 9.27 -6.84
C GLN E 275 -10.59 10.77 -7.02
N LEU E 276 -9.99 11.55 -6.12
CA LEU E 276 -10.16 12.99 -6.12
C LEU E 276 -8.81 13.67 -6.07
N GLY E 277 -8.14 13.77 -7.22
CA GLY E 277 -6.84 14.44 -7.25
C GLY E 277 -5.66 13.60 -6.80
N GLY E 278 -5.94 12.54 -6.05
CA GLY E 278 -4.93 11.55 -5.72
C GLY E 278 -5.34 10.18 -6.22
N PRO E 279 -4.58 9.13 -5.84
CA PRO E 279 -4.95 7.76 -6.22
C PRO E 279 -6.29 7.35 -5.61
N PRO E 280 -6.95 6.32 -6.16
CA PRO E 280 -8.22 5.86 -5.57
C PRO E 280 -8.05 5.46 -4.12
N ALA E 281 -9.01 5.82 -3.27
CA ALA E 281 -8.93 5.49 -1.86
C ALA E 281 -10.32 5.30 -1.29
N PRO E 282 -10.46 4.46 -0.25
CA PRO E 282 -11.73 4.29 0.43
C PRO E 282 -12.20 5.61 0.99
N ARG E 283 -13.51 5.83 0.99
CA ARG E 283 -14.07 7.03 1.57
C ARG E 283 -15.27 6.63 2.39
N GLU E 284 -15.38 7.18 3.60
CA GLU E 284 -16.55 6.96 4.45
C GLU E 284 -17.55 8.10 4.27
N PRO E 285 -18.81 7.77 3.97
CA PRO E 285 -19.79 8.84 3.77
C PRO E 285 -20.16 9.52 5.08
N ALA E 286 -20.70 10.73 5.01
CA ALA E 286 -21.31 11.36 6.18
C ALA E 286 -22.39 10.44 6.73
N PRO E 287 -22.46 10.28 8.05
CA PRO E 287 -23.44 9.34 8.61
C PRO E 287 -24.86 9.88 8.57
N GLN E 288 -25.83 8.97 8.55
CA GLN E 288 -27.23 9.36 8.52
C GLN E 288 -27.87 9.01 9.86
N PRO E 289 -28.90 9.77 10.27
CA PRO E 289 -29.59 9.52 11.54
C PRO E 289 -30.16 8.12 11.62
N LYS E 290 -30.60 7.57 10.50
CA LYS E 290 -31.16 6.23 10.51
C LYS E 290 -31.04 5.51 9.18
N ASN E 291 -31.20 4.20 9.24
CA ASN E 291 -31.03 3.31 8.11
C ASN E 291 -31.99 3.68 6.97
N GLN E 292 -31.69 3.21 5.76
CA GLN E 292 -32.39 3.67 4.56
C GLN E 292 -33.87 3.28 4.57
N PHE E 293 -34.21 2.17 5.21
CA PHE E 293 -35.60 1.68 5.24
C PHE E 293 -36.46 2.55 6.16
N SER E 294 -36.02 2.74 7.40
CA SER E 294 -36.72 3.61 8.33
C SER E 294 -36.77 5.06 7.83
N ALA E 295 -35.67 5.51 7.23
CA ALA E 295 -35.62 6.85 6.64
C ALA E 295 -36.66 6.99 5.51
N GLN E 296 -36.80 5.95 4.70
CA GLN E 296 -37.78 5.99 3.61
C GLN E 296 -39.20 6.10 4.18
N LEU E 297 -39.49 5.24 5.17
CA LEU E 297 -40.81 5.23 5.82
C LEU E 297 -41.16 6.57 6.45
N ASP E 298 -40.20 7.15 7.18
CA ASP E 298 -40.40 8.44 7.86
C ASP E 298 -40.50 9.59 6.88
N HIS E 299 -39.81 9.47 5.75
CA HIS E 299 -39.86 10.53 4.75
C HIS E 299 -41.30 10.79 4.30
N LEU E 300 -42.03 9.72 3.98
CA LEU E 300 -43.42 9.89 3.54
C LEU E 300 -44.26 10.47 4.67
N SER E 301 -44.11 9.91 5.86
CA SER E 301 -44.85 10.38 7.04
C SER E 301 -44.57 11.87 7.30
N GLU E 302 -43.31 12.27 7.20
CA GLU E 302 -42.94 13.66 7.42
C GLU E 302 -43.49 14.57 6.32
N CYS E 303 -43.50 14.09 5.08
CA CYS E 303 -44.08 14.87 3.99
C CYS E 303 -45.56 15.13 4.22
N ILE E 304 -46.29 14.13 4.70
CA ILE E 304 -47.71 14.29 4.98
C ILE E 304 -47.91 15.28 6.12
N LEU E 305 -47.10 15.16 7.17
CA LEU E 305 -47.21 16.02 8.35
C LEU E 305 -46.89 17.49 8.07
N THR E 306 -45.96 17.75 7.16
CA THR E 306 -45.55 19.12 6.87
C THR E 306 -46.08 19.64 5.53
N GLY E 307 -46.71 18.77 4.75
CA GLY E 307 -47.29 19.19 3.48
C GLY E 307 -46.33 19.16 2.29
N ARG E 308 -45.10 18.69 2.50
CA ARG E 308 -44.10 18.66 1.44
C ARG E 308 -44.34 17.52 0.44
N GLU E 309 -43.72 17.64 -0.73
CA GLU E 309 -43.76 16.57 -1.72
C GLU E 309 -42.57 15.63 -1.52
N PRO E 310 -42.81 14.30 -1.60
CA PRO E 310 -41.72 13.34 -1.46
C PRO E 310 -40.64 13.58 -2.50
N ILE E 311 -39.38 13.32 -2.16
CA ILE E 311 -38.30 13.51 -3.12
C ILE E 311 -38.34 12.42 -4.19
N VAL E 312 -39.02 11.32 -3.91
CA VAL E 312 -39.23 10.27 -4.89
C VAL E 312 -40.73 9.98 -5.05
N GLY E 313 -41.46 10.94 -5.60
CA GLY E 313 -42.90 10.81 -5.76
C GLY E 313 -43.26 9.93 -6.94
N GLY E 314 -44.57 9.84 -7.22
CA GLY E 314 -45.05 9.09 -8.36
C GLY E 314 -44.42 9.50 -9.69
N ASP E 315 -44.08 10.78 -9.83
CA ASP E 315 -43.47 11.22 -11.09
C ASP E 315 -42.07 10.64 -11.28
N ASP E 316 -41.37 10.32 -10.20
CA ASP E 316 -40.07 9.68 -10.34
C ASP E 316 -40.25 8.27 -10.90
N GLY E 317 -41.26 7.55 -10.40
CA GLY E 317 -41.54 6.21 -10.87
C GLY E 317 -41.93 6.24 -12.33
N LEU E 318 -42.69 7.26 -12.69
CA LEU E 318 -43.16 7.44 -14.07
C LEU E 318 -42.00 7.72 -15.02
N LYS E 319 -41.09 8.60 -14.61
CA LYS E 319 -39.93 8.92 -15.41
C LYS E 319 -39.11 7.67 -15.69
N ASP E 320 -38.98 6.78 -14.70
CA ASP E 320 -38.26 5.53 -14.93
C ASP E 320 -38.98 4.66 -15.97
N LEU E 321 -40.30 4.53 -15.83
CA LEU E 321 -41.05 3.70 -16.77
C LEU E 321 -40.98 4.25 -18.20
N ARG E 322 -40.95 5.57 -18.34
CA ARG E 322 -40.81 6.19 -19.66
C ARG E 322 -39.50 5.76 -20.32
N VAL E 323 -38.41 5.74 -19.54
CA VAL E 323 -37.13 5.35 -20.10
C VAL E 323 -37.09 3.84 -20.32
N ILE E 324 -37.68 3.08 -19.40
CA ILE E 324 -37.76 1.63 -19.57
C ILE E 324 -38.48 1.24 -20.86
N GLU E 325 -39.58 1.92 -21.18
CA GLU E 325 -40.26 1.65 -22.44
C GLU E 325 -39.32 1.90 -23.63
N ALA E 326 -38.52 2.96 -23.56
CA ALA E 326 -37.60 3.33 -24.63
C ALA E 326 -36.43 2.35 -24.73
N ILE E 327 -35.99 1.82 -23.59
CA ILE E 327 -34.94 0.79 -23.55
C ILE E 327 -35.40 -0.48 -24.26
N TYR E 328 -36.59 -0.97 -23.90
CA TYR E 328 -37.13 -2.14 -24.58
C TYR E 328 -37.31 -1.87 -26.09
N ARG E 329 -37.78 -0.67 -26.43
CA ARG E 329 -37.96 -0.35 -27.86
C ARG E 329 -36.63 -0.31 -28.59
N ALA E 330 -35.61 0.29 -27.95
CA ALA E 330 -34.30 0.43 -28.59
C ALA E 330 -33.69 -0.93 -28.86
N ALA E 331 -33.89 -1.86 -27.94
CA ALA E 331 -33.41 -3.23 -28.11
C ALA E 331 -34.16 -3.94 -29.23
N ARG E 332 -35.48 -3.75 -29.24
CA ARG E 332 -36.35 -4.42 -30.21
C ARG E 332 -36.07 -3.92 -31.61
N GLU E 333 -35.92 -2.60 -31.76
CA GLU E 333 -35.79 -2.02 -33.08
C GLU E 333 -34.33 -1.81 -33.51
N GLY E 334 -33.39 -2.03 -32.61
CA GLY E 334 -31.98 -1.87 -32.95
C GLY E 334 -31.64 -0.47 -33.42
N ARG E 335 -32.12 0.54 -32.68
CA ARG E 335 -31.83 1.91 -33.05
C ARG E 335 -31.81 2.78 -31.80
N THR E 336 -31.25 3.97 -31.93
CA THR E 336 -31.22 4.93 -30.85
C THR E 336 -32.61 5.55 -30.74
N VAL E 337 -33.22 5.45 -29.57
CA VAL E 337 -34.55 5.98 -29.38
C VAL E 337 -34.46 7.35 -28.71
N LYS E 338 -35.14 8.35 -29.26
CA LYS E 338 -35.09 9.69 -28.70
C LYS E 338 -36.22 9.90 -27.69
N LEU E 339 -35.92 10.65 -26.63
CA LEU E 339 -36.88 11.00 -25.61
C LEU E 339 -36.98 12.53 -25.49
N ARG F 5 40.50 -19.96 -16.83
CA ARG F 5 41.51 -19.87 -15.78
C ARG F 5 40.95 -19.18 -14.52
N LYS F 6 40.95 -19.90 -13.41
CA LYS F 6 40.37 -19.40 -12.17
C LYS F 6 41.39 -19.36 -11.04
N LEU F 7 41.43 -18.25 -10.31
CA LEU F 7 42.27 -18.16 -9.12
C LEU F 7 41.47 -18.61 -7.90
N GLY F 8 42.16 -19.21 -6.94
CA GLY F 8 41.50 -19.77 -5.78
C GLY F 8 41.41 -18.82 -4.60
N TYR F 9 40.20 -18.70 -4.06
CA TYR F 9 39.92 -17.86 -2.89
C TYR F 9 39.85 -18.65 -1.59
N ALA F 10 40.54 -18.17 -0.57
CA ALA F 10 40.26 -18.61 0.79
C ALA F 10 39.38 -17.56 1.46
N ILE F 11 38.20 -17.96 1.92
CA ILE F 11 37.34 -17.03 2.65
C ILE F 11 37.61 -17.15 4.15
N LEU F 12 37.91 -16.02 4.78
CA LEU F 12 38.33 -15.98 6.18
C LEU F 12 37.37 -15.15 7.02
N GLY F 13 36.74 -15.80 8.01
CA GLY F 13 35.71 -15.17 8.80
C GLY F 13 34.34 -15.53 8.25
N LEU F 14 33.76 -16.63 8.72
CA LEU F 14 32.53 -17.16 8.11
C LEU F 14 31.26 -16.63 8.80
N GLY F 15 31.06 -15.31 8.69
CA GLY F 15 29.89 -14.67 9.26
C GLY F 15 28.85 -14.35 8.20
N TYR F 16 28.03 -13.35 8.45
CA TYR F 16 26.94 -13.02 7.56
C TYR F 16 27.39 -12.69 6.14
N TYR F 17 28.32 -11.75 6.01
CA TYR F 17 28.69 -11.31 4.67
C TYR F 17 29.37 -12.45 3.91
N ALA F 18 30.25 -13.19 4.57
CA ALA F 18 30.98 -14.27 3.91
C ALA F 18 30.05 -15.38 3.42
N THR F 19 29.17 -15.84 4.30
CA THR F 19 28.39 -17.04 4.02
C THR F 19 27.10 -16.74 3.28
N ARG F 20 26.48 -15.60 3.56
CA ARG F 20 25.18 -15.29 2.98
C ARG F 20 25.28 -14.51 1.69
N ILE F 21 26.36 -13.74 1.54
CA ILE F 21 26.50 -12.88 0.36
C ILE F 21 27.58 -13.34 -0.62
N ILE F 22 28.81 -13.47 -0.12
CA ILE F 22 29.94 -13.72 -1.02
C ILE F 22 30.02 -15.16 -1.52
N MET F 23 30.01 -16.12 -0.61
CA MET F 23 30.24 -17.50 -0.99
C MET F 23 29.24 -18.05 -2.03
N PRO F 24 27.94 -17.72 -1.91
CA PRO F 24 27.01 -18.13 -2.99
C PRO F 24 27.31 -17.56 -4.38
N ARG F 25 28.14 -16.52 -4.49
CA ARG F 25 28.31 -15.85 -5.77
C ARG F 25 29.51 -16.34 -6.59
N PHE F 26 30.29 -17.28 -6.06
CA PHE F 26 31.40 -17.82 -6.82
C PHE F 26 30.92 -18.58 -8.07
N ALA F 27 29.73 -19.15 -7.96
CA ALA F 27 29.13 -19.87 -9.09
C ALA F 27 29.06 -18.99 -10.33
N GLU F 28 28.80 -17.70 -10.13
CA GLU F 28 28.64 -16.79 -11.26
C GLU F 28 29.96 -16.13 -11.68
N CYS F 29 31.06 -16.49 -11.02
CA CYS F 29 32.37 -15.94 -11.41
C CYS F 29 32.96 -16.66 -12.62
N GLU F 30 33.80 -15.94 -13.37
CA GLU F 30 34.48 -16.52 -14.51
C GLU F 30 35.95 -16.80 -14.26
N HIS F 31 36.54 -16.12 -13.27
CA HIS F 31 37.98 -16.23 -13.04
C HIS F 31 38.31 -16.48 -11.58
N SER F 32 37.30 -16.84 -10.81
CA SER F 32 37.48 -17.05 -9.37
C SER F 32 36.76 -18.31 -8.94
N ARG F 33 37.33 -19.05 -8.00
CA ARG F 33 36.65 -20.20 -7.43
C ARG F 33 36.90 -20.24 -5.92
N LEU F 34 35.98 -20.86 -5.20
CA LEU F 34 36.15 -21.03 -3.77
C LEU F 34 37.05 -22.22 -3.52
N ALA F 35 38.18 -22.00 -2.85
CA ALA F 35 39.18 -23.06 -2.72
C ALA F 35 39.41 -23.47 -1.28
N ALA F 36 39.15 -22.56 -0.34
CA ALA F 36 39.48 -22.84 1.04
C ALA F 36 38.67 -21.99 2.01
N LEU F 37 38.58 -22.47 3.24
CA LEU F 37 37.83 -21.80 4.29
C LEU F 37 38.71 -21.62 5.52
N VAL F 38 38.63 -20.44 6.14
CA VAL F 38 39.37 -20.17 7.36
C VAL F 38 38.40 -19.62 8.40
N SER F 39 38.35 -20.26 9.56
CA SER F 39 37.34 -19.93 10.55
C SER F 39 37.78 -20.22 11.99
N GLY F 40 37.26 -19.44 12.94
CA GLY F 40 37.47 -19.70 14.35
C GLY F 40 36.44 -20.65 14.93
N THR F 41 35.55 -21.15 14.09
CA THR F 41 34.44 -22.02 14.55
C THR F 41 34.46 -23.36 13.82
N PRO F 42 34.93 -24.42 14.50
CA PRO F 42 35.05 -25.75 13.89
C PRO F 42 33.78 -26.21 13.21
N GLU F 43 32.62 -25.95 13.81
CA GLU F 43 31.35 -26.40 13.26
C GLU F 43 31.06 -25.76 11.89
N LYS F 44 31.47 -24.51 11.72
CA LYS F 44 31.28 -23.82 10.45
C LYS F 44 32.15 -24.42 9.36
N LEU F 45 33.38 -24.78 9.69
CA LEU F 45 34.26 -25.42 8.71
C LEU F 45 33.60 -26.71 8.19
N LYS F 46 33.01 -27.47 9.09
CA LYS F 46 32.34 -28.71 8.72
C LYS F 46 31.09 -28.43 7.89
N THR F 47 30.25 -27.52 8.35
CA THR F 47 29.02 -27.17 7.63
C THR F 47 29.29 -26.63 6.22
N TYR F 48 30.09 -25.57 6.12
CA TYR F 48 30.29 -24.94 4.82
C TYR F 48 31.27 -25.73 3.95
N GLY F 49 32.19 -26.44 4.60
CA GLY F 49 33.10 -27.29 3.85
C GLY F 49 32.34 -28.37 3.10
N GLU F 50 31.39 -29.00 3.79
CA GLU F 50 30.58 -30.03 3.15
C GLU F 50 29.61 -29.44 2.14
N GLN F 51 29.04 -28.28 2.45
CA GLN F 51 28.14 -27.62 1.51
C GLN F 51 28.83 -27.25 0.20
N TYR F 52 30.06 -26.74 0.28
CA TYR F 52 30.74 -26.27 -0.92
C TYR F 52 31.77 -27.24 -1.48
N GLY F 53 31.91 -28.39 -0.84
CA GLY F 53 32.81 -29.41 -1.32
C GLY F 53 34.26 -29.02 -1.13
N ILE F 54 34.55 -28.45 0.04
CA ILE F 54 35.91 -28.08 0.40
C ILE F 54 36.51 -29.15 1.31
N PRO F 55 37.55 -29.85 0.84
CA PRO F 55 38.16 -30.93 1.63
C PRO F 55 38.77 -30.41 2.92
N GLU F 56 38.92 -31.29 3.91
CA GLU F 56 39.43 -30.88 5.22
C GLU F 56 40.86 -30.38 5.14
N THR F 57 41.58 -30.82 4.11
CA THR F 57 42.91 -30.31 3.84
C THR F 57 42.89 -28.81 3.52
N HIS F 58 41.75 -28.32 3.05
CA HIS F 58 41.64 -26.91 2.68
C HIS F 58 40.76 -26.14 3.69
N ARG F 59 40.64 -26.68 4.90
CA ARG F 59 39.95 -26.00 5.99
C ARG F 59 40.94 -25.62 7.08
N TYR F 60 40.99 -24.35 7.42
CA TYR F 60 41.93 -23.85 8.42
C TYR F 60 41.21 -23.16 9.57
N SER F 61 41.82 -23.21 10.74
CA SER F 61 41.43 -22.38 11.86
C SER F 61 42.32 -21.15 11.88
N TYR F 62 42.05 -20.21 12.78
CA TYR F 62 42.90 -19.03 12.92
C TYR F 62 44.26 -19.43 13.48
N GLU F 63 44.31 -20.55 14.17
CA GLU F 63 45.56 -21.07 14.69
C GLU F 63 46.43 -21.68 13.59
N THR F 64 45.81 -22.34 12.62
CA THR F 64 46.59 -23.04 11.59
C THR F 64 46.66 -22.27 10.27
N PHE F 65 46.04 -21.09 10.24
CA PHE F 65 45.96 -20.28 9.04
C PHE F 65 47.30 -20.08 8.32
N ASP F 66 48.37 -19.89 9.07
CA ASP F 66 49.65 -19.60 8.43
C ASP F 66 50.17 -20.74 7.54
N ARG F 67 49.68 -21.95 7.80
CA ARG F 67 50.05 -23.11 6.98
C ARG F 67 49.52 -23.01 5.56
N ILE F 68 48.63 -22.05 5.31
CA ILE F 68 48.05 -21.88 3.98
C ILE F 68 49.14 -21.50 2.97
N ILE F 69 50.30 -21.08 3.46
CA ILE F 69 51.42 -20.82 2.58
C ILE F 69 51.76 -22.06 1.73
N ASP F 70 51.42 -23.24 2.22
CA ASP F 70 51.78 -24.48 1.53
C ASP F 70 50.67 -24.99 0.63
N ASN F 71 49.60 -24.21 0.48
CA ASN F 71 48.46 -24.61 -0.33
C ASN F 71 48.43 -23.86 -1.66
N PRO F 72 48.88 -24.53 -2.73
CA PRO F 72 48.98 -23.89 -4.04
C PRO F 72 47.61 -23.64 -4.68
N ASP F 73 46.55 -24.20 -4.11
CA ASP F 73 45.21 -23.98 -4.63
C ASP F 73 44.63 -22.64 -4.18
N VAL F 74 45.28 -22.02 -3.20
CA VAL F 74 44.86 -20.72 -2.69
C VAL F 74 45.74 -19.61 -3.27
N ASP F 75 45.11 -18.67 -3.98
CA ASP F 75 45.81 -17.53 -4.55
C ASP F 75 45.52 -16.26 -3.76
N ILE F 76 44.32 -16.18 -3.22
CA ILE F 76 43.79 -14.96 -2.62
C ILE F 76 43.15 -15.27 -1.28
N VAL F 77 43.38 -14.44 -0.27
CA VAL F 77 42.63 -14.57 0.99
C VAL F 77 41.66 -13.40 1.08
N TYR F 78 40.39 -13.69 1.33
CA TYR F 78 39.37 -12.64 1.44
C TYR F 78 39.02 -12.49 2.92
N VAL F 79 39.45 -11.37 3.52
CA VAL F 79 39.31 -11.16 4.96
C VAL F 79 37.98 -10.52 5.26
N ILE F 80 37.10 -11.23 5.98
CA ILE F 80 35.74 -10.75 6.19
C ILE F 80 35.38 -10.82 7.68
N THR F 81 36.24 -10.21 8.48
CA THR F 81 36.15 -10.23 9.94
C THR F 81 35.71 -8.87 10.48
N PRO F 82 35.45 -8.78 11.79
CA PRO F 82 35.33 -7.44 12.38
C PRO F 82 36.53 -6.56 12.02
N ASN F 83 36.29 -5.25 11.99
CA ASN F 83 37.24 -4.28 11.46
C ASN F 83 38.63 -4.34 12.10
N SER F 84 38.70 -4.53 13.41
CA SER F 84 40.00 -4.48 14.09
C SER F 84 40.90 -5.65 13.74
N LEU F 85 40.32 -6.69 13.13
CA LEU F 85 41.09 -7.88 12.77
C LEU F 85 41.54 -7.84 11.30
N HIS F 86 41.07 -6.86 10.55
CA HIS F 86 41.51 -6.73 9.16
C HIS F 86 43.02 -6.67 9.03
N ARG F 87 43.68 -5.85 9.85
CA ARG F 87 45.13 -5.69 9.68
C ARG F 87 45.91 -6.99 9.97
N PRO F 88 45.68 -7.64 11.13
CA PRO F 88 46.52 -8.82 11.37
C PRO F 88 46.26 -9.97 10.40
N PHE F 89 45.03 -10.19 9.96
CA PHE F 89 44.80 -11.28 9.01
C PHE F 89 45.34 -10.93 7.63
N THR F 90 45.30 -9.65 7.25
CA THR F 90 45.88 -9.23 5.99
C THR F 90 47.41 -9.43 5.97
N GLU F 91 48.06 -9.06 7.06
CA GLU F 91 49.51 -9.22 7.17
C GLU F 91 49.90 -10.69 7.14
N ARG F 92 49.16 -11.52 7.88
CA ARG F 92 49.41 -12.97 7.89
C ARG F 92 49.20 -13.58 6.51
N ALA F 93 48.15 -13.15 5.81
CA ALA F 93 47.91 -13.61 4.45
C ALA F 93 49.05 -13.23 3.50
N ALA F 94 49.54 -11.99 3.60
CA ALA F 94 50.64 -11.53 2.75
C ALA F 94 51.94 -12.31 3.03
N ARG F 95 52.20 -12.57 4.31
CA ARG F 95 53.39 -13.33 4.69
C ARG F 95 53.27 -14.79 4.23
N ALA F 96 52.04 -15.24 4.05
CA ALA F 96 51.78 -16.58 3.52
C ALA F 96 51.82 -16.60 1.98
N GLY F 97 52.23 -15.49 1.38
CA GLY F 97 52.36 -15.39 -0.07
C GLY F 97 51.06 -15.27 -0.84
N LYS F 98 50.01 -14.80 -0.17
CA LYS F 98 48.70 -14.66 -0.82
C LYS F 98 48.36 -13.22 -1.12
N HIS F 99 47.69 -13.01 -2.25
CA HIS F 99 47.06 -11.73 -2.56
C HIS F 99 45.90 -11.56 -1.60
N VAL F 100 45.46 -10.32 -1.38
CA VAL F 100 44.43 -10.10 -0.36
C VAL F 100 43.28 -9.23 -0.85
N MET F 101 42.07 -9.73 -0.63
CA MET F 101 40.86 -8.93 -0.68
C MET F 101 40.46 -8.64 0.76
N CYS F 102 40.35 -7.37 1.13
CA CYS F 102 39.96 -7.02 2.50
C CYS F 102 38.66 -6.23 2.50
N GLU F 103 37.71 -6.60 3.35
CA GLU F 103 36.46 -5.87 3.41
C GLU F 103 36.68 -4.46 3.94
N LYS F 104 35.76 -3.56 3.61
CA LYS F 104 35.71 -2.22 4.23
C LYS F 104 35.15 -2.30 5.67
N PRO F 105 35.45 -1.28 6.51
CA PRO F 105 36.50 -0.29 6.27
C PRO F 105 37.85 -1.00 6.34
N MET F 106 38.86 -0.46 5.68
CA MET F 106 40.12 -1.17 5.54
C MET F 106 40.72 -1.55 6.90
N ALA F 107 40.83 -0.58 7.80
CA ALA F 107 41.34 -0.80 9.14
C ALA F 107 40.88 0.32 10.05
N ASN F 108 41.30 0.30 11.32
CA ASN F 108 40.85 1.31 12.29
C ASN F 108 41.45 2.69 12.08
N THR F 109 42.68 2.74 11.58
CA THR F 109 43.42 3.99 11.50
C THR F 109 44.19 4.09 10.20
N VAL F 110 44.64 5.30 9.88
CA VAL F 110 45.52 5.51 8.75
C VAL F 110 46.79 4.66 8.92
N ALA F 111 47.35 4.64 10.12
CA ALA F 111 48.61 3.91 10.33
C ALA F 111 48.43 2.42 10.08
N ASP F 112 47.30 1.86 10.50
CA ASP F 112 47.02 0.46 10.27
C ASP F 112 46.91 0.15 8.77
N CYS F 113 46.26 1.06 8.03
CA CYS F 113 46.22 0.95 6.57
C CYS F 113 47.61 0.96 5.95
N GLU F 114 48.46 1.90 6.38
CA GLU F 114 49.81 1.96 5.84
C GLU F 114 50.58 0.67 6.13
N ALA F 115 50.37 0.09 7.31
CA ALA F 115 51.02 -1.17 7.66
C ALA F 115 50.58 -2.30 6.75
N MET F 116 49.28 -2.34 6.42
CA MET F 116 48.76 -3.37 5.54
C MET F 116 49.34 -3.25 4.13
N ILE F 117 49.37 -2.02 3.63
CA ILE F 117 49.93 -1.73 2.32
C ILE F 117 51.40 -2.14 2.25
N ALA F 118 52.16 -1.80 3.29
CA ALA F 118 53.58 -2.15 3.35
C ALA F 118 53.79 -3.66 3.34
N ALA F 119 52.97 -4.39 4.11
CA ALA F 119 53.08 -5.85 4.16
C ALA F 119 52.83 -6.49 2.79
N CYS F 120 51.81 -6.04 2.08
CA CYS F 120 51.50 -6.62 0.78
C CYS F 120 52.57 -6.25 -0.27
N LYS F 121 53.06 -5.02 -0.21
CA LYS F 121 54.14 -4.61 -1.10
C LYS F 121 55.40 -5.44 -0.85
N LYS F 122 55.73 -5.67 0.41
CA LYS F 122 56.91 -6.47 0.77
C LYS F 122 56.78 -7.90 0.24
N ALA F 123 55.57 -8.44 0.30
CA ALA F 123 55.32 -9.79 -0.18
C ALA F 123 55.20 -9.84 -1.70
N GLY F 124 55.09 -8.68 -2.32
CA GLY F 124 54.87 -8.59 -3.76
C GLY F 124 53.51 -9.14 -4.13
N ARG F 125 52.51 -8.82 -3.31
CA ARG F 125 51.17 -9.32 -3.52
C ARG F 125 50.19 -8.17 -3.65
N LYS F 126 49.10 -8.39 -4.40
CA LYS F 126 48.11 -7.33 -4.63
C LYS F 126 47.15 -7.21 -3.45
N LEU F 127 46.67 -5.99 -3.21
CA LEU F 127 45.75 -5.69 -2.14
C LEU F 127 44.55 -4.93 -2.68
N MET F 128 43.35 -5.44 -2.42
CA MET F 128 42.12 -4.79 -2.89
C MET F 128 41.12 -4.69 -1.75
N ILE F 129 40.39 -3.57 -1.70
CA ILE F 129 39.38 -3.36 -0.67
C ILE F 129 38.00 -3.61 -1.27
N GLY F 130 37.13 -4.25 -0.50
CA GLY F 130 35.83 -4.67 -1.01
C GLY F 130 34.80 -3.58 -1.20
N TYR F 131 35.09 -2.61 -2.07
CA TYR F 131 34.11 -1.59 -2.41
C TYR F 131 33.29 -2.06 -3.62
N ARG F 132 32.36 -2.97 -3.38
CA ARG F 132 31.57 -3.62 -4.45
C ARG F 132 30.76 -2.65 -5.31
N SER F 133 30.43 -1.48 -4.77
CA SER F 133 29.60 -0.54 -5.50
C SER F 133 30.29 -0.05 -6.77
N ARG F 134 31.61 -0.14 -6.82
CA ARG F 134 32.34 0.29 -8.02
C ARG F 134 32.11 -0.68 -9.17
N PHE F 135 31.48 -1.81 -8.88
CA PHE F 135 31.18 -2.84 -9.88
C PHE F 135 29.69 -3.02 -10.11
N GLN F 136 28.89 -2.15 -9.51
CA GLN F 136 27.43 -2.23 -9.58
C GLN F 136 26.90 -1.32 -10.70
N ALA F 137 25.96 -1.82 -11.50
CA ALA F 137 25.58 -1.15 -12.76
C ALA F 137 25.13 0.30 -12.63
N HIS F 138 24.28 0.59 -11.64
CA HIS F 138 23.76 1.93 -11.51
C HIS F 138 24.84 2.90 -11.05
N ASN F 139 25.70 2.43 -10.16
CA ASN F 139 26.81 3.24 -9.68
C ASN F 139 27.78 3.57 -10.80
N ILE F 140 28.06 2.57 -11.61
CA ILE F 140 28.91 2.76 -12.78
C ILE F 140 28.27 3.77 -13.74
N GLU F 141 26.97 3.68 -13.92
CA GLU F 141 26.26 4.59 -14.80
C GLU F 141 26.31 6.03 -14.26
N ALA F 142 26.21 6.20 -12.94
CA ALA F 142 26.28 7.53 -12.34
C ALA F 142 27.67 8.14 -12.57
N ILE F 143 28.72 7.37 -12.30
CA ILE F 143 30.09 7.81 -12.54
C ILE F 143 30.28 8.19 -14.02
N LYS F 144 29.75 7.35 -14.91
CA LYS F 144 29.84 7.62 -16.34
C LYS F 144 29.22 8.97 -16.73
N LEU F 145 28.01 9.24 -16.24
CA LEU F 145 27.34 10.49 -16.57
C LEU F 145 28.15 11.69 -16.10
N VAL F 146 28.72 11.59 -14.90
CA VAL F 146 29.59 12.65 -14.41
C VAL F 146 30.79 12.85 -15.33
N ARG F 147 31.52 11.77 -15.59
CA ARG F 147 32.75 11.87 -16.39
C ARG F 147 32.47 12.32 -17.82
N ASP F 148 31.30 11.96 -18.35
CA ASP F 148 30.92 12.36 -19.71
C ASP F 148 30.52 13.83 -19.78
N GLY F 149 30.35 14.45 -18.62
CA GLY F 149 30.00 15.86 -18.57
C GLY F 149 28.52 16.14 -18.68
N ALA F 150 27.69 15.10 -18.48
CA ALA F 150 26.26 15.25 -18.63
C ALA F 150 25.65 16.20 -17.60
N LEU F 151 26.35 16.40 -16.49
CA LEU F 151 25.84 17.23 -15.40
C LEU F 151 26.47 18.60 -15.39
N GLY F 152 27.52 18.77 -16.20
CA GLY F 152 28.40 19.91 -16.05
C GLY F 152 29.34 19.62 -14.91
N PRO F 153 30.08 20.64 -14.43
CA PRO F 153 30.96 20.42 -13.28
C PRO F 153 30.16 19.98 -12.05
N VAL F 154 30.66 18.99 -11.31
CA VAL F 154 29.92 18.57 -10.11
C VAL F 154 29.92 19.71 -9.10
N ARG F 155 28.73 20.06 -8.63
CA ARG F 155 28.62 21.11 -7.61
C ARG F 155 28.27 20.51 -6.23
N THR F 156 27.29 19.60 -6.19
CA THR F 156 26.91 18.98 -4.94
C THR F 156 26.77 17.46 -5.04
N VAL F 157 27.16 16.78 -3.96
CA VAL F 157 26.80 15.39 -3.75
C VAL F 157 26.05 15.35 -2.41
N VAL F 158 24.82 14.86 -2.43
CA VAL F 158 24.09 14.66 -1.18
C VAL F 158 23.85 13.17 -1.01
N THR F 159 24.40 12.60 0.06
CA THR F 159 24.34 11.15 0.22
C THR F 159 24.11 10.76 1.68
N ASP F 160 23.19 9.81 1.88
CA ASP F 160 22.78 9.37 3.20
C ASP F 160 22.91 7.87 3.31
N HIS F 161 23.63 7.38 4.33
CA HIS F 161 23.70 5.95 4.57
C HIS F 161 23.50 5.66 6.05
N GLY F 162 22.60 4.73 6.36
CA GLY F 162 22.39 4.35 7.75
C GLY F 162 21.45 3.17 7.81
N PHE F 163 21.51 2.43 8.91
CA PHE F 163 20.46 1.44 9.20
C PHE F 163 20.23 1.41 10.69
N THR F 164 19.06 0.95 11.10
CA THR F 164 18.72 0.93 12.51
C THR F 164 19.33 -0.33 13.13
N ILE F 165 20.48 -0.15 13.79
CA ILE F 165 21.23 -1.28 14.33
C ILE F 165 20.53 -1.86 15.57
N GLY F 166 20.78 -3.13 15.83
CA GLY F 166 20.03 -3.85 16.85
C GLY F 166 20.78 -4.23 18.11
N ASP F 167 21.15 -5.50 18.22
CA ASP F 167 21.76 -6.05 19.44
C ASP F 167 22.99 -5.27 19.95
N PRO F 168 22.87 -4.65 21.14
CA PRO F 168 23.99 -3.89 21.73
C PRO F 168 25.28 -4.69 21.91
N LYS F 169 25.19 -6.02 21.96
CA LYS F 169 26.37 -6.84 22.24
C LYS F 169 27.21 -7.19 21.02
N GLN F 170 26.75 -6.82 19.83
CA GLN F 170 27.43 -7.21 18.62
C GLN F 170 28.73 -6.42 18.44
N TRP F 171 29.64 -6.94 17.63
CA TRP F 171 30.97 -6.34 17.52
C TRP F 171 30.94 -4.92 16.94
N ARG F 172 29.96 -4.62 16.10
CA ARG F 172 29.88 -3.28 15.50
C ARG F 172 29.70 -2.18 16.55
N LEU F 173 29.16 -2.53 17.72
CA LEU F 173 28.90 -1.55 18.78
C LEU F 173 29.95 -1.65 19.91
N ASN F 174 31.02 -2.38 19.63
CA ASN F 174 32.16 -2.61 20.51
C ASN F 174 33.37 -1.91 19.94
N ARG F 175 33.86 -0.85 20.58
CA ARG F 175 34.92 -0.06 19.95
C ARG F 175 36.20 -0.88 19.71
N ALA F 176 36.49 -1.84 20.57
CA ALA F 176 37.72 -2.62 20.41
C ALA F 176 37.71 -3.45 19.13
N LEU F 177 36.52 -3.86 18.69
CA LEU F 177 36.40 -4.65 17.46
C LEU F 177 35.98 -3.86 16.24
N ALA F 178 35.26 -2.75 16.43
CA ALA F 178 34.71 -2.00 15.29
C ALA F 178 35.54 -0.78 14.90
N GLY F 179 36.28 -0.23 15.86
CA GLY F 179 37.11 0.93 15.61
C GLY F 179 36.36 2.25 15.63
N GLY F 180 35.04 2.21 15.72
CA GLY F 180 34.22 3.40 15.62
C GLY F 180 32.79 2.99 15.30
N GLY F 181 31.89 3.95 15.20
CA GLY F 181 30.47 3.67 15.03
C GLY F 181 29.98 3.66 13.59
N SER F 182 28.87 4.35 13.34
CA SER F 182 28.21 4.29 12.03
C SER F 182 29.17 4.69 10.92
N LEU F 183 30.03 5.67 11.17
CA LEU F 183 30.97 6.12 10.16
C LEU F 183 31.87 4.97 9.66
N MET F 184 32.36 4.14 10.57
CA MET F 184 33.22 3.03 10.16
C MET F 184 32.46 2.01 9.32
N ASP F 185 31.19 1.79 9.65
CA ASP F 185 30.46 0.67 9.07
C ASP F 185 29.63 1.00 7.83
N ILE F 186 28.87 2.10 7.88
CA ILE F 186 27.90 2.38 6.85
C ILE F 186 28.13 3.79 6.29
N GLY F 187 28.53 4.71 7.16
CA GLY F 187 28.85 6.06 6.72
C GLY F 187 29.96 6.09 5.68
N ILE F 188 30.82 5.08 5.70
CA ILE F 188 31.91 5.02 4.73
C ILE F 188 31.39 4.92 3.29
N TYR F 189 30.17 4.39 3.09
CA TYR F 189 29.57 4.39 1.76
C TYR F 189 29.29 5.82 1.27
N SER F 190 28.84 6.69 2.19
CA SER F 190 28.60 8.10 1.84
C SER F 190 29.92 8.75 1.44
N LEU F 191 30.95 8.52 2.24
CA LEU F 191 32.27 9.07 1.97
C LEU F 191 32.85 8.55 0.66
N ASN F 192 32.81 7.23 0.49
CA ASN F 192 33.40 6.60 -0.68
C ASN F 192 32.70 7.08 -1.96
N ALA F 193 31.39 7.26 -1.91
CA ALA F 193 30.65 7.73 -3.08
C ALA F 193 30.96 9.19 -3.38
N ALA F 194 31.07 10.05 -2.36
CA ALA F 194 31.44 11.45 -2.62
C ALA F 194 32.76 11.49 -3.38
N ARG F 195 33.68 10.61 -3.00
CA ARG F 195 35.00 10.58 -3.63
C ARG F 195 34.94 10.02 -5.06
N TYR F 196 34.18 8.95 -5.29
CA TYR F 196 34.20 8.40 -6.65
C TYR F 196 33.24 9.12 -7.58
N LEU F 197 32.25 9.82 -7.04
CA LEU F 197 31.40 10.63 -7.91
C LEU F 197 32.10 11.92 -8.35
N THR F 198 32.83 12.56 -7.44
CA THR F 198 33.59 13.75 -7.83
C THR F 198 34.84 13.39 -8.58
N GLY F 199 35.37 12.21 -8.28
CA GLY F 199 36.69 11.82 -8.74
C GLY F 199 37.79 12.62 -8.07
N GLU F 200 37.49 13.21 -6.92
CA GLU F 200 38.44 14.05 -6.19
C GLU F 200 38.61 13.61 -4.75
N GLU F 201 39.62 14.18 -4.09
CA GLU F 201 39.89 13.98 -2.66
C GLU F 201 39.57 15.28 -1.90
N PRO F 202 38.91 15.18 -0.74
CA PRO F 202 38.47 16.42 -0.06
C PRO F 202 39.62 17.25 0.51
N VAL F 203 39.46 18.57 0.54
CA VAL F 203 40.48 19.43 1.15
C VAL F 203 40.02 20.00 2.49
N ALA F 204 38.72 19.92 2.77
CA ALA F 204 38.19 20.44 4.02
C ALA F 204 36.99 19.63 4.47
N VAL F 205 36.83 19.51 5.79
CA VAL F 205 35.80 18.65 6.40
C VAL F 205 35.14 19.33 7.60
N ASN F 206 33.80 19.34 7.62
CA ASN F 206 33.02 19.66 8.82
C ASN F 206 32.30 18.42 9.32
N ALA F 207 31.98 18.36 10.60
CA ALA F 207 31.12 17.28 11.09
C ALA F 207 30.32 17.65 12.35
N VAL F 208 29.18 16.97 12.51
CA VAL F 208 28.32 17.10 13.68
C VAL F 208 28.01 15.70 14.13
N GLU F 209 28.23 15.40 15.41
CA GLU F 209 27.95 14.08 15.90
C GLU F 209 26.78 14.14 16.88
N SER F 210 25.87 13.17 16.79
CA SER F 210 24.74 13.16 17.70
C SER F 210 24.42 11.74 18.13
N THR F 211 24.64 11.47 19.41
CA THR F 211 24.48 10.13 19.95
C THR F 211 23.83 10.20 21.33
N ASP F 212 22.76 9.46 21.53
CA ASP F 212 22.12 9.36 22.84
C ASP F 212 22.81 8.29 23.66
N ARG F 213 23.64 8.71 24.61
CA ARG F 213 24.44 7.75 25.36
C ARG F 213 23.62 6.98 26.41
N SER F 214 22.35 7.35 26.60
CA SER F 214 21.49 6.53 27.44
C SER F 214 20.90 5.36 26.65
N ASP F 215 21.08 5.37 25.33
CA ASP F 215 20.69 4.24 24.50
C ASP F 215 21.67 3.09 24.75
N PRO F 216 21.17 1.89 25.06
CA PRO F 216 22.06 0.76 25.39
C PRO F 216 22.95 0.35 24.22
N ARG F 217 22.60 0.75 23.00
CA ARG F 217 23.42 0.45 21.83
C ARG F 217 24.67 1.32 21.74
N PHE F 218 24.65 2.50 22.35
CA PHE F 218 25.66 3.52 22.05
C PHE F 218 26.51 3.96 23.25
N GLY F 219 26.91 3.01 24.09
CA GLY F 219 27.81 3.34 25.18
C GLY F 219 29.26 3.57 24.73
N GLU F 220 29.62 2.98 23.58
CA GLU F 220 31.03 3.02 23.13
C GLU F 220 31.29 3.76 21.80
N VAL F 221 30.35 3.67 20.86
CA VAL F 221 30.57 4.26 19.54
C VAL F 221 29.43 5.18 19.13
N GLU F 222 29.64 5.95 18.05
CA GLU F 222 28.68 6.99 17.69
C GLU F 222 27.51 6.45 16.85
N ASP F 223 26.37 7.11 17.02
CA ASP F 223 25.16 6.84 16.25
C ASP F 223 25.20 7.67 14.97
N ILE F 224 24.89 8.95 15.12
CA ILE F 224 24.91 9.85 13.97
C ILE F 224 26.18 10.67 13.92
N ILE F 225 26.84 10.65 12.77
CA ILE F 225 27.87 11.65 12.53
C ILE F 225 27.76 12.11 11.07
N ASN F 226 27.19 13.30 10.90
CA ASN F 226 27.01 13.89 9.57
C ASN F 226 28.18 14.78 9.21
N PHE F 227 28.58 14.79 7.94
CA PHE F 227 29.79 15.55 7.59
C PHE F 227 29.66 16.27 6.24
N GLN F 228 30.47 17.31 6.10
CA GLN F 228 30.53 18.09 4.87
C GLN F 228 31.93 17.97 4.31
N LEU F 229 32.02 17.86 3.00
CA LEU F 229 33.33 17.80 2.35
C LEU F 229 33.40 18.90 1.32
N LEU F 230 34.56 19.55 1.24
CA LEU F 230 34.84 20.49 0.16
C LEU F 230 35.96 19.91 -0.69
N PHE F 231 35.86 20.01 -2.01
CA PHE F 231 36.86 19.44 -2.93
C PHE F 231 37.59 20.56 -3.67
N PRO F 232 38.79 20.27 -4.21
CA PRO F 232 39.57 21.32 -4.90
C PRO F 232 38.82 22.01 -6.03
N SER F 233 37.95 21.28 -6.74
CA SER F 233 37.21 21.88 -7.86
C SER F 233 36.15 22.87 -7.39
N GLY F 234 35.85 22.85 -6.10
CA GLY F 234 34.73 23.63 -5.58
C GLY F 234 33.50 22.78 -5.34
N ALA F 235 33.52 21.53 -5.81
CA ALA F 235 32.43 20.59 -5.50
C ALA F 235 32.27 20.43 -3.99
N THR F 236 31.03 20.18 -3.55
CA THR F 236 30.74 19.97 -2.15
C THR F 236 29.96 18.67 -1.95
N ALA F 237 30.05 18.12 -0.75
CA ALA F 237 29.21 16.99 -0.39
C ALA F 237 28.63 17.20 1.02
N ASN F 238 27.35 16.87 1.17
CA ASN F 238 26.69 16.78 2.46
C ASN F 238 26.41 15.33 2.71
N CYS F 239 26.91 14.78 3.81
CA CYS F 239 26.78 13.35 4.04
C CYS F 239 26.19 13.01 5.39
N VAL F 240 25.34 11.99 5.40
CA VAL F 240 24.76 11.44 6.62
C VAL F 240 25.32 10.05 6.89
N SER F 241 25.64 9.78 8.15
CA SER F 241 26.03 8.45 8.61
C SER F 241 25.24 8.18 9.89
N ALA F 242 24.50 7.08 9.94
CA ALA F 242 23.60 6.90 11.08
C ALA F 242 23.37 5.44 11.47
N TYR F 243 23.20 5.21 12.76
CA TYR F 243 22.79 3.88 13.25
C TYR F 243 21.35 3.89 13.77
N SER F 244 20.61 4.99 13.60
CA SER F 244 19.26 5.06 14.18
C SER F 244 18.17 5.41 13.16
N VAL F 245 18.56 5.49 11.89
CA VAL F 245 17.59 5.63 10.79
C VAL F 245 18.03 4.77 9.62
N ASN F 246 17.07 4.45 8.74
CA ASN F 246 17.38 3.71 7.53
C ASN F 246 17.41 4.62 6.31
N CYS F 247 18.56 4.68 5.66
CA CYS F 247 18.70 5.44 4.42
C CYS F 247 19.83 4.86 3.60
N ASN F 248 19.70 4.94 2.28
CA ASN F 248 20.75 4.44 1.40
C ASN F 248 20.60 5.10 0.04
N ARG F 249 21.28 6.23 -0.18
CA ARG F 249 21.01 6.99 -1.39
C ARG F 249 22.10 8.01 -1.68
N TYR F 250 22.21 8.43 -2.93
CA TYR F 250 22.92 9.67 -3.21
C TYR F 250 22.35 10.36 -4.41
N ARG F 251 22.55 11.67 -4.46
CA ARG F 251 22.27 12.45 -5.66
C ARG F 251 23.49 13.31 -5.95
N VAL F 252 23.96 13.31 -7.19
CA VAL F 252 25.05 14.18 -7.58
C VAL F 252 24.50 15.18 -8.61
N SER F 253 24.81 16.46 -8.41
CA SER F 253 24.19 17.52 -9.22
C SER F 253 25.23 18.48 -9.76
N GLY F 254 25.00 18.94 -10.98
CA GLY F 254 25.75 20.05 -11.56
C GLY F 254 24.77 21.01 -12.23
N PRO F 255 25.29 22.06 -12.86
CA PRO F 255 24.42 23.06 -13.51
C PRO F 255 23.56 22.48 -14.63
N LYS F 256 23.96 21.38 -15.24
CA LYS F 256 23.20 20.84 -16.38
C LYS F 256 22.17 19.79 -15.98
N GLY F 257 22.27 19.29 -14.75
CA GLY F 257 21.28 18.34 -14.28
C GLY F 257 21.79 17.52 -13.12
N TRP F 258 21.04 16.49 -12.76
CA TRP F 258 21.44 15.62 -11.67
C TRP F 258 21.01 14.17 -11.87
N VAL F 259 21.64 13.28 -11.12
CA VAL F 259 21.29 11.87 -11.15
C VAL F 259 21.34 11.33 -9.73
N GLU F 260 20.37 10.49 -9.38
CA GLU F 260 20.32 9.95 -8.04
C GLU F 260 20.03 8.46 -8.09
N ILE F 261 20.46 7.76 -7.04
CA ILE F 261 20.16 6.34 -6.90
C ILE F 261 19.65 6.11 -5.49
N ASP F 262 18.52 5.40 -5.37
CA ASP F 262 17.90 5.17 -4.06
C ASP F 262 17.04 3.92 -4.17
N PRO F 263 17.47 2.79 -3.58
CA PRO F 263 18.70 2.63 -2.80
C PRO F 263 19.92 2.66 -3.70
N ALA F 264 21.04 3.14 -3.17
CA ALA F 264 22.24 3.35 -3.98
C ALA F 264 23.24 2.20 -3.88
N THR F 265 23.47 1.71 -2.67
CA THR F 265 24.57 0.78 -2.50
C THR F 265 24.12 -0.50 -1.78
N SER F 266 22.83 -0.79 -1.90
CA SER F 266 22.23 -2.00 -1.36
C SER F 266 22.71 -3.25 -2.10
N TYR F 267 22.35 -4.43 -1.58
CA TYR F 267 22.73 -5.69 -2.22
C TYR F 267 22.07 -5.84 -3.59
N GLN F 268 20.86 -5.32 -3.72
CA GLN F 268 20.10 -5.33 -4.96
C GLN F 268 19.02 -4.27 -4.88
N GLY F 269 18.27 -4.07 -5.95
CA GLY F 269 17.10 -3.20 -5.88
C GLY F 269 17.38 -1.75 -6.18
N GLN F 270 18.61 -1.43 -6.56
CA GLN F 270 18.96 -0.08 -7.03
C GLN F 270 17.93 0.50 -8.01
N ALA F 271 17.59 1.76 -7.80
CA ALA F 271 16.72 2.48 -8.71
C ALA F 271 17.32 3.85 -8.97
N MET F 272 17.45 4.22 -10.24
CA MET F 272 18.07 5.48 -10.60
C MET F 272 17.02 6.43 -11.18
N ARG F 273 17.17 7.72 -10.86
CA ARG F 273 16.31 8.75 -11.43
C ARG F 273 17.22 9.90 -11.85
N ALA F 274 16.95 10.53 -12.99
CA ALA F 274 17.82 11.60 -13.44
C ALA F 274 17.02 12.77 -14.00
N GLN F 275 17.57 13.96 -13.82
CA GLN F 275 17.02 15.15 -14.44
C GLN F 275 18.07 15.69 -15.39
N LEU F 276 17.86 15.48 -16.67
CA LEU F 276 18.84 15.87 -17.68
C LEU F 276 18.16 16.58 -18.85
N GLY F 277 17.99 17.89 -18.73
CA GLY F 277 17.36 18.67 -19.78
C GLY F 277 15.90 18.30 -19.97
N GLY F 278 15.22 18.08 -18.85
CA GLY F 278 13.82 17.69 -18.86
C GLY F 278 13.41 17.32 -17.46
N PRO F 279 12.15 16.91 -17.27
CA PRO F 279 11.66 16.52 -15.94
C PRO F 279 12.40 15.30 -15.40
N PRO F 280 12.44 15.14 -14.08
CA PRO F 280 13.04 13.93 -13.50
C PRO F 280 12.37 12.69 -14.06
N ALA F 281 13.17 11.68 -14.42
CA ALA F 281 12.63 10.46 -14.98
C ALA F 281 13.50 9.28 -14.57
N PRO F 282 12.91 8.08 -14.49
CA PRO F 282 13.72 6.88 -14.25
C PRO F 282 14.81 6.73 -15.31
N ARG F 283 15.95 6.18 -14.92
CA ARG F 283 16.97 5.86 -15.89
C ARG F 283 17.45 4.44 -15.62
N GLU F 284 17.51 3.66 -16.68
CA GLU F 284 18.01 2.30 -16.57
C GLU F 284 19.48 2.32 -17.01
N PRO F 285 20.39 1.80 -16.17
CA PRO F 285 21.82 1.84 -16.47
C PRO F 285 22.21 0.86 -17.58
N ALA F 286 23.34 1.10 -18.24
CA ALA F 286 23.91 0.11 -19.14
C ALA F 286 24.09 -1.19 -18.39
N PRO F 287 23.86 -2.33 -19.06
CA PRO F 287 23.98 -3.61 -18.38
C PRO F 287 25.44 -3.97 -18.04
N GLN F 288 25.63 -4.71 -16.96
CA GLN F 288 26.92 -5.31 -16.63
C GLN F 288 26.81 -6.81 -16.81
N PRO F 289 27.89 -7.46 -17.25
CA PRO F 289 27.87 -8.91 -17.45
C PRO F 289 27.61 -9.72 -16.18
N LYS F 290 28.13 -9.29 -15.04
CA LYS F 290 27.97 -10.02 -13.79
C LYS F 290 27.44 -9.13 -12.67
N ASN F 291 26.80 -9.74 -11.68
CA ASN F 291 26.39 -9.06 -10.46
C ASN F 291 27.59 -8.43 -9.76
N GLN F 292 27.34 -7.47 -8.88
CA GLN F 292 28.42 -6.67 -8.29
C GLN F 292 29.40 -7.50 -7.45
N PHE F 293 28.91 -8.57 -6.83
CA PHE F 293 29.76 -9.38 -5.96
C PHE F 293 30.72 -10.26 -6.79
N SER F 294 30.18 -11.01 -7.74
CA SER F 294 31.03 -11.80 -8.64
C SER F 294 31.99 -10.92 -9.45
N ALA F 295 31.54 -9.72 -9.83
CA ALA F 295 32.41 -8.82 -10.58
C ALA F 295 33.58 -8.32 -9.70
N GLN F 296 33.29 -8.03 -8.45
CA GLN F 296 34.33 -7.64 -7.49
C GLN F 296 35.39 -8.74 -7.35
N LEU F 297 34.93 -9.96 -7.10
CA LEU F 297 35.82 -11.12 -6.96
C LEU F 297 36.66 -11.34 -8.22
N ASP F 298 36.02 -11.30 -9.40
CA ASP F 298 36.73 -11.51 -10.64
C ASP F 298 37.70 -10.36 -10.96
N HIS F 299 37.40 -9.15 -10.50
CA HIS F 299 38.30 -8.03 -10.77
C HIS F 299 39.69 -8.28 -10.19
N LEU F 300 39.74 -8.71 -8.93
CA LEU F 300 41.04 -8.96 -8.31
C LEU F 300 41.74 -10.09 -9.05
N SER F 301 41.01 -11.19 -9.30
CA SER F 301 41.55 -12.31 -10.07
C SER F 301 42.13 -11.86 -11.42
N GLU F 302 41.36 -11.05 -12.16
CA GLU F 302 41.80 -10.57 -13.47
C GLU F 302 43.00 -9.62 -13.36
N CYS F 303 43.04 -8.83 -12.30
CA CYS F 303 44.19 -7.96 -12.07
C CYS F 303 45.47 -8.77 -11.89
N ILE F 304 45.37 -9.85 -11.12
CA ILE F 304 46.49 -10.74 -10.88
C ILE F 304 46.92 -11.44 -12.17
N LEU F 305 45.96 -12.02 -12.88
CA LEU F 305 46.23 -12.73 -14.13
C LEU F 305 46.86 -11.83 -15.19
N THR F 306 46.52 -10.55 -15.19
CA THR F 306 47.04 -9.64 -16.22
C THR F 306 48.03 -8.60 -15.69
N GLY F 307 48.32 -8.62 -14.40
CA GLY F 307 49.27 -7.70 -13.82
C GLY F 307 48.84 -6.23 -13.74
N ARG F 308 47.53 -5.98 -13.67
CA ARG F 308 47.03 -4.63 -13.49
C ARG F 308 46.78 -4.31 -12.01
N GLU F 309 46.67 -3.03 -11.67
CA GLU F 309 46.34 -2.66 -10.30
C GLU F 309 44.84 -2.54 -10.13
N PRO F 310 44.32 -3.05 -9.02
CA PRO F 310 42.87 -2.97 -8.74
C PRO F 310 42.40 -1.52 -8.75
N ILE F 311 41.18 -1.29 -9.22
CA ILE F 311 40.66 0.08 -9.27
C ILE F 311 40.34 0.56 -7.87
N VAL F 312 40.18 -0.37 -6.94
CA VAL F 312 40.00 -0.05 -5.54
C VAL F 312 41.09 -0.73 -4.70
N GLY F 313 42.31 -0.23 -4.82
CA GLY F 313 43.44 -0.81 -4.12
C GLY F 313 43.54 -0.36 -2.67
N GLY F 314 44.61 -0.78 -2.00
CA GLY F 314 44.86 -0.39 -0.63
C GLY F 314 44.83 1.12 -0.45
N ASP F 315 45.31 1.86 -1.46
CA ASP F 315 45.34 3.31 -1.37
C ASP F 315 43.93 3.92 -1.30
N ASP F 316 42.94 3.26 -1.91
CA ASP F 316 41.58 3.78 -1.83
C ASP F 316 41.07 3.67 -0.39
N GLY F 317 41.30 2.51 0.23
CA GLY F 317 40.90 2.31 1.61
C GLY F 317 41.62 3.27 2.56
N LEU F 318 42.88 3.52 2.28
CA LEU F 318 43.70 4.46 3.05
C LEU F 318 43.15 5.87 2.95
N LYS F 319 42.78 6.28 1.75
CA LYS F 319 42.25 7.62 1.54
C LYS F 319 40.93 7.82 2.27
N ASP F 320 40.11 6.77 2.36
CA ASP F 320 38.88 6.87 3.18
C ASP F 320 39.25 7.04 4.66
N LEU F 321 40.21 6.27 5.15
CA LEU F 321 40.58 6.36 6.56
C LEU F 321 41.12 7.74 6.92
N ARG F 322 41.83 8.37 5.98
CA ARG F 322 42.37 9.70 6.20
C ARG F 322 41.24 10.72 6.44
N VAL F 323 40.19 10.62 5.62
CA VAL F 323 39.07 11.53 5.74
C VAL F 323 38.27 11.19 7.00
N ILE F 324 38.09 9.90 7.26
CA ILE F 324 37.40 9.46 8.47
C ILE F 324 38.06 10.01 9.75
N GLU F 325 39.39 9.97 9.83
CA GLU F 325 40.07 10.57 11.00
C GLU F 325 39.76 12.08 11.08
N ALA F 326 39.71 12.74 9.93
CA ALA F 326 39.44 14.17 9.92
C ALA F 326 37.99 14.45 10.31
N ILE F 327 37.08 13.57 9.89
CA ILE F 327 35.67 13.70 10.25
C ILE F 327 35.48 13.61 11.77
N TYR F 328 36.08 12.58 12.39
CA TYR F 328 35.97 12.45 13.83
C TYR F 328 36.60 13.67 14.52
N ARG F 329 37.74 14.12 14.00
CA ARG F 329 38.43 15.28 14.58
C ARG F 329 37.57 16.55 14.48
N ALA F 330 36.93 16.74 13.31
CA ALA F 330 36.08 17.91 13.09
C ALA F 330 34.89 17.93 14.04
N ALA F 331 34.29 16.77 14.29
CA ALA F 331 33.18 16.71 15.25
C ALA F 331 33.69 16.93 16.68
N ARG F 332 34.86 16.41 17.01
CA ARG F 332 35.38 16.56 18.38
C ARG F 332 35.79 18.01 18.68
N GLU F 333 36.42 18.66 17.71
CA GLU F 333 36.96 20.00 17.93
C GLU F 333 36.02 21.12 17.47
N GLY F 334 34.90 20.74 16.82
CA GLY F 334 33.94 21.74 16.37
C GLY F 334 34.55 22.78 15.46
N ARG F 335 35.29 22.33 14.45
CA ARG F 335 35.93 23.24 13.53
C ARG F 335 36.12 22.58 12.17
N THR F 336 36.34 23.38 11.15
CA THR F 336 36.67 22.83 9.83
C THR F 336 38.10 22.28 9.86
N VAL F 337 38.24 21.01 9.52
CA VAL F 337 39.56 20.40 9.47
C VAL F 337 40.05 20.38 8.02
N LYS F 338 41.29 20.81 7.82
CA LYS F 338 41.84 20.87 6.47
C LYS F 338 42.69 19.64 6.17
N LEU F 339 42.57 19.16 4.94
CA LEU F 339 43.39 18.06 4.44
C LEU F 339 44.27 18.56 3.29
#